data_6CHE
# 
_entry.id   6CHE 
# 
_audit_conform.dict_name       mmcif_pdbx.dic 
_audit_conform.dict_version    5.397 
_audit_conform.dict_location   http://mmcif.pdb.org/dictionaries/ascii/mmcif_pdbx.dic 
# 
loop_
_database_2.database_id 
_database_2.database_code 
_database_2.pdbx_database_accession 
_database_2.pdbx_DOI 
PDB   6CHE         pdb_00006che 10.2210/pdb6che/pdb 
WWPDB D_1000232773 ?            ?                   
# 
loop_
_pdbx_audit_revision_history.ordinal 
_pdbx_audit_revision_history.data_content_type 
_pdbx_audit_revision_history.major_revision 
_pdbx_audit_revision_history.minor_revision 
_pdbx_audit_revision_history.revision_date 
1 'Structure model' 1 0 2019-07-10 
2 'Structure model' 1 1 2019-11-27 
3 'Structure model' 1 2 2020-01-22 
4 'Structure model' 1 3 2020-02-12 
5 'Structure model' 1 4 2023-10-04 
6 'Structure model' 1 5 2023-11-15 
7 'Structure model' 1 6 2024-10-23 
# 
_pdbx_audit_revision_details.ordinal             1 
_pdbx_audit_revision_details.revision_ordinal    1 
_pdbx_audit_revision_details.data_content_type   'Structure model' 
_pdbx_audit_revision_details.provider            repository 
_pdbx_audit_revision_details.type                'Initial release' 
_pdbx_audit_revision_details.description         ? 
_pdbx_audit_revision_details.details             ? 
# 
loop_
_pdbx_audit_revision_group.ordinal 
_pdbx_audit_revision_group.revision_ordinal 
_pdbx_audit_revision_group.data_content_type 
_pdbx_audit_revision_group.group 
1 2 'Structure model' 'Author supporting evidence' 
2 3 'Structure model' 'Database references'        
3 4 'Structure model' 'Database references'        
4 5 'Structure model' 'Data collection'            
5 5 'Structure model' 'Database references'        
6 5 'Structure model' 'Refinement description'     
7 6 'Structure model' 'Data collection'            
8 7 'Structure model' 'Structure summary'          
# 
loop_
_pdbx_audit_revision_category.ordinal 
_pdbx_audit_revision_category.revision_ordinal 
_pdbx_audit_revision_category.data_content_type 
_pdbx_audit_revision_category.category 
1  2 'Structure model' pdbx_audit_support            
2  3 'Structure model' citation                      
3  3 'Structure model' citation_author               
4  4 'Structure model' citation                      
5  4 'Structure model' citation_author               
6  5 'Structure model' chem_comp_atom                
7  5 'Structure model' chem_comp_bond                
8  5 'Structure model' database_2                    
9  5 'Structure model' pdbx_initial_refinement_model 
10 6 'Structure model' chem_comp_atom                
11 6 'Structure model' chem_comp_bond                
12 7 'Structure model' pdbx_entry_details            
13 7 'Structure model' pdbx_modification_feature     
# 
loop_
_pdbx_audit_revision_item.ordinal 
_pdbx_audit_revision_item.revision_ordinal 
_pdbx_audit_revision_item.data_content_type 
_pdbx_audit_revision_item.item 
1  2 'Structure model' '_pdbx_audit_support.funding_organization' 
2  3 'Structure model' '_citation.country'                        
3  3 'Structure model' '_citation.journal_abbrev'                 
4  3 'Structure model' '_citation.journal_id_ASTM'                
5  3 'Structure model' '_citation.journal_id_CSD'                 
6  3 'Structure model' '_citation.journal_id_ISSN'                
7  3 'Structure model' '_citation.pdbx_database_id_DOI'           
8  3 'Structure model' '_citation.pdbx_database_id_PubMed'        
9  3 'Structure model' '_citation.title'                          
10 3 'Structure model' '_citation.year'                           
11 4 'Structure model' '_citation.journal_volume'                 
12 4 'Structure model' '_citation.page_first'                     
13 4 'Structure model' '_citation.page_last'                      
14 4 'Structure model' '_citation_author.identifier_ORCID'        
15 5 'Structure model' '_database_2.pdbx_DOI'                     
16 5 'Structure model' '_database_2.pdbx_database_accession'      
17 6 'Structure model' '_chem_comp_atom.atom_id'                  
18 6 'Structure model' '_chem_comp_bond.atom_id_2'                
# 
_pdbx_database_status.status_code                     REL 
_pdbx_database_status.status_code_sf                  REL 
_pdbx_database_status.status_code_mr                  ? 
_pdbx_database_status.entry_id                        6CHE 
_pdbx_database_status.recvd_initial_deposition_date   2018-02-22 
_pdbx_database_status.SG_entry                        N 
_pdbx_database_status.deposit_site                    RCSB 
_pdbx_database_status.process_site                    RCSB 
_pdbx_database_status.status_code_cs                  ? 
_pdbx_database_status.methods_development_category    ? 
_pdbx_database_status.pdb_format_compatible           Y 
_pdbx_database_status.status_code_nmr_data            ? 
# 
_audit_author.name               'Chen, Q.' 
_audit_author.pdbx_ordinal       1 
_audit_author.identifier_ORCID   ? 
# 
_citation.abstract                  ? 
_citation.abstract_id_CAS           ? 
_citation.book_id_ISBN              ? 
_citation.book_publisher            ? 
_citation.book_publisher_city       ? 
_citation.book_title                ? 
_citation.coordinate_linkage        ? 
_citation.country                   US 
_citation.database_id_Medline       ? 
_citation.details                   ? 
_citation.id                        primary 
_citation.journal_abbrev            J.Phys.Chem.B 
_citation.journal_id_ASTM           JPCBFK 
_citation.journal_id_CSD            1278 
_citation.journal_id_ISSN           1089-5647 
_citation.journal_full              ? 
_citation.journal_issue             ? 
_citation.journal_volume            124 
_citation.language                  ? 
_citation.page_first                601 
_citation.page_last                 616 
_citation.title                     '77Se NMR Probes the Protein Environment of Selenomethionine.' 
_citation.year                      2020 
_citation.database_id_CSD           ? 
_citation.pdbx_database_id_DOI      10.1021/acs.jpcb.9b07466 
_citation.pdbx_database_id_PubMed   31846581 
_citation.unpublished_flag          ? 
# 
loop_
_citation_author.citation_id 
_citation_author.name 
_citation_author.ordinal 
_citation_author.identifier_ORCID 
primary 'Chen, Q.'        1  ? 
primary 'Xu, S.'          2  ? 
primary 'Lu, X.'          3  ? 
primary 'Boeri, M.V.'     4  ? 
primary 'Pepelyayeva, Y.' 5  ? 
primary 'Diaz, E.L.'      6  ? 
primary 'Soni, S.D.'      7  ? 
primary 'Allaire, M.'     8  ? 
primary 'Forstner, M.B.'  9  ? 
primary 'Bahnson, B.J.'   10 ? 
primary 'Rozovsky, S.'    11 ? 
# 
loop_
_entity.id 
_entity.type 
_entity.src_method 
_entity.pdbx_description 
_entity.formula_weight 
_entity.pdbx_number_of_molecules 
_entity.pdbx_ec 
_entity.pdbx_mutation 
_entity.pdbx_fragment 
_entity.details 
1 polymer     man 'Immunoglobulin G-binding protein G' 6261.678 1  ? A34Sem ? ? 
2 non-polymer syn '(4S)-2-METHYL-2,4-PENTANEDIOL'      118.174  2  ? ?      ? ? 
3 non-polymer syn IMIDAZOLE                            69.085   1  ? ?      ? ? 
4 water       nat water                                18.015   97 ? ?      ? ? 
# 
_entity_name_com.entity_id   1 
_entity_name_com.name        'IgG-binding protein G' 
# 
_entity_poly.entity_id                      1 
_entity_poly.type                           'polypeptide(L)' 
_entity_poly.nstd_linkage                   no 
_entity_poly.nstd_monomer                   yes 
_entity_poly.pdbx_seq_one_letter_code       'GQYKLILNGKTLKGETTTEAVDAATAEKVFKQY(MSE)NDNGVDGEWTYDDATKTFTVTE' 
_entity_poly.pdbx_seq_one_letter_code_can   GQYKLILNGKTLKGETTTEAVDAATAEKVFKQYMNDNGVDGEWTYDDATKTFTVTE 
_entity_poly.pdbx_strand_id                 A 
_entity_poly.pdbx_target_identifier         ? 
# 
loop_
_pdbx_entity_nonpoly.entity_id 
_pdbx_entity_nonpoly.name 
_pdbx_entity_nonpoly.comp_id 
2 '(4S)-2-METHYL-2,4-PENTANEDIOL' MPD 
3 IMIDAZOLE                       IMD 
4 water                           HOH 
# 
loop_
_entity_poly_seq.entity_id 
_entity_poly_seq.num 
_entity_poly_seq.mon_id 
_entity_poly_seq.hetero 
1 1  GLY n 
1 2  GLN n 
1 3  TYR n 
1 4  LYS n 
1 5  LEU n 
1 6  ILE n 
1 7  LEU n 
1 8  ASN n 
1 9  GLY n 
1 10 LYS n 
1 11 THR n 
1 12 LEU n 
1 13 LYS n 
1 14 GLY n 
1 15 GLU n 
1 16 THR n 
1 17 THR n 
1 18 THR n 
1 19 GLU n 
1 20 ALA n 
1 21 VAL n 
1 22 ASP n 
1 23 ALA n 
1 24 ALA n 
1 25 THR n 
1 26 ALA n 
1 27 GLU n 
1 28 LYS n 
1 29 VAL n 
1 30 PHE n 
1 31 LYS n 
1 32 GLN n 
1 33 TYR n 
1 34 MSE n 
1 35 ASN n 
1 36 ASP n 
1 37 ASN n 
1 38 GLY n 
1 39 VAL n 
1 40 ASP n 
1 41 GLY n 
1 42 GLU n 
1 43 TRP n 
1 44 THR n 
1 45 TYR n 
1 46 ASP n 
1 47 ASP n 
1 48 ALA n 
1 49 THR n 
1 50 LYS n 
1 51 THR n 
1 52 PHE n 
1 53 THR n 
1 54 VAL n 
1 55 THR n 
1 56 GLU n 
# 
_entity_src_gen.entity_id                          1 
_entity_src_gen.pdbx_src_id                        1 
_entity_src_gen.pdbx_alt_source_flag               sample 
_entity_src_gen.pdbx_seq_type                      'Biological sequence' 
_entity_src_gen.pdbx_beg_seq_num                   1 
_entity_src_gen.pdbx_end_seq_num                   56 
_entity_src_gen.gene_src_common_name               ? 
_entity_src_gen.gene_src_genus                     ? 
_entity_src_gen.pdbx_gene_src_gene                 spg 
_entity_src_gen.gene_src_species                   ? 
_entity_src_gen.gene_src_strain                    ? 
_entity_src_gen.gene_src_tissue                    ? 
_entity_src_gen.gene_src_tissue_fraction           ? 
_entity_src_gen.gene_src_details                   ? 
_entity_src_gen.pdbx_gene_src_fragment             ? 
_entity_src_gen.pdbx_gene_src_scientific_name      'Streptococcus sp. group G' 
_entity_src_gen.pdbx_gene_src_ncbi_taxonomy_id     1320 
_entity_src_gen.pdbx_gene_src_variant              ? 
_entity_src_gen.pdbx_gene_src_cell_line            ? 
_entity_src_gen.pdbx_gene_src_atcc                 ? 
_entity_src_gen.pdbx_gene_src_organ                ? 
_entity_src_gen.pdbx_gene_src_organelle            ? 
_entity_src_gen.pdbx_gene_src_cell                 ? 
_entity_src_gen.pdbx_gene_src_cellular_location    ? 
_entity_src_gen.host_org_common_name               ? 
_entity_src_gen.pdbx_host_org_scientific_name      'Escherichia coli BL21(DE3)' 
_entity_src_gen.pdbx_host_org_ncbi_taxonomy_id     469008 
_entity_src_gen.host_org_genus                     ? 
_entity_src_gen.pdbx_host_org_gene                 ? 
_entity_src_gen.pdbx_host_org_organ                ? 
_entity_src_gen.host_org_species                   ? 
_entity_src_gen.pdbx_host_org_tissue               ? 
_entity_src_gen.pdbx_host_org_tissue_fraction      ? 
_entity_src_gen.pdbx_host_org_strain               ? 
_entity_src_gen.pdbx_host_org_variant              ? 
_entity_src_gen.pdbx_host_org_cell_line            BL21DE3 
_entity_src_gen.pdbx_host_org_atcc                 ? 
_entity_src_gen.pdbx_host_org_culture_collection   ? 
_entity_src_gen.pdbx_host_org_cell                 ? 
_entity_src_gen.pdbx_host_org_organelle            ? 
_entity_src_gen.pdbx_host_org_cellular_location    ? 
_entity_src_gen.pdbx_host_org_vector_type          ? 
_entity_src_gen.pdbx_host_org_vector               ? 
_entity_src_gen.host_org_details                   ? 
_entity_src_gen.expression_system_id               ? 
_entity_src_gen.plasmid_name                       ? 
_entity_src_gen.plasmid_details                    ? 
_entity_src_gen.pdbx_description                   ? 
# 
loop_
_chem_comp.id 
_chem_comp.type 
_chem_comp.mon_nstd_flag 
_chem_comp.name 
_chem_comp.pdbx_synonyms 
_chem_comp.formula 
_chem_comp.formula_weight 
ALA 'L-peptide linking' y ALANINE                         ? 'C3 H7 N O2'     89.093  
ASN 'L-peptide linking' y ASPARAGINE                      ? 'C4 H8 N2 O3'    132.118 
ASP 'L-peptide linking' y 'ASPARTIC ACID'                 ? 'C4 H7 N O4'     133.103 
GLN 'L-peptide linking' y GLUTAMINE                       ? 'C5 H10 N2 O3'   146.144 
GLU 'L-peptide linking' y 'GLUTAMIC ACID'                 ? 'C5 H9 N O4'     147.129 
GLY 'peptide linking'   y GLYCINE                         ? 'C2 H5 N O2'     75.067  
HOH non-polymer         . WATER                           ? 'H2 O'           18.015  
ILE 'L-peptide linking' y ISOLEUCINE                      ? 'C6 H13 N O2'    131.173 
IMD non-polymer         . IMIDAZOLE                       ? 'C3 H5 N2 1'     69.085  
LEU 'L-peptide linking' y LEUCINE                         ? 'C6 H13 N O2'    131.173 
LYS 'L-peptide linking' y LYSINE                          ? 'C6 H15 N2 O2 1' 147.195 
MPD non-polymer         . '(4S)-2-METHYL-2,4-PENTANEDIOL' ? 'C6 H14 O2'      118.174 
MSE 'L-peptide linking' n SELENOMETHIONINE                ? 'C5 H11 N O2 Se' 196.106 
PHE 'L-peptide linking' y PHENYLALANINE                   ? 'C9 H11 N O2'    165.189 
THR 'L-peptide linking' y THREONINE                       ? 'C4 H9 N O3'     119.119 
TRP 'L-peptide linking' y TRYPTOPHAN                      ? 'C11 H12 N2 O2'  204.225 
TYR 'L-peptide linking' y TYROSINE                        ? 'C9 H11 N O3'    181.189 
VAL 'L-peptide linking' y VALINE                          ? 'C5 H11 N O2'    117.146 
# 
loop_
_pdbx_poly_seq_scheme.asym_id 
_pdbx_poly_seq_scheme.entity_id 
_pdbx_poly_seq_scheme.seq_id 
_pdbx_poly_seq_scheme.mon_id 
_pdbx_poly_seq_scheme.ndb_seq_num 
_pdbx_poly_seq_scheme.pdb_seq_num 
_pdbx_poly_seq_scheme.auth_seq_num 
_pdbx_poly_seq_scheme.pdb_mon_id 
_pdbx_poly_seq_scheme.auth_mon_id 
_pdbx_poly_seq_scheme.pdb_strand_id 
_pdbx_poly_seq_scheme.pdb_ins_code 
_pdbx_poly_seq_scheme.hetero 
A 1 1  GLY 1  1  1  GLY GLY A . n 
A 1 2  GLN 2  2  2  GLN GLN A . n 
A 1 3  TYR 3  3  3  TYR TYR A . n 
A 1 4  LYS 4  4  4  LYS LYS A . n 
A 1 5  LEU 5  5  5  LEU LEU A . n 
A 1 6  ILE 6  6  6  ILE ILE A . n 
A 1 7  LEU 7  7  7  LEU LEU A . n 
A 1 8  ASN 8  8  8  ASN ASN A . n 
A 1 9  GLY 9  9  9  GLY GLY A . n 
A 1 10 LYS 10 10 10 LYS LYS A . n 
A 1 11 THR 11 11 11 THR THR A . n 
A 1 12 LEU 12 12 12 LEU LEU A . n 
A 1 13 LYS 13 13 13 LYS LYS A . n 
A 1 14 GLY 14 14 14 GLY GLY A . n 
A 1 15 GLU 15 15 15 GLU GLU A . n 
A 1 16 THR 16 16 16 THR THR A . n 
A 1 17 THR 17 17 17 THR THR A . n 
A 1 18 THR 18 18 18 THR THR A . n 
A 1 19 GLU 19 19 19 GLU GLU A . n 
A 1 20 ALA 20 20 20 ALA ALA A . n 
A 1 21 VAL 21 21 21 VAL VAL A . n 
A 1 22 ASP 22 22 22 ASP ASP A . n 
A 1 23 ALA 23 23 23 ALA ALA A . n 
A 1 24 ALA 24 24 24 ALA ALA A . n 
A 1 25 THR 25 25 25 THR THR A . n 
A 1 26 ALA 26 26 26 ALA ALA A . n 
A 1 27 GLU 27 27 27 GLU GLU A . n 
A 1 28 LYS 28 28 28 LYS LYS A . n 
A 1 29 VAL 29 29 29 VAL VAL A . n 
A 1 30 PHE 30 30 30 PHE PHE A . n 
A 1 31 LYS 31 31 31 LYS LYS A . n 
A 1 32 GLN 32 32 32 GLN GLN A . n 
A 1 33 TYR 33 33 33 TYR TYR A . n 
A 1 34 MSE 34 34 34 MSE MSE A . n 
A 1 35 ASN 35 35 35 ASN ASN A . n 
A 1 36 ASP 36 36 36 ASP ASP A . n 
A 1 37 ASN 37 37 37 ASN ASN A . n 
A 1 38 GLY 38 38 38 GLY GLY A . n 
A 1 39 VAL 39 39 39 VAL VAL A . n 
A 1 40 ASP 40 40 40 ASP ASP A . n 
A 1 41 GLY 41 41 41 GLY GLY A . n 
A 1 42 GLU 42 42 42 GLU GLU A . n 
A 1 43 TRP 43 43 43 TRP TRP A . n 
A 1 44 THR 44 44 44 THR THR A . n 
A 1 45 TYR 45 45 45 TYR TYR A . n 
A 1 46 ASP 46 46 46 ASP ASP A . n 
A 1 47 ASP 47 47 47 ASP ASP A . n 
A 1 48 ALA 48 48 48 ALA ALA A . n 
A 1 49 THR 49 49 49 THR THR A . n 
A 1 50 LYS 50 50 50 LYS LYS A . n 
A 1 51 THR 51 51 51 THR THR A . n 
A 1 52 PHE 52 52 52 PHE PHE A . n 
A 1 53 THR 53 53 53 THR THR A . n 
A 1 54 VAL 54 54 54 VAL VAL A . n 
A 1 55 THR 55 55 55 THR THR A . n 
A 1 56 GLU 56 56 56 GLU GLU A . n 
# 
loop_
_pdbx_nonpoly_scheme.asym_id 
_pdbx_nonpoly_scheme.entity_id 
_pdbx_nonpoly_scheme.mon_id 
_pdbx_nonpoly_scheme.ndb_seq_num 
_pdbx_nonpoly_scheme.pdb_seq_num 
_pdbx_nonpoly_scheme.auth_seq_num 
_pdbx_nonpoly_scheme.pdb_mon_id 
_pdbx_nonpoly_scheme.auth_mon_id 
_pdbx_nonpoly_scheme.pdb_strand_id 
_pdbx_nonpoly_scheme.pdb_ins_code 
B 2 MPD 1  101 1  MPD MPD A . 
C 2 MPD 1  102 2  MPD MPD A . 
D 3 IMD 1  103 1  IMD IMD A . 
E 4 HOH 1  201 29 HOH HOH A . 
E 4 HOH 2  202 78 HOH HOH A . 
E 4 HOH 3  203 34 HOH HOH A . 
E 4 HOH 4  204 74 HOH HOH A . 
E 4 HOH 5  205 93 HOH HOH A . 
E 4 HOH 6  206 23 HOH HOH A . 
E 4 HOH 7  207 52 HOH HOH A . 
E 4 HOH 8  208 46 HOH HOH A . 
E 4 HOH 9  209 30 HOH HOH A . 
E 4 HOH 10 210 49 HOH HOH A . 
E 4 HOH 11 211 9  HOH HOH A . 
E 4 HOH 12 212 58 HOH HOH A . 
E 4 HOH 13 213 54 HOH HOH A . 
E 4 HOH 14 214 48 HOH HOH A . 
E 4 HOH 15 215 17 HOH HOH A . 
E 4 HOH 16 216 15 HOH HOH A . 
E 4 HOH 17 217 16 HOH HOH A . 
E 4 HOH 18 218 37 HOH HOH A . 
E 4 HOH 19 219 86 HOH HOH A . 
E 4 HOH 20 220 28 HOH HOH A . 
E 4 HOH 21 221 55 HOH HOH A . 
E 4 HOH 22 222 13 HOH HOH A . 
E 4 HOH 23 223 25 HOH HOH A . 
E 4 HOH 24 224 39 HOH HOH A . 
E 4 HOH 25 225 7  HOH HOH A . 
E 4 HOH 26 226 85 HOH HOH A . 
E 4 HOH 27 227 14 HOH HOH A . 
E 4 HOH 28 228 66 HOH HOH A . 
E 4 HOH 29 229 32 HOH HOH A . 
E 4 HOH 30 230 8  HOH HOH A . 
E 4 HOH 31 231 1  HOH HOH A . 
E 4 HOH 32 232 44 HOH HOH A . 
E 4 HOH 33 233 21 HOH HOH A . 
E 4 HOH 34 234 61 HOH HOH A . 
E 4 HOH 35 235 24 HOH HOH A . 
E 4 HOH 36 236 10 HOH HOH A . 
E 4 HOH 37 237 3  HOH HOH A . 
E 4 HOH 38 238 63 HOH HOH A . 
E 4 HOH 39 239 65 HOH HOH A . 
E 4 HOH 40 240 2  HOH HOH A . 
E 4 HOH 41 241 33 HOH HOH A . 
E 4 HOH 42 242 42 HOH HOH A . 
E 4 HOH 43 243 60 HOH HOH A . 
E 4 HOH 44 244 19 HOH HOH A . 
E 4 HOH 45 245 47 HOH HOH A . 
E 4 HOH 46 246 87 HOH HOH A . 
E 4 HOH 47 247 11 HOH HOH A . 
E 4 HOH 48 248 22 HOH HOH A . 
E 4 HOH 49 249 5  HOH HOH A . 
E 4 HOH 50 250 4  HOH HOH A . 
E 4 HOH 51 251 97 HOH HOH A . 
E 4 HOH 52 252 72 HOH HOH A . 
E 4 HOH 53 253 26 HOH HOH A . 
E 4 HOH 54 254 76 HOH HOH A . 
E 4 HOH 55 255 38 HOH HOH A . 
E 4 HOH 56 256 35 HOH HOH A . 
E 4 HOH 57 257 20 HOH HOH A . 
E 4 HOH 58 258 64 HOH HOH A . 
E 4 HOH 59 259 6  HOH HOH A . 
E 4 HOH 60 260 89 HOH HOH A . 
E 4 HOH 61 261 67 HOH HOH A . 
E 4 HOH 62 262 81 HOH HOH A . 
E 4 HOH 63 263 69 HOH HOH A . 
E 4 HOH 64 264 84 HOH HOH A . 
E 4 HOH 65 265 53 HOH HOH A . 
E 4 HOH 66 266 18 HOH HOH A . 
E 4 HOH 67 267 56 HOH HOH A . 
E 4 HOH 68 268 43 HOH HOH A . 
E 4 HOH 69 269 36 HOH HOH A . 
E 4 HOH 70 270 45 HOH HOH A . 
E 4 HOH 71 271 41 HOH HOH A . 
E 4 HOH 72 272 88 HOH HOH A . 
E 4 HOH 73 273 90 HOH HOH A . 
E 4 HOH 74 274 82 HOH HOH A . 
E 4 HOH 75 275 12 HOH HOH A . 
E 4 HOH 76 276 62 HOH HOH A . 
E 4 HOH 77 277 95 HOH HOH A . 
E 4 HOH 78 278 40 HOH HOH A . 
E 4 HOH 79 279 57 HOH HOH A . 
E 4 HOH 80 280 73 HOH HOH A . 
E 4 HOH 81 281 50 HOH HOH A . 
E 4 HOH 82 282 59 HOH HOH A . 
E 4 HOH 83 283 83 HOH HOH A . 
E 4 HOH 84 284 51 HOH HOH A . 
E 4 HOH 85 285 91 HOH HOH A . 
E 4 HOH 86 286 77 HOH HOH A . 
E 4 HOH 87 287 75 HOH HOH A . 
E 4 HOH 88 288 94 HOH HOH A . 
E 4 HOH 89 289 79 HOH HOH A . 
E 4 HOH 90 290 92 HOH HOH A . 
E 4 HOH 91 291 31 HOH HOH A . 
E 4 HOH 92 292 27 HOH HOH A . 
E 4 HOH 93 293 68 HOH HOH A . 
E 4 HOH 94 294 80 HOH HOH A . 
E 4 HOH 95 295 70 HOH HOH A . 
E 4 HOH 96 296 71 HOH HOH A . 
E 4 HOH 97 297 96 HOH HOH A . 
# 
loop_
_software.citation_id 
_software.classification 
_software.compiler_name 
_software.compiler_version 
_software.contact_author 
_software.contact_author_email 
_software.date 
_software.description 
_software.dependencies 
_software.hardware 
_software.language 
_software.location 
_software.mods 
_software.name 
_software.os 
_software.os_version 
_software.type 
_software.version 
_software.pdbx_ordinal 
? refinement       ? ? ? ? ? ? ? ? ? ? ? PHENIX ? ? ? '(1.13_2998: ???)' 1 
? 'data reduction' ? ? ? ? ? ? ? ? ? ? ? XDS    ? ? ? .                  2 
? 'model building' ? ? ? ? ? ? ? ? ? ? ? PHENIX ? ? ? .                  3 
# 
_cell.entry_id           6CHE 
_cell.length_a           22.965 
_cell.length_b           37.048 
_cell.length_c           28.719 
_cell.angle_alpha        90.00 
_cell.angle_beta         110.16 
_cell.angle_gamma        90.00 
_cell.Z_PDB              2 
_cell.pdbx_unique_axis   ? 
# 
_symmetry.entry_id                         6CHE 
_symmetry.space_group_name_H-M             'P 1 21 1' 
_symmetry.pdbx_full_space_group_name_H-M   ? 
_symmetry.cell_setting                     ? 
_symmetry.Int_Tables_number                4 
# 
_exptl.absorpt_coefficient_mu     ? 
_exptl.absorpt_correction_T_max   ? 
_exptl.absorpt_correction_T_min   ? 
_exptl.absorpt_correction_type    ? 
_exptl.absorpt_process_details    ? 
_exptl.entry_id                   6CHE 
_exptl.crystals_number            1 
_exptl.details                    ? 
_exptl.method                     'X-RAY DIFFRACTION' 
_exptl.method_details             ? 
# 
_exptl_crystal.colour                      ? 
_exptl_crystal.density_diffrn              ? 
_exptl_crystal.density_Matthews            1.85 
_exptl_crystal.density_method              ? 
_exptl_crystal.density_percent_sol         33.35 
_exptl_crystal.description                 ? 
_exptl_crystal.F_000                       ? 
_exptl_crystal.id                          1 
_exptl_crystal.preparation                 ? 
_exptl_crystal.size_max                    ? 
_exptl_crystal.size_mid                    ? 
_exptl_crystal.size_min                    ? 
_exptl_crystal.size_rad                    ? 
_exptl_crystal.colour_lustre               ? 
_exptl_crystal.colour_modifier             ? 
_exptl_crystal.colour_primary              ? 
_exptl_crystal.density_meas                ? 
_exptl_crystal.density_meas_esd            ? 
_exptl_crystal.density_meas_gt             ? 
_exptl_crystal.density_meas_lt             ? 
_exptl_crystal.density_meas_temp           ? 
_exptl_crystal.density_meas_temp_esd       ? 
_exptl_crystal.density_meas_temp_gt        ? 
_exptl_crystal.density_meas_temp_lt        ? 
_exptl_crystal.pdbx_crystal_image_url      ? 
_exptl_crystal.pdbx_crystal_image_format   ? 
_exptl_crystal.pdbx_mosaicity              ? 
_exptl_crystal.pdbx_mosaicity_esd          ? 
# 
_exptl_crystal_grow.apparatus       ? 
_exptl_crystal_grow.atmosphere      ? 
_exptl_crystal_grow.crystal_id      1 
_exptl_crystal_grow.details         ? 
_exptl_crystal_grow.method          'VAPOR DIFFUSION, HANGING DROP' 
_exptl_crystal_grow.method_ref      ? 
_exptl_crystal_grow.pH              4.9 
_exptl_crystal_grow.pressure        ? 
_exptl_crystal_grow.pressure_esd    ? 
_exptl_crystal_grow.seeding         ? 
_exptl_crystal_grow.seeding_ref     ? 
_exptl_crystal_grow.temp            283.15 
_exptl_crystal_grow.temp_details    ? 
_exptl_crystal_grow.temp_esd        ? 
_exptl_crystal_grow.time            ? 
_exptl_crystal_grow.pdbx_details    
;49% MPD
20% IPA
25 mM sodium acetate pH 4.9
20 mg/ml protein in 25 mM sodium acetate buffer pH 5.5 and 2 mM TCEP
;
_exptl_crystal_grow.pdbx_pH_range   4.5-4.9 
# 
_diffrn.ambient_environment    ? 
_diffrn.ambient_temp           100 
_diffrn.ambient_temp_details   ? 
_diffrn.ambient_temp_esd       ? 
_diffrn.crystal_id             1 
_diffrn.crystal_support        ? 
_diffrn.crystal_treatment      ? 
_diffrn.details                ? 
_diffrn.id                     1 
_diffrn.ambient_pressure       ? 
_diffrn.ambient_pressure_esd   ? 
_diffrn.ambient_pressure_gt    ? 
_diffrn.ambient_pressure_lt    ? 
_diffrn.ambient_temp_gt        ? 
_diffrn.ambient_temp_lt        ? 
# 
_diffrn_detector.details                      ? 
_diffrn_detector.detector                     PIXEL 
_diffrn_detector.diffrn_id                    1 
_diffrn_detector.type                         'DECTRIS PILATUS3 6M' 
_diffrn_detector.area_resol_mean              ? 
_diffrn_detector.dtime                        ? 
_diffrn_detector.pdbx_frames_total            ? 
_diffrn_detector.pdbx_collection_time_total   ? 
_diffrn_detector.pdbx_collection_date         2017-08-17 
# 
_diffrn_radiation.collimation                      ? 
_diffrn_radiation.diffrn_id                        1 
_diffrn_radiation.filter_edge                      ? 
_diffrn_radiation.inhomogeneity                    ? 
_diffrn_radiation.monochromator                    'Asymmetric curved crystal Si(220)' 
_diffrn_radiation.polarisn_norm                    ? 
_diffrn_radiation.polarisn_ratio                   ? 
_diffrn_radiation.probe                            ? 
_diffrn_radiation.type                             ? 
_diffrn_radiation.xray_symbol                      ? 
_diffrn_radiation.wavelength_id                    1 
_diffrn_radiation.pdbx_monochromatic_or_laue_m_l   M 
_diffrn_radiation.pdbx_wavelength_list             ? 
_diffrn_radiation.pdbx_wavelength                  ? 
_diffrn_radiation.pdbx_diffrn_protocol             'SINGLE WAVELENGTH' 
_diffrn_radiation.pdbx_analyzer                    ? 
_diffrn_radiation.pdbx_scattering_type             x-ray 
# 
_diffrn_radiation_wavelength.id           1 
_diffrn_radiation_wavelength.wavelength   0.9795 
_diffrn_radiation_wavelength.wt           1.0 
# 
_diffrn_source.current                     ? 
_diffrn_source.details                     ? 
_diffrn_source.diffrn_id                   1 
_diffrn_source.power                       ? 
_diffrn_source.size                        ? 
_diffrn_source.source                      SYNCHROTRON 
_diffrn_source.target                      ? 
_diffrn_source.type                        'ALS BEAMLINE 5.0.1' 
_diffrn_source.voltage                     ? 
_diffrn_source.take-off_angle              ? 
_diffrn_source.pdbx_wavelength_list        0.9795 
_diffrn_source.pdbx_wavelength             ? 
_diffrn_source.pdbx_synchrotron_beamline   5.0.1 
_diffrn_source.pdbx_synchrotron_site       ALS 
# 
_reflns.B_iso_Wilson_estimate            6.66 
_reflns.entry_id                         6CHE 
_reflns.data_reduction_details           ? 
_reflns.data_reduction_method            ? 
_reflns.d_resolution_high                1.1 
_reflns.d_resolution_low                 26.96 
_reflns.details                          ? 
_reflns.limit_h_max                      ? 
_reflns.limit_h_min                      ? 
_reflns.limit_k_max                      ? 
_reflns.limit_k_min                      ? 
_reflns.limit_l_max                      ? 
_reflns.limit_l_min                      ? 
_reflns.number_all                       ? 
_reflns.number_obs                       18407 
_reflns.observed_criterion               ? 
_reflns.observed_criterion_F_max         ? 
_reflns.observed_criterion_F_min         ? 
_reflns.observed_criterion_I_max         ? 
_reflns.observed_criterion_I_min         ? 
_reflns.observed_criterion_sigma_F       ? 
_reflns.observed_criterion_sigma_I       ? 
_reflns.percent_possible_obs             99.78 
_reflns.R_free_details                   ? 
_reflns.Rmerge_F_all                     ? 
_reflns.Rmerge_F_obs                     ? 
_reflns.Friedel_coverage                 ? 
_reflns.number_gt                        ? 
_reflns.threshold_expression             ? 
_reflns.pdbx_redundancy                  2.0 
_reflns.pdbx_Rmerge_I_obs                0.02873 
_reflns.pdbx_Rmerge_I_all                ? 
_reflns.pdbx_Rsym_value                  ? 
_reflns.pdbx_netI_over_av_sigmaI         ? 
_reflns.pdbx_netI_over_sigmaI            11.55 
_reflns.pdbx_res_netI_over_av_sigmaI_2   ? 
_reflns.pdbx_res_netI_over_sigmaI_2      ? 
_reflns.pdbx_chi_squared                 ? 
_reflns.pdbx_scaling_rejects             ? 
_reflns.pdbx_d_res_high_opt              ? 
_reflns.pdbx_d_res_low_opt               ? 
_reflns.pdbx_d_res_opt_method            ? 
_reflns.phase_calculation_details        ? 
_reflns.pdbx_Rrim_I_all                  0.04063 
_reflns.pdbx_Rpim_I_all                  0.02873 
_reflns.pdbx_d_opt                       ? 
_reflns.pdbx_number_measured_all         ? 
_reflns.pdbx_diffrn_id                   1 
_reflns.pdbx_ordinal                     1 
_reflns.pdbx_CC_half                     0.998 
_reflns.pdbx_R_split                     ? 
# 
_reflns_shell.d_res_high                  1.1 
_reflns_shell.d_res_low                   1.139 
_reflns_shell.meanI_over_sigI_all         ? 
_reflns_shell.meanI_over_sigI_obs         ? 
_reflns_shell.number_measured_all         ? 
_reflns_shell.number_measured_obs         ? 
_reflns_shell.number_possible             ? 
_reflns_shell.number_unique_all           ? 
_reflns_shell.number_unique_obs           1792 
_reflns_shell.percent_possible_all        98.79 
_reflns_shell.percent_possible_obs        ? 
_reflns_shell.Rmerge_F_all                ? 
_reflns_shell.Rmerge_F_obs                ? 
_reflns_shell.Rmerge_I_all                ? 
_reflns_shell.Rmerge_I_obs                0.05434 
_reflns_shell.meanI_over_sigI_gt          ? 
_reflns_shell.meanI_over_uI_all           ? 
_reflns_shell.meanI_over_uI_gt            ? 
_reflns_shell.number_measured_gt          ? 
_reflns_shell.number_unique_gt            ? 
_reflns_shell.percent_possible_gt         ? 
_reflns_shell.Rmerge_F_gt                 ? 
_reflns_shell.Rmerge_I_gt                 ? 
_reflns_shell.pdbx_redundancy             2.0 
_reflns_shell.pdbx_Rsym_value             ? 
_reflns_shell.pdbx_chi_squared            ? 
_reflns_shell.pdbx_netI_over_sigmaI_all   ? 
_reflns_shell.pdbx_netI_over_sigmaI_obs   ? 
_reflns_shell.pdbx_Rrim_I_all             0.07685 
_reflns_shell.pdbx_Rpim_I_all             0.05434 
_reflns_shell.pdbx_rejects                ? 
_reflns_shell.pdbx_ordinal                1 
_reflns_shell.pdbx_diffrn_id              1 
_reflns_shell.pdbx_CC_half                0.99 
_reflns_shell.pdbx_R_split                ? 
# 
_refine.pdbx_refine_id                           'X-RAY DIFFRACTION' 
_refine.entry_id                                 6CHE 
_refine.pdbx_diffrn_id                           1 
_refine.pdbx_TLS_residual_ADP_flag               ? 
_refine.ls_number_reflns_obs                     35896 
_refine.ls_number_reflns_all                     ? 
_refine.pdbx_ls_sigma_I                          ? 
_refine.pdbx_ls_sigma_F                          1.48 
_refine.pdbx_data_cutoff_high_absF               ? 
_refine.pdbx_data_cutoff_low_absF                ? 
_refine.pdbx_data_cutoff_high_rms_absF           ? 
_refine.ls_d_res_low                             26.959 
_refine.ls_d_res_high                            1.100 
_refine.ls_percent_reflns_obs                    99.49 
_refine.ls_R_factor_obs                          0.1309 
_refine.ls_R_factor_all                          ? 
_refine.ls_R_factor_R_work                       0.1293 
_refine.ls_R_factor_R_free                       0.1471 
_refine.ls_R_factor_R_free_error                 ? 
_refine.ls_R_factor_R_free_error_details         ? 
_refine.ls_percent_reflns_R_free                 8.61 
_refine.ls_number_reflns_R_free                  3089 
_refine.ls_number_parameters                     ? 
_refine.ls_number_restraints                     ? 
_refine.occupancy_min                            ? 
_refine.occupancy_max                            ? 
_refine.correlation_coeff_Fo_to_Fc               ? 
_refine.correlation_coeff_Fo_to_Fc_free          ? 
_refine.B_iso_mean                               ? 
_refine.aniso_B[1][1]                            ? 
_refine.aniso_B[2][2]                            ? 
_refine.aniso_B[3][3]                            ? 
_refine.aniso_B[1][2]                            ? 
_refine.aniso_B[1][3]                            ? 
_refine.aniso_B[2][3]                            ? 
_refine.solvent_model_details                    'FLAT BULK SOLVENT MODEL' 
_refine.solvent_model_param_ksol                 ? 
_refine.solvent_model_param_bsol                 ? 
_refine.pdbx_solvent_vdw_probe_radii             1.11 
_refine.pdbx_solvent_ion_probe_radii             ? 
_refine.pdbx_solvent_shrinkage_radii             0.90 
_refine.pdbx_ls_cross_valid_method               'FREE R-VALUE' 
_refine.details                                  ? 
_refine.pdbx_starting_model                      2QMT 
_refine.pdbx_method_to_determine_struct          'MOLECULAR REPLACEMENT' 
_refine.pdbx_isotropic_thermal_model             ? 
_refine.pdbx_stereochemistry_target_values       ML 
_refine.pdbx_stereochem_target_val_spec_case     ? 
_refine.pdbx_R_Free_selection_details            ? 
_refine.pdbx_overall_ESU_R                       ? 
_refine.pdbx_overall_ESU_R_Free                  ? 
_refine.overall_SU_ML                            0.05 
_refine.pdbx_overall_phase_error                 12.32 
_refine.overall_SU_B                             ? 
_refine.overall_SU_R_Cruickshank_DPI             ? 
_refine.pdbx_overall_SU_R_free_Cruickshank_DPI   ? 
_refine.pdbx_overall_SU_R_Blow_DPI               ? 
_refine.pdbx_overall_SU_R_free_Blow_DPI          ? 
# 
_refine_hist.pdbx_refine_id                   'X-RAY DIFFRACTION' 
_refine_hist.cycle_id                         LAST 
_refine_hist.pdbx_number_atoms_protein        437 
_refine_hist.pdbx_number_atoms_nucleic_acid   0 
_refine_hist.pdbx_number_atoms_ligand         21 
_refine_hist.number_atoms_solvent             97 
_refine_hist.number_atoms_total               555 
_refine_hist.d_res_high                       1.100 
_refine_hist.d_res_low                        26.959 
# 
loop_
_refine_ls_restr.type 
_refine_ls_restr.dev_ideal 
_refine_ls_restr.dev_ideal_target 
_refine_ls_restr.weight 
_refine_ls_restr.number 
_refine_ls_restr.pdbx_refine_id 
_refine_ls_restr.pdbx_restraint_function 
f_bond_d           0.007  ? ? 462 'X-RAY DIFFRACTION' ? 
f_angle_d          0.938  ? ? 625 'X-RAY DIFFRACTION' ? 
f_dihedral_angle_d 24.170 ? ? 161 'X-RAY DIFFRACTION' ? 
f_chiral_restr     0.072  ? ? 71  'X-RAY DIFFRACTION' ? 
f_plane_restr      0.005  ? ? 78  'X-RAY DIFFRACTION' ? 
# 
loop_
_refine_ls_shell.pdbx_refine_id 
_refine_ls_shell.pdbx_total_number_of_bins_used 
_refine_ls_shell.d_res_high 
_refine_ls_shell.d_res_low 
_refine_ls_shell.number_reflns_R_work 
_refine_ls_shell.R_factor_R_work 
_refine_ls_shell.percent_reflns_obs 
_refine_ls_shell.R_factor_R_free 
_refine_ls_shell.R_factor_R_free_error 
_refine_ls_shell.percent_reflns_R_free 
_refine_ls_shell.number_reflns_R_free 
_refine_ls_shell.number_reflns_all 
_refine_ls_shell.R_factor_all 
'X-RAY DIFFRACTION' . 1.1000 1.1172  1485 0.1207 98.00  0.1336 . . 143 . . 
'X-RAY DIFFRACTION' . 1.1172 1.1355  1442 0.1175 98.00  0.1227 . . 118 . . 
'X-RAY DIFFRACTION' . 1.1355 1.1551  1481 0.1123 98.00  0.1316 . . 156 . . 
'X-RAY DIFFRACTION' . 1.1551 1.1761  1480 0.1099 100.00 0.1567 . . 124 . . 
'X-RAY DIFFRACTION' . 1.1761 1.1987  1509 0.1190 99.00  0.1587 . . 152 . . 
'X-RAY DIFFRACTION' . 1.1987 1.2232  1501 0.1178 100.00 0.1419 . . 114 . . 
'X-RAY DIFFRACTION' . 1.2232 1.2498  1504 0.1069 100.00 0.1414 . . 156 . . 
'X-RAY DIFFRACTION' . 1.2498 1.2789  1461 0.1151 99.00  0.1371 . . 150 . . 
'X-RAY DIFFRACTION' . 1.2789 1.3108  1518 0.1199 100.00 0.1163 . . 122 . . 
'X-RAY DIFFRACTION' . 1.3108 1.3463  1469 0.1119 100.00 0.1504 . . 143 . . 
'X-RAY DIFFRACTION' . 1.3463 1.3859  1488 0.1124 100.00 0.1453 . . 148 . . 
'X-RAY DIFFRACTION' . 1.3859 1.4306  1503 0.1191 100.00 0.1414 . . 146 . . 
'X-RAY DIFFRACTION' . 1.4306 1.4818  1479 0.1068 100.00 0.1533 . . 144 . . 
'X-RAY DIFFRACTION' . 1.4818 1.5411  1508 0.1079 100.00 0.1361 . . 139 . . 
'X-RAY DIFFRACTION' . 1.5411 1.6112  1484 0.1132 100.00 0.1372 . . 145 . . 
'X-RAY DIFFRACTION' . 1.6112 1.6961  1514 0.1242 100.00 0.1494 . . 142 . . 
'X-RAY DIFFRACTION' . 1.6961 1.8024  1497 0.1295 100.00 0.1661 . . 148 . . 
'X-RAY DIFFRACTION' . 1.8024 1.9415  1496 0.1296 100.00 0.1427 . . 141 . . 
'X-RAY DIFFRACTION' . 1.9415 2.1368  1497 0.1223 100.00 0.1419 . . 139 . . 
'X-RAY DIFFRACTION' . 2.1368 2.4459  1482 0.1381 100.00 0.1418 . . 141 . . 
'X-RAY DIFFRACTION' . 2.4459 3.0808  1504 0.1544 100.00 0.1760 . . 140 . . 
'X-RAY DIFFRACTION' . 3.0808 26.9669 1505 0.1546 100.00 0.1460 . . 138 . . 
# 
_struct.entry_id                     6CHE 
_struct.title                        'Selenomethionine mutant (A34Sem) of protein GB1 examined by X-ray diffraction' 
_struct.pdbx_model_details           ? 
_struct.pdbx_formula_weight          ? 
_struct.pdbx_formula_weight_method   ? 
_struct.pdbx_model_type_details      ? 
_struct.pdbx_CASP_flag               N 
# 
_struct_keywords.entry_id        6CHE 
_struct_keywords.text            'Immunoglobulin G-binding protein domain B1, IMMUNE SYSTEM' 
_struct_keywords.pdbx_keywords   'IMMUNE SYSTEM' 
# 
loop_
_struct_asym.id 
_struct_asym.pdbx_blank_PDB_chainid_flag 
_struct_asym.pdbx_modified 
_struct_asym.entity_id 
_struct_asym.details 
A N N 1 ? 
B N N 2 ? 
C N N 2 ? 
D N N 3 ? 
E N N 4 ? 
# 
_struct_ref.id                         1 
_struct_ref.db_name                    UNP 
_struct_ref.db_code                    SPG2_STRSG 
_struct_ref.pdbx_db_accession          P19909 
_struct_ref.pdbx_db_isoform            ? 
_struct_ref.entity_id                  1 
_struct_ref.pdbx_seq_one_letter_code   YKLILNGKTLKGETTTEAVDAATAEKVFKQYANDNGVDGEWTYDDATKTFTVTE 
_struct_ref.pdbx_align_begin           304 
# 
_struct_ref_seq.align_id                      1 
_struct_ref_seq.ref_id                        1 
_struct_ref_seq.pdbx_PDB_id_code              6CHE 
_struct_ref_seq.pdbx_strand_id                A 
_struct_ref_seq.seq_align_beg                 3 
_struct_ref_seq.pdbx_seq_align_beg_ins_code   ? 
_struct_ref_seq.seq_align_end                 56 
_struct_ref_seq.pdbx_seq_align_end_ins_code   ? 
_struct_ref_seq.pdbx_db_accession             P19909 
_struct_ref_seq.db_align_beg                  304 
_struct_ref_seq.pdbx_db_align_beg_ins_code    ? 
_struct_ref_seq.db_align_end                  357 
_struct_ref_seq.pdbx_db_align_end_ins_code    ? 
_struct_ref_seq.pdbx_auth_seq_align_beg       3 
_struct_ref_seq.pdbx_auth_seq_align_end       56 
# 
loop_
_struct_ref_seq_dif.align_id 
_struct_ref_seq_dif.pdbx_pdb_id_code 
_struct_ref_seq_dif.mon_id 
_struct_ref_seq_dif.pdbx_pdb_strand_id 
_struct_ref_seq_dif.seq_num 
_struct_ref_seq_dif.pdbx_pdb_ins_code 
_struct_ref_seq_dif.pdbx_seq_db_name 
_struct_ref_seq_dif.pdbx_seq_db_accession_code 
_struct_ref_seq_dif.db_mon_id 
_struct_ref_seq_dif.pdbx_seq_db_seq_num 
_struct_ref_seq_dif.details 
_struct_ref_seq_dif.pdbx_auth_seq_num 
_struct_ref_seq_dif.pdbx_ordinal 
1 6CHE GLY A 1  ? UNP P19909 ?   ?   'expression tag'      1  1 
1 6CHE GLN A 2  ? UNP P19909 ?   ?   'expression tag'      2  2 
1 6CHE MSE A 34 ? UNP P19909 ALA 335 'engineered mutation' 34 3 
# 
_pdbx_struct_assembly.id                   1 
_pdbx_struct_assembly.details              author_and_software_defined_assembly 
_pdbx_struct_assembly.method_details       PISA 
_pdbx_struct_assembly.oligomeric_details   monomeric 
_pdbx_struct_assembly.oligomeric_count     1 
# 
_pdbx_struct_assembly_gen.assembly_id       1 
_pdbx_struct_assembly_gen.oper_expression   1 
_pdbx_struct_assembly_gen.asym_id_list      A,B,C,D,E 
# 
_pdbx_struct_assembly_auth_evidence.id                     1 
_pdbx_struct_assembly_auth_evidence.assembly_id            1 
_pdbx_struct_assembly_auth_evidence.experimental_support   'mass spectrometry' 
_pdbx_struct_assembly_auth_evidence.details                
'Mass spectrometry and SDS-PAGE gel were performed, as well as gel filtration chromatography' 
# 
_pdbx_struct_oper_list.id                   1 
_pdbx_struct_oper_list.type                 'identity operation' 
_pdbx_struct_oper_list.name                 1_555 
_pdbx_struct_oper_list.symmetry_operation   x,y,z 
_pdbx_struct_oper_list.matrix[1][1]         1.0000000000 
_pdbx_struct_oper_list.matrix[1][2]         0.0000000000 
_pdbx_struct_oper_list.matrix[1][3]         0.0000000000 
_pdbx_struct_oper_list.vector[1]            0.0000000000 
_pdbx_struct_oper_list.matrix[2][1]         0.0000000000 
_pdbx_struct_oper_list.matrix[2][2]         1.0000000000 
_pdbx_struct_oper_list.matrix[2][3]         0.0000000000 
_pdbx_struct_oper_list.vector[2]            0.0000000000 
_pdbx_struct_oper_list.matrix[3][1]         0.0000000000 
_pdbx_struct_oper_list.matrix[3][2]         0.0000000000 
_pdbx_struct_oper_list.matrix[3][3]         1.0000000000 
_pdbx_struct_oper_list.vector[3]            0.0000000000 
# 
_struct_conf.conf_type_id            HELX_P 
_struct_conf.id                      HELX_P1 
_struct_conf.pdbx_PDB_helix_id       AA1 
_struct_conf.beg_label_comp_id       ASP 
_struct_conf.beg_label_asym_id       A 
_struct_conf.beg_label_seq_id        22 
_struct_conf.pdbx_beg_PDB_ins_code   ? 
_struct_conf.end_label_comp_id       ASN 
_struct_conf.end_label_asym_id       A 
_struct_conf.end_label_seq_id        37 
_struct_conf.pdbx_end_PDB_ins_code   ? 
_struct_conf.beg_auth_comp_id        ASP 
_struct_conf.beg_auth_asym_id        A 
_struct_conf.beg_auth_seq_id         22 
_struct_conf.end_auth_comp_id        ASN 
_struct_conf.end_auth_asym_id        A 
_struct_conf.end_auth_seq_id         37 
_struct_conf.pdbx_PDB_helix_class    1 
_struct_conf.details                 ? 
_struct_conf.pdbx_PDB_helix_length   16 
# 
_struct_conf_type.id          HELX_P 
_struct_conf_type.criteria    ? 
_struct_conf_type.reference   ? 
# 
loop_
_struct_conn.id 
_struct_conn.conn_type_id 
_struct_conn.pdbx_leaving_atom_flag 
_struct_conn.pdbx_PDB_id 
_struct_conn.ptnr1_label_asym_id 
_struct_conn.ptnr1_label_comp_id 
_struct_conn.ptnr1_label_seq_id 
_struct_conn.ptnr1_label_atom_id 
_struct_conn.pdbx_ptnr1_label_alt_id 
_struct_conn.pdbx_ptnr1_PDB_ins_code 
_struct_conn.pdbx_ptnr1_standard_comp_id 
_struct_conn.ptnr1_symmetry 
_struct_conn.ptnr2_label_asym_id 
_struct_conn.ptnr2_label_comp_id 
_struct_conn.ptnr2_label_seq_id 
_struct_conn.ptnr2_label_atom_id 
_struct_conn.pdbx_ptnr2_label_alt_id 
_struct_conn.pdbx_ptnr2_PDB_ins_code 
_struct_conn.ptnr1_auth_asym_id 
_struct_conn.ptnr1_auth_comp_id 
_struct_conn.ptnr1_auth_seq_id 
_struct_conn.ptnr2_auth_asym_id 
_struct_conn.ptnr2_auth_comp_id 
_struct_conn.ptnr2_auth_seq_id 
_struct_conn.ptnr2_symmetry 
_struct_conn.pdbx_ptnr3_label_atom_id 
_struct_conn.pdbx_ptnr3_label_seq_id 
_struct_conn.pdbx_ptnr3_label_comp_id 
_struct_conn.pdbx_ptnr3_label_asym_id 
_struct_conn.pdbx_ptnr3_label_alt_id 
_struct_conn.pdbx_ptnr3_PDB_ins_code 
_struct_conn.details 
_struct_conn.pdbx_dist_value 
_struct_conn.pdbx_value_order 
_struct_conn.pdbx_role 
covale1 covale both ? A TYR 33 C ? ? ? 1_555 A MSE 34 N ? ? A TYR 33 A MSE 34 1_555 ? ? ? ? ? ? ? 1.322 ? ? 
covale2 covale both ? A MSE 34 C ? ? ? 1_555 A ASN 35 N ? ? A MSE 34 A ASN 35 1_555 ? ? ? ? ? ? ? 1.336 ? ? 
# 
_struct_conn_type.id          covale 
_struct_conn_type.criteria    ? 
_struct_conn_type.reference   ? 
# 
_pdbx_modification_feature.ordinal                            1 
_pdbx_modification_feature.label_comp_id                      MSE 
_pdbx_modification_feature.label_asym_id                      A 
_pdbx_modification_feature.label_seq_id                       34 
_pdbx_modification_feature.label_alt_id                       ? 
_pdbx_modification_feature.modified_residue_label_comp_id     . 
_pdbx_modification_feature.modified_residue_label_asym_id     . 
_pdbx_modification_feature.modified_residue_label_seq_id      . 
_pdbx_modification_feature.modified_residue_label_alt_id      . 
_pdbx_modification_feature.auth_comp_id                       MSE 
_pdbx_modification_feature.auth_asym_id                       A 
_pdbx_modification_feature.auth_seq_id                        34 
_pdbx_modification_feature.PDB_ins_code                       ? 
_pdbx_modification_feature.symmetry                           1_555 
_pdbx_modification_feature.modified_residue_auth_comp_id      . 
_pdbx_modification_feature.modified_residue_auth_asym_id      . 
_pdbx_modification_feature.modified_residue_auth_seq_id       . 
_pdbx_modification_feature.modified_residue_PDB_ins_code      . 
_pdbx_modification_feature.modified_residue_symmetry          . 
_pdbx_modification_feature.comp_id_linking_atom               . 
_pdbx_modification_feature.modified_residue_id_linking_atom   . 
_pdbx_modification_feature.modified_residue_id                MET 
_pdbx_modification_feature.ref_pcm_id                         1 
_pdbx_modification_feature.ref_comp_id                        MSE 
_pdbx_modification_feature.type                               Selenomethionine 
_pdbx_modification_feature.category                           'Named protein modification' 
# 
_struct_sheet.id               AA1 
_struct_sheet.type             ? 
_struct_sheet.number_strands   4 
_struct_sheet.details          ? 
# 
loop_
_struct_sheet_order.sheet_id 
_struct_sheet_order.range_id_1 
_struct_sheet_order.range_id_2 
_struct_sheet_order.offset 
_struct_sheet_order.sense 
AA1 1 2 ? anti-parallel 
AA1 2 3 ? parallel      
AA1 3 4 ? anti-parallel 
# 
loop_
_struct_sheet_range.sheet_id 
_struct_sheet_range.id 
_struct_sheet_range.beg_label_comp_id 
_struct_sheet_range.beg_label_asym_id 
_struct_sheet_range.beg_label_seq_id 
_struct_sheet_range.pdbx_beg_PDB_ins_code 
_struct_sheet_range.end_label_comp_id 
_struct_sheet_range.end_label_asym_id 
_struct_sheet_range.end_label_seq_id 
_struct_sheet_range.pdbx_end_PDB_ins_code 
_struct_sheet_range.beg_auth_comp_id 
_struct_sheet_range.beg_auth_asym_id 
_struct_sheet_range.beg_auth_seq_id 
_struct_sheet_range.end_auth_comp_id 
_struct_sheet_range.end_auth_asym_id 
_struct_sheet_range.end_auth_seq_id 
AA1 1 LYS A 13 ? GLU A 19 ? LYS A 13 GLU A 19 
AA1 2 GLN A 2  ? ASN A 8  ? GLN A 2  ASN A 8  
AA1 3 THR A 51 ? THR A 55 ? THR A 51 THR A 55 
AA1 4 GLU A 42 ? ASP A 46 ? GLU A 42 ASP A 46 
# 
loop_
_pdbx_struct_sheet_hbond.sheet_id 
_pdbx_struct_sheet_hbond.range_id_1 
_pdbx_struct_sheet_hbond.range_id_2 
_pdbx_struct_sheet_hbond.range_1_label_atom_id 
_pdbx_struct_sheet_hbond.range_1_label_comp_id 
_pdbx_struct_sheet_hbond.range_1_label_asym_id 
_pdbx_struct_sheet_hbond.range_1_label_seq_id 
_pdbx_struct_sheet_hbond.range_1_PDB_ins_code 
_pdbx_struct_sheet_hbond.range_1_auth_atom_id 
_pdbx_struct_sheet_hbond.range_1_auth_comp_id 
_pdbx_struct_sheet_hbond.range_1_auth_asym_id 
_pdbx_struct_sheet_hbond.range_1_auth_seq_id 
_pdbx_struct_sheet_hbond.range_2_label_atom_id 
_pdbx_struct_sheet_hbond.range_2_label_comp_id 
_pdbx_struct_sheet_hbond.range_2_label_asym_id 
_pdbx_struct_sheet_hbond.range_2_label_seq_id 
_pdbx_struct_sheet_hbond.range_2_PDB_ins_code 
_pdbx_struct_sheet_hbond.range_2_auth_atom_id 
_pdbx_struct_sheet_hbond.range_2_auth_comp_id 
_pdbx_struct_sheet_hbond.range_2_auth_asym_id 
_pdbx_struct_sheet_hbond.range_2_auth_seq_id 
AA1 1 2 O THR A 18 ? O THR A 18 N TYR A 3  ? N TYR A 3  
AA1 2 3 N ASN A 8  ? N ASN A 8  O VAL A 54 ? O VAL A 54 
AA1 3 4 O THR A 53 ? O THR A 53 N THR A 44 ? N THR A 44 
# 
loop_
_struct_site.id 
_struct_site.pdbx_evidence_code 
_struct_site.pdbx_auth_asym_id 
_struct_site.pdbx_auth_comp_id 
_struct_site.pdbx_auth_seq_id 
_struct_site.pdbx_auth_ins_code 
_struct_site.pdbx_num_residues 
_struct_site.details 
AC1 Software A MPD 101 ? 4 'binding site for residue MPD A 101' 
AC2 Software A MPD 102 ? 5 'binding site for residue MPD A 102' 
AC3 Software A IMD 103 ? 5 'binding site for residue IMD A 103' 
# 
loop_
_struct_site_gen.id 
_struct_site_gen.site_id 
_struct_site_gen.pdbx_num_res 
_struct_site_gen.label_comp_id 
_struct_site_gen.label_asym_id 
_struct_site_gen.label_seq_id 
_struct_site_gen.pdbx_auth_ins_code 
_struct_site_gen.auth_comp_id 
_struct_site_gen.auth_asym_id 
_struct_site_gen.auth_seq_id 
_struct_site_gen.label_atom_id 
_struct_site_gen.label_alt_id 
_struct_site_gen.symmetry 
_struct_site_gen.details 
1  AC1 4 THR A 16 ? THR A 16  . ? 1_555 ? 
2  AC1 4 THR A 17 ? THR A 17  . ? 1_555 ? 
3  AC1 4 VAL A 29 ? VAL A 29  . ? 1_555 ? 
4  AC1 4 TYR A 33 ? TYR A 33  . ? 1_555 ? 
5  AC2 5 LYS A 10 ? LYS A 10  . ? 1_555 ? 
6  AC2 5 GLN A 32 ? GLN A 32  . ? 1_655 ? 
7  AC2 5 ASP A 36 ? ASP A 36  . ? 1_655 ? 
8  AC2 5 HOH E .  ? HOH A 277 . ? 1_555 ? 
9  AC2 5 HOH E .  ? HOH A 280 . ? 1_555 ? 
10 AC3 5 GLU A 27 ? GLU A 27  . ? 1_555 ? 
11 AC3 5 LYS A 31 ? LYS A 31  . ? 1_555 ? 
12 AC3 5 TRP A 43 ? TRP A 43  . ? 1_555 ? 
13 AC3 5 HOH E .  ? HOH A 215 . ? 1_555 ? 
14 AC3 5 HOH E .  ? HOH A 226 . ? 1_555 ? 
# 
_pdbx_entry_details.entry_id                   6CHE 
_pdbx_entry_details.compound_details           ? 
_pdbx_entry_details.source_details             ? 
_pdbx_entry_details.nonpolymer_details         ? 
_pdbx_entry_details.sequence_details           ? 
_pdbx_entry_details.has_ligand_of_interest     ? 
_pdbx_entry_details.has_protein_modification   Y 
# 
loop_
_pdbx_validate_close_contact.id 
_pdbx_validate_close_contact.PDB_model_num 
_pdbx_validate_close_contact.auth_atom_id_1 
_pdbx_validate_close_contact.auth_asym_id_1 
_pdbx_validate_close_contact.auth_comp_id_1 
_pdbx_validate_close_contact.auth_seq_id_1 
_pdbx_validate_close_contact.PDB_ins_code_1 
_pdbx_validate_close_contact.label_alt_id_1 
_pdbx_validate_close_contact.auth_atom_id_2 
_pdbx_validate_close_contact.auth_asym_id_2 
_pdbx_validate_close_contact.auth_comp_id_2 
_pdbx_validate_close_contact.auth_seq_id_2 
_pdbx_validate_close_contact.PDB_ins_code_2 
_pdbx_validate_close_contact.label_alt_id_2 
_pdbx_validate_close_contact.dist 
1 1 HZ2 A LYS 4   ? ? O A HOH 202 ? ? 1.59 
2 1 O   A HOH 277 ? ? O A HOH 280 ? ? 2.03 
# 
loop_
_pdbx_validate_symm_contact.id 
_pdbx_validate_symm_contact.PDB_model_num 
_pdbx_validate_symm_contact.auth_atom_id_1 
_pdbx_validate_symm_contact.auth_asym_id_1 
_pdbx_validate_symm_contact.auth_comp_id_1 
_pdbx_validate_symm_contact.auth_seq_id_1 
_pdbx_validate_symm_contact.PDB_ins_code_1 
_pdbx_validate_symm_contact.label_alt_id_1 
_pdbx_validate_symm_contact.site_symmetry_1 
_pdbx_validate_symm_contact.auth_atom_id_2 
_pdbx_validate_symm_contact.auth_asym_id_2 
_pdbx_validate_symm_contact.auth_comp_id_2 
_pdbx_validate_symm_contact.auth_seq_id_2 
_pdbx_validate_symm_contact.PDB_ins_code_2 
_pdbx_validate_symm_contact.label_alt_id_2 
_pdbx_validate_symm_contact.site_symmetry_2 
_pdbx_validate_symm_contact.dist 
1 1 O A HOH 285 ? ? 1_555 O A HOH 290 ? ? 1_454 1.87 
2 1 O A HOH 283 ? ? 1_555 O A HOH 290 ? ? 1_454 2.13 
3 1 O A HOH 295 ? ? 1_555 O A HOH 297 ? ? 1_556 2.17 
# 
_pdbx_validate_torsion.id              1 
_pdbx_validate_torsion.PDB_model_num   1 
_pdbx_validate_torsion.auth_comp_id    ASN 
_pdbx_validate_torsion.auth_asym_id    A 
_pdbx_validate_torsion.auth_seq_id     8 
_pdbx_validate_torsion.PDB_ins_code    ? 
_pdbx_validate_torsion.label_alt_id    ? 
_pdbx_validate_torsion.phi             -105.27 
_pdbx_validate_torsion.psi             76.07 
# 
loop_
_chem_comp_atom.comp_id 
_chem_comp_atom.atom_id 
_chem_comp_atom.type_symbol 
_chem_comp_atom.pdbx_aromatic_flag 
_chem_comp_atom.pdbx_stereo_config 
_chem_comp_atom.pdbx_ordinal 
ALA N    N  N N 1   
ALA CA   C  N S 2   
ALA C    C  N N 3   
ALA O    O  N N 4   
ALA CB   C  N N 5   
ALA OXT  O  N N 6   
ALA H    H  N N 7   
ALA H2   H  N N 8   
ALA HA   H  N N 9   
ALA HB1  H  N N 10  
ALA HB2  H  N N 11  
ALA HB3  H  N N 12  
ALA HXT  H  N N 13  
ASN N    N  N N 14  
ASN CA   C  N S 15  
ASN C    C  N N 16  
ASN O    O  N N 17  
ASN CB   C  N N 18  
ASN CG   C  N N 19  
ASN OD1  O  N N 20  
ASN ND2  N  N N 21  
ASN OXT  O  N N 22  
ASN H    H  N N 23  
ASN H2   H  N N 24  
ASN HA   H  N N 25  
ASN HB2  H  N N 26  
ASN HB3  H  N N 27  
ASN HD21 H  N N 28  
ASN HD22 H  N N 29  
ASN HXT  H  N N 30  
ASP N    N  N N 31  
ASP CA   C  N S 32  
ASP C    C  N N 33  
ASP O    O  N N 34  
ASP CB   C  N N 35  
ASP CG   C  N N 36  
ASP OD1  O  N N 37  
ASP OD2  O  N N 38  
ASP OXT  O  N N 39  
ASP H    H  N N 40  
ASP H2   H  N N 41  
ASP HA   H  N N 42  
ASP HB2  H  N N 43  
ASP HB3  H  N N 44  
ASP HD2  H  N N 45  
ASP HXT  H  N N 46  
GLN N    N  N N 47  
GLN CA   C  N S 48  
GLN C    C  N N 49  
GLN O    O  N N 50  
GLN CB   C  N N 51  
GLN CG   C  N N 52  
GLN CD   C  N N 53  
GLN OE1  O  N N 54  
GLN NE2  N  N N 55  
GLN OXT  O  N N 56  
GLN H    H  N N 57  
GLN H2   H  N N 58  
GLN HA   H  N N 59  
GLN HB2  H  N N 60  
GLN HB3  H  N N 61  
GLN HG2  H  N N 62  
GLN HG3  H  N N 63  
GLN HE21 H  N N 64  
GLN HE22 H  N N 65  
GLN HXT  H  N N 66  
GLU N    N  N N 67  
GLU CA   C  N S 68  
GLU C    C  N N 69  
GLU O    O  N N 70  
GLU CB   C  N N 71  
GLU CG   C  N N 72  
GLU CD   C  N N 73  
GLU OE1  O  N N 74  
GLU OE2  O  N N 75  
GLU OXT  O  N N 76  
GLU H    H  N N 77  
GLU H2   H  N N 78  
GLU HA   H  N N 79  
GLU HB2  H  N N 80  
GLU HB3  H  N N 81  
GLU HG2  H  N N 82  
GLU HG3  H  N N 83  
GLU HE2  H  N N 84  
GLU HXT  H  N N 85  
GLY N    N  N N 86  
GLY CA   C  N N 87  
GLY C    C  N N 88  
GLY O    O  N N 89  
GLY OXT  O  N N 90  
GLY H    H  N N 91  
GLY H2   H  N N 92  
GLY HA2  H  N N 93  
GLY HA3  H  N N 94  
GLY HXT  H  N N 95  
HOH O    O  N N 96  
HOH H1   H  N N 97  
HOH H2   H  N N 98  
ILE N    N  N N 99  
ILE CA   C  N S 100 
ILE C    C  N N 101 
ILE O    O  N N 102 
ILE CB   C  N S 103 
ILE CG1  C  N N 104 
ILE CG2  C  N N 105 
ILE CD1  C  N N 106 
ILE OXT  O  N N 107 
ILE H    H  N N 108 
ILE H2   H  N N 109 
ILE HA   H  N N 110 
ILE HB   H  N N 111 
ILE HG12 H  N N 112 
ILE HG13 H  N N 113 
ILE HG21 H  N N 114 
ILE HG22 H  N N 115 
ILE HG23 H  N N 116 
ILE HD11 H  N N 117 
ILE HD12 H  N N 118 
ILE HD13 H  N N 119 
ILE HXT  H  N N 120 
IMD N1   N  Y N 121 
IMD C2   C  Y N 122 
IMD N3   N  Y N 123 
IMD C4   C  Y N 124 
IMD C5   C  Y N 125 
IMD HN1  H  N N 126 
IMD H2   H  N N 127 
IMD HN3  H  N N 128 
IMD H4   H  N N 129 
IMD H5   H  N N 130 
LEU N    N  N N 131 
LEU CA   C  N S 132 
LEU C    C  N N 133 
LEU O    O  N N 134 
LEU CB   C  N N 135 
LEU CG   C  N N 136 
LEU CD1  C  N N 137 
LEU CD2  C  N N 138 
LEU OXT  O  N N 139 
LEU H    H  N N 140 
LEU H2   H  N N 141 
LEU HA   H  N N 142 
LEU HB2  H  N N 143 
LEU HB3  H  N N 144 
LEU HG   H  N N 145 
LEU HD11 H  N N 146 
LEU HD12 H  N N 147 
LEU HD13 H  N N 148 
LEU HD21 H  N N 149 
LEU HD22 H  N N 150 
LEU HD23 H  N N 151 
LEU HXT  H  N N 152 
LYS N    N  N N 153 
LYS CA   C  N S 154 
LYS C    C  N N 155 
LYS O    O  N N 156 
LYS CB   C  N N 157 
LYS CG   C  N N 158 
LYS CD   C  N N 159 
LYS CE   C  N N 160 
LYS NZ   N  N N 161 
LYS OXT  O  N N 162 
LYS H    H  N N 163 
LYS H2   H  N N 164 
LYS HA   H  N N 165 
LYS HB2  H  N N 166 
LYS HB3  H  N N 167 
LYS HG2  H  N N 168 
LYS HG3  H  N N 169 
LYS HD2  H  N N 170 
LYS HD3  H  N N 171 
LYS HE2  H  N N 172 
LYS HE3  H  N N 173 
LYS HZ1  H  N N 174 
LYS HZ2  H  N N 175 
LYS HZ3  H  N N 176 
LYS HXT  H  N N 177 
MPD C1   C  N N 178 
MPD C2   C  N N 179 
MPD O2   O  N N 180 
MPD CM   C  N N 181 
MPD C3   C  N N 182 
MPD C4   C  N S 183 
MPD O4   O  N N 184 
MPD C5   C  N N 185 
MPD H11  H  N N 186 
MPD H12  H  N N 187 
MPD H13  H  N N 188 
MPD HO2  H  N N 189 
MPD HM1  H  N N 190 
MPD HM2  H  N N 191 
MPD HM3  H  N N 192 
MPD H31  H  N N 193 
MPD H32  H  N N 194 
MPD H4   H  N N 195 
MPD HO4  H  N N 196 
MPD H51  H  N N 197 
MPD H52  H  N N 198 
MPD H53  H  N N 199 
MSE N    N  N N 200 
MSE CA   C  N S 201 
MSE C    C  N N 202 
MSE O    O  N N 203 
MSE OXT  O  N N 204 
MSE CB   C  N N 205 
MSE CG   C  N N 206 
MSE SE   SE N N 207 
MSE CE   C  N N 208 
MSE H    H  N N 209 
MSE H2   H  N N 210 
MSE HA   H  N N 211 
MSE HXT  H  N N 212 
MSE HB2  H  N N 213 
MSE HB3  H  N N 214 
MSE HG2  H  N N 215 
MSE HG3  H  N N 216 
MSE HE1  H  N N 217 
MSE HE2  H  N N 218 
MSE HE3  H  N N 219 
PHE N    N  N N 220 
PHE CA   C  N S 221 
PHE C    C  N N 222 
PHE O    O  N N 223 
PHE CB   C  N N 224 
PHE CG   C  Y N 225 
PHE CD1  C  Y N 226 
PHE CD2  C  Y N 227 
PHE CE1  C  Y N 228 
PHE CE2  C  Y N 229 
PHE CZ   C  Y N 230 
PHE OXT  O  N N 231 
PHE H    H  N N 232 
PHE H2   H  N N 233 
PHE HA   H  N N 234 
PHE HB2  H  N N 235 
PHE HB3  H  N N 236 
PHE HD1  H  N N 237 
PHE HD2  H  N N 238 
PHE HE1  H  N N 239 
PHE HE2  H  N N 240 
PHE HZ   H  N N 241 
PHE HXT  H  N N 242 
THR N    N  N N 243 
THR CA   C  N S 244 
THR C    C  N N 245 
THR O    O  N N 246 
THR CB   C  N R 247 
THR OG1  O  N N 248 
THR CG2  C  N N 249 
THR OXT  O  N N 250 
THR H    H  N N 251 
THR H2   H  N N 252 
THR HA   H  N N 253 
THR HB   H  N N 254 
THR HG1  H  N N 255 
THR HG21 H  N N 256 
THR HG22 H  N N 257 
THR HG23 H  N N 258 
THR HXT  H  N N 259 
TRP N    N  N N 260 
TRP CA   C  N S 261 
TRP C    C  N N 262 
TRP O    O  N N 263 
TRP CB   C  N N 264 
TRP CG   C  Y N 265 
TRP CD1  C  Y N 266 
TRP CD2  C  Y N 267 
TRP NE1  N  Y N 268 
TRP CE2  C  Y N 269 
TRP CE3  C  Y N 270 
TRP CZ2  C  Y N 271 
TRP CZ3  C  Y N 272 
TRP CH2  C  Y N 273 
TRP OXT  O  N N 274 
TRP H    H  N N 275 
TRP H2   H  N N 276 
TRP HA   H  N N 277 
TRP HB2  H  N N 278 
TRP HB3  H  N N 279 
TRP HD1  H  N N 280 
TRP HE1  H  N N 281 
TRP HE3  H  N N 282 
TRP HZ2  H  N N 283 
TRP HZ3  H  N N 284 
TRP HH2  H  N N 285 
TRP HXT  H  N N 286 
TYR N    N  N N 287 
TYR CA   C  N S 288 
TYR C    C  N N 289 
TYR O    O  N N 290 
TYR CB   C  N N 291 
TYR CG   C  Y N 292 
TYR CD1  C  Y N 293 
TYR CD2  C  Y N 294 
TYR CE1  C  Y N 295 
TYR CE2  C  Y N 296 
TYR CZ   C  Y N 297 
TYR OH   O  N N 298 
TYR OXT  O  N N 299 
TYR H    H  N N 300 
TYR H2   H  N N 301 
TYR HA   H  N N 302 
TYR HB2  H  N N 303 
TYR HB3  H  N N 304 
TYR HD1  H  N N 305 
TYR HD2  H  N N 306 
TYR HE1  H  N N 307 
TYR HE2  H  N N 308 
TYR HH   H  N N 309 
TYR HXT  H  N N 310 
VAL N    N  N N 311 
VAL CA   C  N S 312 
VAL C    C  N N 313 
VAL O    O  N N 314 
VAL CB   C  N N 315 
VAL CG1  C  N N 316 
VAL CG2  C  N N 317 
VAL OXT  O  N N 318 
VAL H    H  N N 319 
VAL H2   H  N N 320 
VAL HA   H  N N 321 
VAL HB   H  N N 322 
VAL HG11 H  N N 323 
VAL HG12 H  N N 324 
VAL HG13 H  N N 325 
VAL HG21 H  N N 326 
VAL HG22 H  N N 327 
VAL HG23 H  N N 328 
VAL HXT  H  N N 329 
# 
loop_
_chem_comp_bond.comp_id 
_chem_comp_bond.atom_id_1 
_chem_comp_bond.atom_id_2 
_chem_comp_bond.value_order 
_chem_comp_bond.pdbx_aromatic_flag 
_chem_comp_bond.pdbx_stereo_config 
_chem_comp_bond.pdbx_ordinal 
ALA N   CA   sing N N 1   
ALA N   H    sing N N 2   
ALA N   H2   sing N N 3   
ALA CA  C    sing N N 4   
ALA CA  CB   sing N N 5   
ALA CA  HA   sing N N 6   
ALA C   O    doub N N 7   
ALA C   OXT  sing N N 8   
ALA CB  HB1  sing N N 9   
ALA CB  HB2  sing N N 10  
ALA CB  HB3  sing N N 11  
ALA OXT HXT  sing N N 12  
ASN N   CA   sing N N 13  
ASN N   H    sing N N 14  
ASN N   H2   sing N N 15  
ASN CA  C    sing N N 16  
ASN CA  CB   sing N N 17  
ASN CA  HA   sing N N 18  
ASN C   O    doub N N 19  
ASN C   OXT  sing N N 20  
ASN CB  CG   sing N N 21  
ASN CB  HB2  sing N N 22  
ASN CB  HB3  sing N N 23  
ASN CG  OD1  doub N N 24  
ASN CG  ND2  sing N N 25  
ASN ND2 HD21 sing N N 26  
ASN ND2 HD22 sing N N 27  
ASN OXT HXT  sing N N 28  
ASP N   CA   sing N N 29  
ASP N   H    sing N N 30  
ASP N   H2   sing N N 31  
ASP CA  C    sing N N 32  
ASP CA  CB   sing N N 33  
ASP CA  HA   sing N N 34  
ASP C   O    doub N N 35  
ASP C   OXT  sing N N 36  
ASP CB  CG   sing N N 37  
ASP CB  HB2  sing N N 38  
ASP CB  HB3  sing N N 39  
ASP CG  OD1  doub N N 40  
ASP CG  OD2  sing N N 41  
ASP OD2 HD2  sing N N 42  
ASP OXT HXT  sing N N 43  
GLN N   CA   sing N N 44  
GLN N   H    sing N N 45  
GLN N   H2   sing N N 46  
GLN CA  C    sing N N 47  
GLN CA  CB   sing N N 48  
GLN CA  HA   sing N N 49  
GLN C   O    doub N N 50  
GLN C   OXT  sing N N 51  
GLN CB  CG   sing N N 52  
GLN CB  HB2  sing N N 53  
GLN CB  HB3  sing N N 54  
GLN CG  CD   sing N N 55  
GLN CG  HG2  sing N N 56  
GLN CG  HG3  sing N N 57  
GLN CD  OE1  doub N N 58  
GLN CD  NE2  sing N N 59  
GLN NE2 HE21 sing N N 60  
GLN NE2 HE22 sing N N 61  
GLN OXT HXT  sing N N 62  
GLU N   CA   sing N N 63  
GLU N   H    sing N N 64  
GLU N   H2   sing N N 65  
GLU CA  C    sing N N 66  
GLU CA  CB   sing N N 67  
GLU CA  HA   sing N N 68  
GLU C   O    doub N N 69  
GLU C   OXT  sing N N 70  
GLU CB  CG   sing N N 71  
GLU CB  HB2  sing N N 72  
GLU CB  HB3  sing N N 73  
GLU CG  CD   sing N N 74  
GLU CG  HG2  sing N N 75  
GLU CG  HG3  sing N N 76  
GLU CD  OE1  doub N N 77  
GLU CD  OE2  sing N N 78  
GLU OE2 HE2  sing N N 79  
GLU OXT HXT  sing N N 80  
GLY N   CA   sing N N 81  
GLY N   H    sing N N 82  
GLY N   H2   sing N N 83  
GLY CA  C    sing N N 84  
GLY CA  HA2  sing N N 85  
GLY CA  HA3  sing N N 86  
GLY C   O    doub N N 87  
GLY C   OXT  sing N N 88  
GLY OXT HXT  sing N N 89  
HOH O   H1   sing N N 90  
HOH O   H2   sing N N 91  
ILE N   CA   sing N N 92  
ILE N   H    sing N N 93  
ILE N   H2   sing N N 94  
ILE CA  C    sing N N 95  
ILE CA  CB   sing N N 96  
ILE CA  HA   sing N N 97  
ILE C   O    doub N N 98  
ILE C   OXT  sing N N 99  
ILE CB  CG1  sing N N 100 
ILE CB  CG2  sing N N 101 
ILE CB  HB   sing N N 102 
ILE CG1 CD1  sing N N 103 
ILE CG1 HG12 sing N N 104 
ILE CG1 HG13 sing N N 105 
ILE CG2 HG21 sing N N 106 
ILE CG2 HG22 sing N N 107 
ILE CG2 HG23 sing N N 108 
ILE CD1 HD11 sing N N 109 
ILE CD1 HD12 sing N N 110 
ILE CD1 HD13 sing N N 111 
ILE OXT HXT  sing N N 112 
IMD N1  C2   sing Y N 113 
IMD N1  C5   sing Y N 114 
IMD N1  HN1  sing N N 115 
IMD C2  N3   doub Y N 116 
IMD C2  H2   sing N N 117 
IMD N3  C4   sing Y N 118 
IMD N3  HN3  sing N N 119 
IMD C4  C5   doub Y N 120 
IMD C4  H4   sing N N 121 
IMD C5  H5   sing N N 122 
LEU N   CA   sing N N 123 
LEU N   H    sing N N 124 
LEU N   H2   sing N N 125 
LEU CA  C    sing N N 126 
LEU CA  CB   sing N N 127 
LEU CA  HA   sing N N 128 
LEU C   O    doub N N 129 
LEU C   OXT  sing N N 130 
LEU CB  CG   sing N N 131 
LEU CB  HB2  sing N N 132 
LEU CB  HB3  sing N N 133 
LEU CG  CD1  sing N N 134 
LEU CG  CD2  sing N N 135 
LEU CG  HG   sing N N 136 
LEU CD1 HD11 sing N N 137 
LEU CD1 HD12 sing N N 138 
LEU CD1 HD13 sing N N 139 
LEU CD2 HD21 sing N N 140 
LEU CD2 HD22 sing N N 141 
LEU CD2 HD23 sing N N 142 
LEU OXT HXT  sing N N 143 
LYS N   CA   sing N N 144 
LYS N   H    sing N N 145 
LYS N   H2   sing N N 146 
LYS CA  C    sing N N 147 
LYS CA  CB   sing N N 148 
LYS CA  HA   sing N N 149 
LYS C   O    doub N N 150 
LYS C   OXT  sing N N 151 
LYS CB  CG   sing N N 152 
LYS CB  HB2  sing N N 153 
LYS CB  HB3  sing N N 154 
LYS CG  CD   sing N N 155 
LYS CG  HG2  sing N N 156 
LYS CG  HG3  sing N N 157 
LYS CD  CE   sing N N 158 
LYS CD  HD2  sing N N 159 
LYS CD  HD3  sing N N 160 
LYS CE  NZ   sing N N 161 
LYS CE  HE2  sing N N 162 
LYS CE  HE3  sing N N 163 
LYS NZ  HZ1  sing N N 164 
LYS NZ  HZ2  sing N N 165 
LYS NZ  HZ3  sing N N 166 
LYS OXT HXT  sing N N 167 
MPD C1  C2   sing N N 168 
MPD C1  H11  sing N N 169 
MPD C1  H12  sing N N 170 
MPD C1  H13  sing N N 171 
MPD C2  O2   sing N N 172 
MPD C2  CM   sing N N 173 
MPD C2  C3   sing N N 174 
MPD O2  HO2  sing N N 175 
MPD CM  HM1  sing N N 176 
MPD CM  HM2  sing N N 177 
MPD CM  HM3  sing N N 178 
MPD C3  C4   sing N N 179 
MPD C3  H31  sing N N 180 
MPD C3  H32  sing N N 181 
MPD C4  O4   sing N N 182 
MPD C4  C5   sing N N 183 
MPD C4  H4   sing N N 184 
MPD O4  HO4  sing N N 185 
MPD C5  H51  sing N N 186 
MPD C5  H52  sing N N 187 
MPD C5  H53  sing N N 188 
MSE N   CA   sing N N 189 
MSE N   H    sing N N 190 
MSE N   H2   sing N N 191 
MSE CA  C    sing N N 192 
MSE CA  CB   sing N N 193 
MSE CA  HA   sing N N 194 
MSE C   O    doub N N 195 
MSE C   OXT  sing N N 196 
MSE OXT HXT  sing N N 197 
MSE CB  CG   sing N N 198 
MSE CB  HB2  sing N N 199 
MSE CB  HB3  sing N N 200 
MSE CG  SE   sing N N 201 
MSE CG  HG2  sing N N 202 
MSE CG  HG3  sing N N 203 
MSE SE  CE   sing N N 204 
MSE CE  HE1  sing N N 205 
MSE CE  HE2  sing N N 206 
MSE CE  HE3  sing N N 207 
PHE N   CA   sing N N 208 
PHE N   H    sing N N 209 
PHE N   H2   sing N N 210 
PHE CA  C    sing N N 211 
PHE CA  CB   sing N N 212 
PHE CA  HA   sing N N 213 
PHE C   O    doub N N 214 
PHE C   OXT  sing N N 215 
PHE CB  CG   sing N N 216 
PHE CB  HB2  sing N N 217 
PHE CB  HB3  sing N N 218 
PHE CG  CD1  doub Y N 219 
PHE CG  CD2  sing Y N 220 
PHE CD1 CE1  sing Y N 221 
PHE CD1 HD1  sing N N 222 
PHE CD2 CE2  doub Y N 223 
PHE CD2 HD2  sing N N 224 
PHE CE1 CZ   doub Y N 225 
PHE CE1 HE1  sing N N 226 
PHE CE2 CZ   sing Y N 227 
PHE CE2 HE2  sing N N 228 
PHE CZ  HZ   sing N N 229 
PHE OXT HXT  sing N N 230 
THR N   CA   sing N N 231 
THR N   H    sing N N 232 
THR N   H2   sing N N 233 
THR CA  C    sing N N 234 
THR CA  CB   sing N N 235 
THR CA  HA   sing N N 236 
THR C   O    doub N N 237 
THR C   OXT  sing N N 238 
THR CB  OG1  sing N N 239 
THR CB  CG2  sing N N 240 
THR CB  HB   sing N N 241 
THR OG1 HG1  sing N N 242 
THR CG2 HG21 sing N N 243 
THR CG2 HG22 sing N N 244 
THR CG2 HG23 sing N N 245 
THR OXT HXT  sing N N 246 
TRP N   CA   sing N N 247 
TRP N   H    sing N N 248 
TRP N   H2   sing N N 249 
TRP CA  C    sing N N 250 
TRP CA  CB   sing N N 251 
TRP CA  HA   sing N N 252 
TRP C   O    doub N N 253 
TRP C   OXT  sing N N 254 
TRP CB  CG   sing N N 255 
TRP CB  HB2  sing N N 256 
TRP CB  HB3  sing N N 257 
TRP CG  CD1  doub Y N 258 
TRP CG  CD2  sing Y N 259 
TRP CD1 NE1  sing Y N 260 
TRP CD1 HD1  sing N N 261 
TRP CD2 CE2  doub Y N 262 
TRP CD2 CE3  sing Y N 263 
TRP NE1 CE2  sing Y N 264 
TRP NE1 HE1  sing N N 265 
TRP CE2 CZ2  sing Y N 266 
TRP CE3 CZ3  doub Y N 267 
TRP CE3 HE3  sing N N 268 
TRP CZ2 CH2  doub Y N 269 
TRP CZ2 HZ2  sing N N 270 
TRP CZ3 CH2  sing Y N 271 
TRP CZ3 HZ3  sing N N 272 
TRP CH2 HH2  sing N N 273 
TRP OXT HXT  sing N N 274 
TYR N   CA   sing N N 275 
TYR N   H    sing N N 276 
TYR N   H2   sing N N 277 
TYR CA  C    sing N N 278 
TYR CA  CB   sing N N 279 
TYR CA  HA   sing N N 280 
TYR C   O    doub N N 281 
TYR C   OXT  sing N N 282 
TYR CB  CG   sing N N 283 
TYR CB  HB2  sing N N 284 
TYR CB  HB3  sing N N 285 
TYR CG  CD1  doub Y N 286 
TYR CG  CD2  sing Y N 287 
TYR CD1 CE1  sing Y N 288 
TYR CD1 HD1  sing N N 289 
TYR CD2 CE2  doub Y N 290 
TYR CD2 HD2  sing N N 291 
TYR CE1 CZ   doub Y N 292 
TYR CE1 HE1  sing N N 293 
TYR CE2 CZ   sing Y N 294 
TYR CE2 HE2  sing N N 295 
TYR CZ  OH   sing N N 296 
TYR OH  HH   sing N N 297 
TYR OXT HXT  sing N N 298 
VAL N   CA   sing N N 299 
VAL N   H    sing N N 300 
VAL N   H2   sing N N 301 
VAL CA  C    sing N N 302 
VAL CA  CB   sing N N 303 
VAL CA  HA   sing N N 304 
VAL C   O    doub N N 305 
VAL C   OXT  sing N N 306 
VAL CB  CG1  sing N N 307 
VAL CB  CG2  sing N N 308 
VAL CB  HB   sing N N 309 
VAL CG1 HG11 sing N N 310 
VAL CG1 HG12 sing N N 311 
VAL CG1 HG13 sing N N 312 
VAL CG2 HG21 sing N N 313 
VAL CG2 HG22 sing N N 314 
VAL CG2 HG23 sing N N 315 
VAL OXT HXT  sing N N 316 
# 
loop_
_pdbx_audit_support.funding_organization 
_pdbx_audit_support.country 
_pdbx_audit_support.grant_number 
_pdbx_audit_support.ordinal 
'National Institutes of Health/National Institute of General Medical Sciences (NIH/NIGMS)' 'United States' '5 P30 GM110758-02' 1 
'National Institutes of Health/National Institute of General Medical Sciences (NIH/NIGMS)' 'United States' '5 P20 GM104316'    2 
'National Science Foundation (NSF, United States)'                                         'United States' MCB-1616178         3 
# 
_pdbx_initial_refinement_model.id               1 
_pdbx_initial_refinement_model.entity_id_list   ? 
_pdbx_initial_refinement_model.type             'experimental model' 
_pdbx_initial_refinement_model.source_name      PDB 
_pdbx_initial_refinement_model.accession_code   2QMT 
_pdbx_initial_refinement_model.details          ? 
# 
_atom_sites.entry_id                    6CHE 
_atom_sites.fract_transf_matrix[1][1]   -0.00941451 
_atom_sites.fract_transf_matrix[1][2]   0.04501396 
_atom_sites.fract_transf_matrix[1][3]   0.00607140 
_atom_sites.fract_transf_matrix[2][1]   -0.00320124 
_atom_sites.fract_transf_matrix[2][2]   0.00292383 
_atom_sites.fract_transf_matrix[2][3]   -0.02664153 
_atom_sites.fract_transf_matrix[3][1]   -0.03643930 
_atom_sites.fract_transf_matrix[3][2]   0.00488972 
_atom_sites.fract_transf_matrix[3][3]   0.00491517 
_atom_sites.fract_transf_vector[1]      0.297890 
_atom_sites.fract_transf_vector[2]      0.228693 
_atom_sites.fract_transf_vector[3]      0.490371 
# 
loop_
_atom_type.symbol 
C  
H  
N  
O  
SE 
# 
loop_
_atom_site.group_PDB 
_atom_site.id 
_atom_site.type_symbol 
_atom_site.label_atom_id 
_atom_site.label_alt_id 
_atom_site.label_comp_id 
_atom_site.label_asym_id 
_atom_site.label_entity_id 
_atom_site.label_seq_id 
_atom_site.pdbx_PDB_ins_code 
_atom_site.Cartn_x 
_atom_site.Cartn_y 
_atom_site.Cartn_z 
_atom_site.occupancy 
_atom_site.B_iso_or_equiv 
_atom_site.pdbx_formal_charge 
_atom_site.auth_seq_id 
_atom_site.auth_comp_id 
_atom_site.auth_asym_id 
_atom_site.auth_atom_id 
_atom_site.pdbx_PDB_model_num 
ATOM   1    N  N    . GLY A 1 1  ? 9.501   -10.916 -1.892  1.00 10.66 ? 1   GLY A N    1 
ATOM   2    C  CA   . GLY A 1 1  ? 10.126  -9.657  -1.429  1.00 8.99  ? 1   GLY A CA   1 
ATOM   3    C  C    . GLY A 1 1  ? 9.257   -8.958  -0.410  1.00 6.91  ? 1   GLY A C    1 
ATOM   4    O  O    . GLY A 1 1  ? 8.092   -9.292  -0.253  1.00 7.49  ? 1   GLY A O    1 
ATOM   5    H  H1   . GLY A 1 1  ? 10.020  -11.297 -2.507  1.00 12.80 ? 1   GLY A H1   1 
ATOM   6    H  H2   . GLY A 1 1  ? 9.402   -11.470 -1.203  1.00 12.80 ? 1   GLY A H2   1 
ATOM   7    H  H3   . GLY A 1 1  ? 8.703   -10.738 -2.247  1.00 12.80 ? 1   GLY A H3   1 
ATOM   8    H  HA2  . GLY A 1 1  ? 10.986  -9.851  -1.024  1.00 10.80 ? 1   GLY A HA2  1 
ATOM   9    H  HA3  . GLY A 1 1  ? 10.260  -9.062  -2.183  1.00 10.80 ? 1   GLY A HA3  1 
ATOM   10   N  N    . GLN A 1 2  ? 9.846   -7.995  0.292   1.00 6.15  ? 2   GLN A N    1 
ATOM   11   C  CA   . GLN A 1 2  ? 9.130   -7.205  1.283   1.00 5.82  ? 2   GLN A CA   1 
ATOM   12   C  C    . GLN A 1 2  ? 8.692   -5.898  0.639   1.00 5.70  ? 2   GLN A C    1 
ATOM   13   O  O    . GLN A 1 2  ? 9.525   -5.079  0.240   1.00 7.25  ? 2   GLN A O    1 
ATOM   14   C  CB   . GLN A 1 2  ? 9.984   -6.909  2.513   1.00 7.98  ? 2   GLN A CB   1 
ATOM   15   C  CG   . GLN A 1 2  ? 9.176   -6.212  3.597   1.00 12.30 ? 2   GLN A CG   1 
ATOM   16   C  CD   . GLN A 1 2  ? 9.959   -6.016  4.869   1.00 17.71 ? 2   GLN A CD   1 
ATOM   17   O  OE1  . GLN A 1 2  ? 10.012  -6.905  5.717   1.00 20.86 ? 2   GLN A OE1  1 
ATOM   18   N  NE2  . GLN A 1 2  ? 10.577  -4.851  5.012   1.00 20.03 ? 2   GLN A NE2  1 
ATOM   19   H  H    . GLN A 1 2  ? 10.674  -7.778  0.207   1.00 7.39  ? 2   GLN A H    1 
ATOM   20   H  HA   . GLN A 1 2  ? 8.353   -7.708  1.572   1.00 6.99  ? 2   GLN A HA   1 
ATOM   21   H  HB2  . GLN A 1 2  ? 10.325  -7.742  2.874   1.00 9.58  ? 2   GLN A HB2  1 
ATOM   22   H  HB3  . GLN A 1 2  ? 10.720  -6.331  2.260   1.00 9.58  ? 2   GLN A HB3  1 
ATOM   23   H  HG2  . GLN A 1 2  ? 8.901   -5.338  3.276   1.00 14.77 ? 2   GLN A HG2  1 
ATOM   24   H  HG3  . GLN A 1 2  ? 8.395   -6.749  3.805   1.00 14.77 ? 2   GLN A HG3  1 
ATOM   25   H  HE21 . GLN A 1 2  ? 10.517  -4.254  4.396   1.00 24.05 ? 2   GLN A HE21 1 
ATOM   26   H  HE22 . GLN A 1 2  ? 11.036  -4.692  5.721   1.00 24.05 ? 2   GLN A HE22 1 
ATOM   27   N  N    . TYR A 1 3  ? 7.390   -5.704  0.547   1.00 4.36  ? 3   TYR A N    1 
ATOM   28   C  CA   . TYR A 1 3  ? 6.790   -4.504  -0.005  1.00 3.95  ? 3   TYR A CA   1 
ATOM   29   C  C    . TYR A 1 3  ? 6.218   -3.656  1.118   1.00 4.21  ? 3   TYR A C    1 
ATOM   30   O  O    . TYR A 1 3  ? 5.783   -4.177  2.144   1.00 5.03  ? 3   TYR A O    1 
ATOM   31   C  CB   . TYR A 1 3  ? 5.691   -4.896  -1.010  1.00 4.24  ? 3   TYR A CB   1 
ATOM   32   C  CG   . TYR A 1 3  ? 6.278   -5.583  -2.229  1.00 4.39  ? 3   TYR A CG   1 
ATOM   33   C  CD1  . TYR A 1 3  ? 6.545   -4.881  -3.388  1.00 4.93  ? 3   TYR A CD1  1 
ATOM   34   C  CD2  . TYR A 1 3  ? 6.580   -6.929  -2.210  1.00 5.16  ? 3   TYR A CD2  1 
ATOM   35   C  CE1  . TYR A 1 3  ? 7.111   -5.498  -4.490  1.00 6.26  ? 3   TYR A CE1  1 
ATOM   36   C  CE2  . TYR A 1 3  ? 7.139   -7.545  -3.312  1.00 6.31  ? 3   TYR A CE2  1 
ATOM   37   C  CZ   . TYR A 1 3  ? 7.421   -6.819  -4.437  1.00 7.42  ? 3   TYR A CZ   1 
ATOM   38   O  OH   . TYR A 1 3  ? 8.000   -7.427  -5.518  1.00 9.55  ? 3   TYR A OH   1 
ATOM   39   H  H    . TYR A 1 3  ? 6.809   -6.280  0.810   1.00 5.23  ? 3   TYR A H    1 
ATOM   40   H  HA   . TYR A 1 3  ? 7.450   -3.964  -0.466  1.00 4.75  ? 3   TYR A HA   1 
ATOM   41   H  HB2  . TYR A 1 3  ? 5.069   -5.506  -0.584  1.00 5.10  ? 3   TYR A HB2  1 
ATOM   42   H  HB3  . TYR A 1 3  ? 5.224   -4.098  -1.303  1.00 5.10  ? 3   TYR A HB3  1 
ATOM   43   H  HD1  . TYR A 1 3  ? 6.341   -3.974  -3.430  1.00 5.93  ? 3   TYR A HD1  1 
ATOM   44   H  HD2  . TYR A 1 3  ? 6.405   -7.429  -1.444  1.00 6.21  ? 3   TYR A HD2  1 
ATOM   45   H  HE1  . TYR A 1 3  ? 7.278   -5.011  -5.263  1.00 7.52  ? 3   TYR A HE1  1 
ATOM   46   H  HE2  . TYR A 1 3  ? 7.325   -8.455  -3.290  1.00 7.58  ? 3   TYR A HE2  1 
ATOM   47   H  HH   . TYR A 1 3  ? 8.172   -8.230  -5.338  1.00 11.47 ? 3   TYR A HH   1 
ATOM   48   N  N    . LYS A 1 4  ? 6.205   -2.346  0.903   1.00 4.19  ? 4   LYS A N    1 
ATOM   49   C  CA   . LYS A 1 4  ? 5.796   -1.393  1.920   1.00 4.15  ? 4   LYS A CA   1 
ATOM   50   C  C    . LYS A 1 4  ? 4.644   -0.544  1.426   1.00 3.61  ? 4   LYS A C    1 
ATOM   51   O  O    . LYS A 1 4  ? 4.598   -0.163  0.256   1.00 4.13  ? 4   LYS A O    1 
ATOM   52   C  CB   . LYS A 1 4  ? 6.971   -0.486  2.292   1.00 5.53  ? 4   LYS A CB   1 
ATOM   53   C  CG   . LYS A 1 4  ? 6.685   0.537   3.376   1.00 8.08  ? 4   LYS A CG   1 
ATOM   54   C  CD   . LYS A 1 4  ? 7.936   1.329   3.736   1.00 13.11 ? 4   LYS A CD   1 
ATOM   55   C  CE   . LYS A 1 4  ? 7.712   2.220   4.957   1.00 20.97 ? 4   LYS A CE   1 
ATOM   56   N  NZ   . LYS A 1 4  ? 8.907   3.045   5.260   1.00 25.91 ? 4   LYS A NZ   1 
ATOM   57   H  H    . LYS A 1 4  ? 6.434   -1.982  0.159   1.00 5.04  ? 4   LYS A H    1 
ATOM   58   H  HA   . LYS A 1 4  ? 5.491   -1.874  2.706   1.00 4.99  ? 4   LYS A HA   1 
ATOM   59   H  HB2  . LYS A 1 4  ? 7.700   -1.044  2.605   1.00 6.64  ? 4   LYS A HB2  1 
ATOM   60   H  HB3  . LYS A 1 4  ? 7.243   0.001   1.498   1.00 6.64  ? 4   LYS A HB3  1 
ATOM   61   H  HG2  . LYS A 1 4  ? 6.010   1.158   3.061   1.00 9.70  ? 4   LYS A HG2  1 
ATOM   62   H  HG3  . LYS A 1 4  ? 6.371   0.083   4.173   1.00 9.70  ? 4   LYS A HG3  1 
ATOM   63   H  HD2  . LYS A 1 4  ? 8.658   0.714   3.937   1.00 15.74 ? 4   LYS A HD2  1 
ATOM   64   H  HD3  . LYS A 1 4  ? 8.183   1.896   2.987   1.00 15.74 ? 4   LYS A HD3  1 
ATOM   65   H  HE2  . LYS A 1 4  ? 6.967   2.817   4.786   1.00 25.17 ? 4   LYS A HE2  1 
ATOM   66   H  HE3  . LYS A 1 4  ? 7.523   1.664   5.728   1.00 25.17 ? 4   LYS A HE3  1 
ATOM   67   H  HZ1  . LYS A 1 4  ? 9.640   2.538   5.240   1.00 31.10 ? 4   LYS A HZ1  1 
ATOM   68   H  HZ2  . LYS A 1 4  ? 8.990   3.694   4.658   1.00 31.10 ? 4   LYS A HZ2  1 
ATOM   69   H  HZ3  . LYS A 1 4  ? 8.829   3.408   6.068   1.00 31.10 ? 4   LYS A HZ3  1 
ATOM   70   N  N    . LEU A 1 5  ? 3.732   -0.232  2.339   1.00 3.65  ? 5   LEU A N    1 
ATOM   71   C  CA   . LEU A 1 5  ? 2.633   0.692   2.114   1.00 3.53  ? 5   LEU A CA   1 
ATOM   72   C  C    . LEU A 1 5  ? 2.778   1.842   3.095   1.00 3.66  ? 5   LEU A C    1 
ATOM   73   O  O    . LEU A 1 5  ? 2.796   1.624   4.308   1.00 4.70  ? 5   LEU A O    1 
ATOM   74   C  CB   . LEU A 1 5  ? 1.291   -0.003  2.335   1.00 4.07  ? 5   LEU A CB   1 
ATOM   75   C  CG   . LEU A 1 5  ? 0.057   0.901   2.293   1.00 5.04  ? 5   LEU A CG   1 
ATOM   76   C  CD1  . LEU A 1 5  ? -0.134  1.506   0.918   1.00 6.66  ? 5   LEU A CD1  1 
ATOM   77   C  CD2  . LEU A 1 5  ? -1.172  0.133   2.742   1.00 5.59  ? 5   LEU A CD2  1 
ATOM   78   H  H    . LEU A 1 5  ? 3.732   -0.561  3.133   1.00 4.39  ? 5   LEU A H    1 
ATOM   79   H  HA   . LEU A 1 5  ? 2.667   1.032   1.206   1.00 4.25  ? 5   LEU A HA   1 
ATOM   80   H  HB2  . LEU A 1 5  ? 1.180   -0.674  1.643   1.00 4.89  ? 5   LEU A HB2  1 
ATOM   81   H  HB3  . LEU A 1 5  ? 1.309   -0.427  3.207   1.00 4.89  ? 5   LEU A HB3  1 
ATOM   82   H  HG   . LEU A 1 5  ? 0.185   1.640   2.908   1.00 6.06  ? 5   LEU A HG   1 
ATOM   83   H  HD11 . LEU A 1 5  ? -0.944  2.039   0.916   1.00 8.00  ? 5   LEU A HD11 1 
ATOM   84   H  HD12 . LEU A 1 5  ? 0.630   2.065   0.710   1.00 8.00  ? 5   LEU A HD12 1 
ATOM   85   H  HD13 . LEU A 1 5  ? -0.207  0.790   0.266   1.00 8.00  ? 5   LEU A HD13 1 
ATOM   86   H  HD21 . LEU A 1 5  ? -1.948  0.711   2.676   1.00 6.71  ? 5   LEU A HD21 1 
ATOM   87   H  HD22 . LEU A 1 5  ? -1.287  -0.641  2.169   1.00 6.71  ? 5   LEU A HD22 1 
ATOM   88   H  HD23 . LEU A 1 5  ? -1.048  -0.152  3.661   1.00 6.71  ? 5   LEU A HD23 1 
ATOM   89   N  N    . ILE A 1 6  ? 2.894   3.054   2.559   1.00 3.60  ? 6   ILE A N    1 
ATOM   90   C  CA   . ILE A 1 6  ? 2.827   4.305   3.307   1.00 3.59  ? 6   ILE A CA   1 
ATOM   91   C  C    . ILE A 1 6  ? 1.442   4.865   3.025   1.00 3.70  ? 6   ILE A C    1 
ATOM   92   O  O    . ILE A 1 6  ? 1.135   5.246   1.890   1.00 4.74  ? 6   ILE A O    1 
ATOM   93   C  CB   . ILE A 1 6  ? 3.933   5.279   2.878   1.00 4.67  ? 6   ILE A CB   1 
ATOM   94   C  CG1  . ILE A 1 6  ? 5.310   4.673   3.121   1.00 6.77  ? 6   ILE A CG1  1 
ATOM   95   C  CG2  . ILE A 1 6  ? 3.760   6.607   3.596   1.00 5.96  ? 6   ILE A CG2  1 
ATOM   96   C  CD1  . ILE A 1 6  ? 6.445   5.488   2.564   1.00 8.84  ? 6   ILE A CD1  1 
ATOM   97   H  H    . ILE A 1 6  ? 3.018   3.181   1.718   1.00 4.33  ? 6   ILE A H    1 
ATOM   98   H  HA   . ILE A 1 6  ? 2.931   4.150   4.258   1.00 4.32  ? 6   ILE A HA   1 
ATOM   99   H  HB   . ILE A 1 6  ? 3.860   5.442   1.925   1.00 5.61  ? 6   ILE A HB   1 
ATOM   100  H  HG12 . ILE A 1 6  ? 5.449   4.589   4.077   1.00 8.13  ? 6   ILE A HG12 1 
ATOM   101  H  HG13 . ILE A 1 6  ? 5.343   3.798   2.703   1.00 8.13  ? 6   ILE A HG13 1 
ATOM   102  H  HG21 . ILE A 1 6  ? 4.501   7.188   3.367   1.00 7.16  ? 6   ILE A HG21 1 
ATOM   103  H  HG22 . ILE A 1 6  ? 2.924   7.011   3.315   1.00 7.16  ? 6   ILE A HG22 1 
ATOM   104  H  HG23 . ILE A 1 6  ? 3.745   6.449   4.553   1.00 7.16  ? 6   ILE A HG23 1 
ATOM   105  H  HD11 . ILE A 1 6  ? 7.264   4.971   2.621   1.00 10.62 ? 6   ILE A HD11 1 
ATOM   106  H  HD12 . ILE A 1 6  ? 6.253   5.703   1.638   1.00 10.62 ? 6   ILE A HD12 1 
ATOM   107  H  HD13 . ILE A 1 6  ? 6.532   6.304   3.082   1.00 10.62 ? 6   ILE A HD13 1 
ATOM   108  N  N    . LEU A 1 7  ? 0.580   4.868   4.027   1.00 4.17  ? 7   LEU A N    1 
ATOM   109  C  CA   . LEU A 1 7  ? -0.819  5.238   3.859   1.00 6.26  ? 7   LEU A CA   1 
ATOM   110  C  C    . LEU A 1 7  ? -1.039  6.579   4.532   1.00 6.34  ? 7   LEU A C    1 
ATOM   111  O  O    . LEU A 1 7  ? -0.992  6.685   5.762   1.00 7.76  ? 7   LEU A O    1 
ATOM   112  C  CB   . LEU A 1 7  ? -1.726  4.171   4.462   1.00 9.89  ? 7   LEU A CB   1 
ATOM   113  C  CG   . LEU A 1 7  ? -3.223  4.470   4.362   1.00 15.16 ? 7   LEU A CG   1 
ATOM   114  C  CD1  . LEU A 1 7  ? -3.632  4.673   2.925   1.00 17.11 ? 7   LEU A CD1  1 
ATOM   115  C  CD2  . LEU A 1 7  ? -4.007  3.319   5.007   1.00 18.09 ? 7   LEU A CD2  1 
ATOM   116  H  H    . LEU A 1 7  ? 0.786   4.654   4.834   1.00 5.02  ? 7   LEU A H    1 
ATOM   117  H  HA   . LEU A 1 7  ? -1.024  5.329   2.916   1.00 7.52  ? 7   LEU A HA   1 
ATOM   118  H  HB2  . LEU A 1 7  ? -1.564  3.334   4.000   1.00 11.88 ? 7   LEU A HB2  1 
ATOM   119  H  HB3  . LEU A 1 7  ? -1.509  4.079   5.403   1.00 11.88 ? 7   LEU A HB3  1 
ATOM   120  H  HG   . LEU A 1 7  ? -3.430  5.291   4.833   1.00 18.20 ? 7   LEU A HG   1 
ATOM   121  H  HD11 . LEU A 1 7  ? -4.601  4.686   2.871   1.00 20.53 ? 7   LEU A HD11 1 
ATOM   122  H  HD12 . LEU A 1 7  ? -3.273  5.518   2.610   1.00 20.53 ? 7   LEU A HD12 1 
ATOM   123  H  HD13 . LEU A 1 7  ? -3.281  3.946   2.389   1.00 20.53 ? 7   LEU A HD13 1 
ATOM   124  H  HD21 . LEU A 1 7  ? -4.955  3.524   4.972   1.00 21.72 ? 7   LEU A HD21 1 
ATOM   125  H  HD22 . LEU A 1 7  ? -3.827  2.501   4.518   1.00 21.72 ? 7   LEU A HD22 1 
ATOM   126  H  HD23 . LEU A 1 7  ? -3.724  3.222   5.929   1.00 21.72 ? 7   LEU A HD23 1 
ATOM   127  N  N    . ASN A 1 8  ? -1.296  7.600   3.729   1.00 6.26  ? 8   ASN A N    1 
ATOM   128  C  CA   . ASN A 1 8  ? -1.589  8.942   4.215   1.00 7.08  ? 8   ASN A CA   1 
ATOM   129  C  C    . ASN A 1 8  ? -3.090  9.164   4.042   1.00 7.28  ? 8   ASN A C    1 
ATOM   130  O  O    . ASN A 1 8  ? -3.540  9.844   3.117   1.00 6.61  ? 8   ASN A O    1 
ATOM   131  C  CB   . ASN A 1 8  ? -0.796  9.960   3.431   1.00 7.26  ? 8   ASN A CB   1 
ATOM   132  C  CG   . ASN A 1 8  ? 0.696   9.696   3.465   1.00 7.91  ? 8   ASN A CG   1 
ATOM   133  O  OD1  . ASN A 1 8  ? 1.249   9.379   4.525   1.00 10.05 ? 8   ASN A OD1  1 
ATOM   134  N  ND2  . ASN A 1 8  ? 1.353   9.797   2.309   1.00 7.93  ? 8   ASN A ND2  1 
ATOM   135  H  H    . ASN A 1 8  ? -1.306  7.537   2.871   1.00 7.52  ? 8   ASN A H    1 
ATOM   136  H  HA   . ASN A 1 8  ? -1.357  9.012   5.154   1.00 8.51  ? 8   ASN A HA   1 
ATOM   137  H  HB2  . ASN A 1 8  ? -1.083  9.939   2.504   1.00 8.72  ? 8   ASN A HB2  1 
ATOM   138  H  HB3  . ASN A 1 8  ? -0.954  10.841  3.807   1.00 8.72  ? 8   ASN A HB3  1 
ATOM   139  H  HD21 . ASN A 1 8  ? 2.201   9.655   2.283   1.00 9.52  ? 8   ASN A HD21 1 
ATOM   140  H  HD22 . ASN A 1 8  ? 0.930   10.006  1.591   1.00 9.52  ? 8   ASN A HD22 1 
ATOM   141  N  N    . GLY A 1 9  ? -3.875  8.556   4.933   1.00 8.11  ? 9   GLY A N    1 
ATOM   142  C  CA   . GLY A 1 9  ? -5.313  8.680   4.904   1.00 8.75  ? 9   GLY A CA   1 
ATOM   143  C  C    . GLY A 1 9  ? -5.817  9.784   5.814   1.00 11.83 ? 9   GLY A C    1 
ATOM   144  O  O    . GLY A 1 9  ? -5.084  10.365  6.608   1.00 13.59 ? 9   GLY A O    1 
ATOM   145  H  H    . GLY A 1 9  ? -3.582  8.060   5.572   1.00 9.75  ? 9   GLY A H    1 
ATOM   146  H  HA2  . GLY A 1 9  ? -5.600  8.876   3.998   1.00 10.51 ? 9   GLY A HA2  1 
ATOM   147  H  HA3  . GLY A 1 9  ? -5.713  7.843   5.187   1.00 10.51 ? 9   GLY A HA3  1 
ATOM   148  N  N    . LYS A 1 10 ? -7.116  10.054  5.684   1.00 15.03 ? 10  LYS A N    1 
ATOM   149  C  CA   . LYS A 1 10 ? -7.741  11.082  6.505   1.00 18.38 ? 10  LYS A CA   1 
ATOM   150  C  C    . LYS A 1 10 ? -8.068  10.574  7.908   1.00 18.41 ? 10  LYS A C    1 
ATOM   151  O  O    . LYS A 1 10 ? -8.000  11.347  8.874   1.00 22.07 ? 10  LYS A O    1 
ATOM   152  C  CB   . LYS A 1 10 ? -9.018  11.587  5.832   1.00 21.44 ? 10  LYS A CB   1 
ATOM   153  C  CG   . LYS A 1 10 ? -8.812  12.316  4.511   1.00 25.47 ? 10  LYS A CG   1 
ATOM   154  C  CD   . LYS A 1 10 ? -7.830  13.464  4.672   1.00 30.86 ? 10  LYS A CD   1 
ATOM   155  C  CE   . LYS A 1 10 ? -8.268  14.437  5.748   1.00 35.51 ? 10  LYS A CE   1 
ATOM   156  N  NZ   . LYS A 1 10 ? -7.115  15.316  6.149   1.00 38.37 ? 10  LYS A NZ   1 
ATOM   157  H  H    . LYS A 1 10 ? -7.650  9.661   5.136   1.00 18.05 ? 10  LYS A H    1 
ATOM   158  H  HA   . LYS A 1 10 ? -7.119  11.821  6.587   1.00 22.07 ? 10  LYS A HA   1 
ATOM   159  H  HB2  . LYS A 1 10 ? -9.592  10.826  5.656   1.00 25.73 ? 10  LYS A HB2  1 
ATOM   160  H  HB3  . LYS A 1 10 ? -9.459  12.203  6.437   1.00 25.73 ? 10  LYS A HB3  1 
ATOM   161  H  HG2  . LYS A 1 10 ? -8.456  11.698  3.854   1.00 30.57 ? 10  LYS A HG2  1 
ATOM   162  H  HG3  . LYS A 1 10 ? -9.659  12.676  4.205   1.00 30.57 ? 10  LYS A HG3  1 
ATOM   163  H  HD2  . LYS A 1 10 ? -6.962  13.110  4.919   1.00 37.05 ? 10  LYS A HD2  1 
ATOM   164  H  HD3  . LYS A 1 10 ? -7.765  13.949  3.834   1.00 37.05 ? 10  LYS A HD3  1 
ATOM   165  H  HE2  . LYS A 1 10 ? -8.983  14.998  5.410   1.00 42.62 ? 10  LYS A HE2  1 
ATOM   166  H  HE3  . LYS A 1 10 ? -8.572  13.947  6.528   1.00 42.62 ? 10  LYS A HE3  1 
ATOM   167  H  HZ1  . LYS A 1 10 ? -6.399  14.817  6.327   1.00 46.05 ? 10  LYS A HZ1  1 
ATOM   168  H  HZ2  . LYS A 1 10 ? -6.916  15.878  5.488   1.00 46.05 ? 10  LYS A HZ2  1 
ATOM   169  H  HZ3  . LYS A 1 10 ? -7.327  15.785  6.875   1.00 46.05 ? 10  LYS A HZ3  1 
ATOM   170  N  N    . THR A 1 11 ? -8.442  9.296   8.047   1.00 16.87 ? 11  THR A N    1 
ATOM   171  C  CA   . THR A 1 11 ? -8.753  8.719   9.353   1.00 16.44 ? 11  THR A CA   1 
ATOM   172  C  C    . THR A 1 11 ? -7.919  7.492   9.703   1.00 15.14 ? 11  THR A C    1 
ATOM   173  O  O    . THR A 1 11 ? -8.034  6.986   10.835  1.00 16.59 ? 11  THR A O    1 
ATOM   174  C  CB   . THR A 1 11 ? -10.243 8.342   9.429   1.00 18.35 ? 11  THR A CB   1 
ATOM   175  O  OG1  . THR A 1 11 ? -10.495 7.232   8.567   1.00 20.59 ? 11  THR A OG1  1 
ATOM   176  C  CG2  . THR A 1 11 ? -11.121 9.519   9.020   1.00 20.27 ? 11  THR A CG2  1 
ATOM   177  H  H    . THR A 1 11 ? -8.522  8.744   7.393   1.00 20.25 ? 11  THR A H    1 
ATOM   178  H  HA   . THR A 1 11 ? -8.578  9.392   10.029  1.00 19.73 ? 11  THR A HA   1 
ATOM   179  H  HB   . THR A 1 11 ? -10.472 8.102   10.340  1.00 22.02 ? 11  THR A HB   1 
ATOM   180  H  HG1  . THR A 1 11 ? -11.304 7.011   8.612   1.00 24.71 ? 11  THR A HG1  1 
ATOM   181  H  HG21 . THR A 1 11 ? -12.055 9.308   9.180   1.00 24.33 ? 11  THR A HG21 1 
ATOM   182  H  HG22 . THR A 1 11 ? -10.883 10.305  9.534   1.00 24.33 ? 11  THR A HG22 1 
ATOM   183  H  HG23 . THR A 1 11 ? -10.999 9.711   8.077   1.00 24.33 ? 11  THR A HG23 1 
ATOM   184  N  N    . LEU A 1 12 ? -7.095  7.010   8.778   1.00 12.97 ? 12  LEU A N    1 
ATOM   185  C  CA   . LEU A 1 12 ? -6.169  5.909   8.973   1.00 11.02 ? 12  LEU A CA   1 
ATOM   186  C  C    . LEU A 1 12 ? -4.869  6.354   8.325   1.00 9.16  ? 12  LEU A C    1 
ATOM   187  O  O    . LEU A 1 12 ? -4.871  6.782   7.166   1.00 11.46 ? 12  LEU A O    1 
ATOM   188  C  CB   . LEU A 1 12 ? -6.697  4.658   8.270   1.00 13.05 ? 12  LEU A CB   1 
ATOM   189  C  CG   . LEU A 1 12 ? -5.865  3.382   8.404   1.00 14.72 ? 12  LEU A CG   1 
ATOM   190  C  CD1  . LEU A 1 12 ? -5.740  2.935   9.855   1.00 17.00 ? 12  LEU A CD1  1 
ATOM   191  C  CD2  . LEU A 1 12 ? -6.467  2.253   7.566   1.00 14.99 ? 12  LEU A CD2  1 
ATOM   192  H  H    . LEU A 1 12 ? -7.053  7.329   7.981   1.00 15.57 ? 12  LEU A H    1 
ATOM   193  H  HA   . LEU A 1 12 ? -6.030  5.698   9.909   1.00 13.23 ? 12  LEU A HA   1 
ATOM   194  H  HB2  . LEU A 1 12 ? -7.576  4.461   8.632   1.00 15.67 ? 12  LEU A HB2  1 
ATOM   195  H  HB3  . LEU A 1 12 ? -6.765  4.853   7.323   1.00 15.67 ? 12  LEU A HB3  1 
ATOM   196  H  HG   . LEU A 1 12 ? -4.973  3.576   8.076   1.00 17.67 ? 12  LEU A HG   1 
ATOM   197  H  HD11 . LEU A 1 12 ? -5.254  2.097   9.887   1.00 20.41 ? 12  LEU A HD11 1 
ATOM   198  H  HD12 . LEU A 1 12 ? -5.260  3.615   10.354  1.00 20.41 ? 12  LEU A HD12 1 
ATOM   199  H  HD13 . LEU A 1 12 ? -6.628  2.817   10.227  1.00 20.41 ? 12  LEU A HD13 1 
ATOM   200  H  HD21 . LEU A 1 12 ? -5.927  1.454   7.677   1.00 18.00 ? 12  LEU A HD21 1 
ATOM   201  H  HD22 . LEU A 1 12 ? -7.374  2.084   7.868   1.00 18.00 ? 12  LEU A HD22 1 
ATOM   202  H  HD23 . LEU A 1 12 ? -6.474  2.521   6.634   1.00 18.00 ? 12  LEU A HD23 1 
ATOM   203  N  N    . LYS A 1 13 ? -3.775  6.276   9.069   1.00 6.53  ? 13  LYS A N    1 
ATOM   204  C  CA   . LYS A 1 13 ? -2.463  6.609   8.547   1.00 5.92  ? 13  LYS A CA   1 
ATOM   205  C  C    . LYS A 1 13 ? -1.486  5.587   9.079   1.00 5.27  ? 13  LYS A C    1 
ATOM   206  O  O    . LYS A 1 13 ? -1.690  5.044   10.162  1.00 7.02  ? 13  LYS A O    1 
ATOM   207  C  CB   . LYS A 1 13 ? -2.040  8.010   9.000   1.00 8.36  ? 13  LYS A CB   1 
ATOM   208  C  CG   . LYS A 1 13 ? -0.726  8.494   8.426   1.00 10.28 ? 13  LYS A CG   1 
ATOM   209  C  CD   . LYS A 1 13 ? -0.403  9.941   8.786   1.00 12.35 ? 13  LYS A CD   1 
ATOM   210  C  CE   . LYS A 1 13 ? 0.932   10.296  8.160   1.00 15.45 ? 13  LYS A CE   1 
ATOM   211  N  NZ   . LYS A 1 13 ? 1.372   11.654  8.491   1.00 16.23 ? 13  LYS A NZ   1 
ATOM   212  H  H    . LYS A 1 13 ? -3.769  6.027   9.892   1.00 7.85  ? 13  LYS A H    1 
ATOM   213  H  HA   . LYS A 1 13 ? -2.456  6.585   7.577   1.00 7.11  ? 13  LYS A HA   1 
ATOM   214  H  HB2  . LYS A 1 13 ? -2.726  8.641   8.731   1.00 10.04 ? 13  LYS A HB2  1 
ATOM   215  H  HB3  . LYS A 1 13 ? -1.952  8.007   9.966   1.00 10.04 ? 13  LYS A HB3  1 
ATOM   216  H  HG2  . LYS A 1 13 ? -0.010  7.936   8.767   1.00 12.35 ? 13  LYS A HG2  1 
ATOM   217  H  HG3  . LYS A 1 13 ? -0.766  8.431   7.459   1.00 12.35 ? 13  LYS A HG3  1 
ATOM   218  H  HD2  . LYS A 1 13 ? -1.086  10.534  8.437   1.00 14.83 ? 13  LYS A HD2  1 
ATOM   219  H  HD3  . LYS A 1 13 ? -0.339  10.040  9.750   1.00 14.83 ? 13  LYS A HD3  1 
ATOM   220  H  HE2  . LYS A 1 13 ? 1.607   9.677   8.481   1.00 18.55 ? 13  LYS A HE2  1 
ATOM   221  H  HE3  . LYS A 1 13 ? 0.855   10.233  7.195   1.00 18.55 ? 13  LYS A HE3  1 
ATOM   222  H  HZ1  . LYS A 1 13 ? 2.168   11.813  8.126   1.00 19.48 ? 13  LYS A HZ1  1 
ATOM   223  H  HZ2  . LYS A 1 13 ? 0.787   12.247  8.178   1.00 19.48 ? 13  LYS A HZ2  1 
ATOM   224  H  HZ3  . LYS A 1 13 ? 1.434   11.747  9.374   1.00 19.48 ? 13  LYS A HZ3  1 
ATOM   225  N  N    . GLY A 1 14 ? -0.411  5.347   8.345   1.00 5.31  ? 14  GLY A N    1 
ATOM   226  C  CA   . GLY A 1 14 ? 0.666   4.554   8.899   1.00 5.85  ? 14  GLY A CA   1 
ATOM   227  C  C    . GLY A 1 14 ? 1.588   4.017   7.820   1.00 4.50  ? 14  GLY A C    1 
ATOM   228  O  O    . GLY A 1 14 ? 1.612   4.507   6.697   1.00 4.54  ? 14  GLY A O    1 
ATOM   229  H  H    . GLY A 1 14 ? -0.284  5.626   7.542   1.00 6.38  ? 14  GLY A H    1 
ATOM   230  H  HA2  . GLY A 1 14 ? 1.190   5.100   9.506   1.00 7.02  ? 14  GLY A HA2  1 
ATOM   231  H  HA3  . GLY A 1 14 ? 0.296   3.803   9.388   1.00 7.02  ? 14  GLY A HA3  1 
ATOM   232  N  N    . GLU A 1 15 ? 2.383   3.039   8.228   1.00 4.61  ? 15  GLU A N    1 
ATOM   233  C  CA   . GLU A 1 15 ? 3.370   2.394   7.380   1.00 5.17  ? 15  GLU A CA   1 
ATOM   234  C  C    . GLU A 1 15 ? 3.394   0.927   7.751   1.00 5.38  ? 15  GLU A C    1 
ATOM   235  O  O    . GLU A 1 15 ? 3.536   0.585   8.924   1.00 6.52  ? 15  GLU A O    1 
ATOM   236  C  CB   . GLU A 1 15 ? 4.738   3.009   7.629   1.00 7.46  ? 15  GLU A CB   1 
ATOM   237  C  CG   . GLU A 1 15 ? 4.799   4.491   7.304   1.00 14.23 ? 15  GLU A CG   1 
ATOM   238  C  CD   . GLU A 1 15 ? 6.200   5.055   7.427   1.00 22.01 ? 15  GLU A CD   1 
ATOM   239  O  OE1  . GLU A 1 15 ? 6.460   5.814   8.389   1.00 23.82 ? 15  GLU A OE1  1 
ATOM   240  O  OE2  . GLU A 1 15 ? 7.039   4.725   6.567   1.00 26.02 ? 15  GLU A OE2  1 
ATOM   241  H  H    . GLU A 1 15 ? 2.367   2.719   9.026   1.00 5.54  ? 15  GLU A H    1 
ATOM   242  H  HA   . GLU A 1 15 ? 3.145   2.485   6.440   1.00 6.21  ? 15  GLU A HA   1 
ATOM   243  H  HB2  . GLU A 1 15 ? 4.965   2.899   8.565   1.00 8.96  ? 15  GLU A HB2  1 
ATOM   244  H  HB3  . GLU A 1 15 ? 5.391   2.555   7.074   1.00 8.96  ? 15  GLU A HB3  1 
ATOM   245  H  HG2  . GLU A 1 15 ? 4.499   4.628   6.391   1.00 17.09 ? 15  GLU A HG2  1 
ATOM   246  H  HG3  . GLU A 1 15 ? 4.225   4.974   7.918   1.00 17.09 ? 15  GLU A HG3  1 
ATOM   247  N  N    . THR A 1 16 ? 3.255   0.062   6.756   1.00 5.65  ? 16  THR A N    1 
ATOM   248  C  CA   . THR A 1 16 ? 3.187   -1.369  6.996   1.00 6.49  ? 16  THR A CA   1 
ATOM   249  C  C    . THR A 1 16 ? 3.893   -2.094  5.865   1.00 6.37  ? 16  THR A C    1 
ATOM   250  O  O    . THR A 1 16 ? 4.139   -1.522  4.807   1.00 7.71  ? 16  THR A O    1 
ATOM   251  C  CB   . THR A 1 16 ? 1.726   -1.824  7.154   1.00 8.57  ? 16  THR A CB   1 
ATOM   252  O  OG1  . THR A 1 16 ? 1.694   -3.198  7.550   1.00 10.40 ? 16  THR A OG1  1 
ATOM   253  C  CG2  . THR A 1 16 ? 0.947   -1.634  5.884   1.00 9.98  ? 16  THR A CG2  1 
ATOM   254  H  H    . THR A 1 16 ? 3.198   0.284   5.927   1.00 6.79  ? 16  THR A H    1 
ATOM   255  H  HA   . THR A 1 16 ? 3.655   -1.605  7.812   1.00 7.79  ? 16  THR A HA   1 
ATOM   256  H  HB   . THR A 1 16 ? 1.298   -1.282  7.836   1.00 10.30 ? 16  THR A HB   1 
ATOM   257  H  HG1  . THR A 1 16 ? 0.900   -3.444  7.668   1.00 12.49 ? 16  THR A HG1  1 
ATOM   258  H  HG21 . THR A 1 16 ? 0.000   -1.565  6.083   1.00 11.99 ? 16  THR A HG21 1 
ATOM   259  H  HG22 . THR A 1 16 ? 1.235   -0.823  5.436   1.00 11.99 ? 16  THR A HG22 1 
ATOM   260  H  HG23 . THR A 1 16 ? 1.089   -2.389  5.291   1.00 11.99 ? 16  THR A HG23 1 
ATOM   261  N  N    . THR A 1 17 ? 4.231   -3.358  6.091   1.00 6.02  ? 17  THR A N    1 
ATOM   262  C  CA   . THR A 1 17 ? 4.868   -4.165  5.065   1.00 6.37  ? 17  THR A CA   1 
ATOM   263  C  C    . THR A 1 17 ? 4.133   -5.492  4.900   1.00 6.38  ? 17  THR A C    1 
ATOM   264  O  O    . THR A 1 17 ? 3.394   -5.945  5.777   1.00 8.04  ? 17  THR A O    1 
ATOM   265  C  CB   . THR A 1 17 ? 6.352   -4.443  5.377   1.00 8.53  ? 17  THR A CB   1 
ATOM   266  O  OG1  . THR A 1 17 ? 6.436   -5.280  6.531   1.00 10.18 ? 17  THR A OG1  1 
ATOM   267  C  CG2  . THR A 1 17 ? 7.122   -3.147  5.602   1.00 9.43  ? 17  THR A CG2  1 
ATOM   268  H  H    . THR A 1 17 ? 4.100   -3.767  6.836   1.00 7.23  ? 17  THR A H    1 
ATOM   269  H  HA   . THR A 1 17 ? 4.815   -3.681  4.226   1.00 7.66  ? 17  THR A HA   1 
ATOM   270  H  HB   . THR A 1 17 ? 6.767   -4.892  4.623   1.00 10.25 ? 17  THR A HB   1 
ATOM   271  H  HG1  . THR A 1 17 ? 6.111   -6.036  6.363   1.00 12.23 ? 17  THR A HG1  1 
ATOM   272  H  HG21 . THR A 1 17 ? 8.060   -3.340  5.757   1.00 11.32 ? 17  THR A HG21 1 
ATOM   273  H  HG22 . THR A 1 17 ? 7.044   -2.574  4.822   1.00 11.32 ? 17  THR A HG22 1 
ATOM   274  H  HG23 . THR A 1 17 ? 6.766   -2.679  6.373   1.00 11.32 ? 17  THR A HG23 1 
ATOM   275  N  N    . THR A 1 18 ? 4.372   -6.129  3.755   1.00 6.23  ? 18  THR A N    1 
ATOM   276  C  CA   . THR A 1 18 ? 3.944   -7.499  3.519   1.00 6.89  ? 18  THR A CA   1 
ATOM   277  C  C    . THR A 1 18 ? 5.019   -8.197  2.701   1.00 6.13  ? 18  THR A C    1 
ATOM   278  O  O    . THR A 1 18 ? 5.696   -7.571  1.884   1.00 6.49  ? 18  THR A O    1 
ATOM   279  C  CB   . THR A 1 18 ? 2.585   -7.561  2.779   1.00 8.40  ? 18  THR A CB   1 
ATOM   280  O  OG1  . THR A 1 18 ? 2.094   -8.912  2.771   1.00 10.40 ? 18  THR A OG1  1 
ATOM   281  C  CG2  . THR A 1 18 ? 2.708   -7.091  1.352   1.00 8.93  ? 18  THR A CG2  1 
ATOM   282  H  H    . THR A 1 18 ? 4.787   -5.777  3.089   1.00 7.49  ? 18  THR A H    1 
ATOM   283  H  HA   . THR A 1 18 ? 3.839   -7.965  4.363   1.00 8.28  ? 18  THR A HA   1 
ATOM   284  H  HB   . THR A 1 18 ? 1.962   -6.978  3.240   1.00 10.09 ? 18  THR A HB   1 
ATOM   285  H  HG1  . THR A 1 18 ? 1.958   -9.173  3.558   1.00 12.48 ? 18  THR A HG1  1 
ATOM   286  H  HG21 . THR A 1 18 ? 1.827   -6.931  0.978   1.00 10.72 ? 18  THR A HG21 1 
ATOM   287  H  HG22 . THR A 1 18 ? 3.220   -6.268  1.316   1.00 10.72 ? 18  THR A HG22 1 
ATOM   288  H  HG23 . THR A 1 18 ? 3.157   -7.765  0.818   1.00 10.72 ? 18  THR A HG23 1 
ATOM   289  N  N    . GLU A 1 19 ? 5.152   -9.505  2.902   1.00 6.71  ? 19  GLU A N    1 
ATOM   290  C  CA   . GLU A 1 19 ? 5.875   -10.337 1.950   1.00 7.61  ? 19  GLU A CA   1 
ATOM   291  C  C    . GLU A 1 19 ? 4.944   -10.614 0.775   1.00 8.05  ? 19  GLU A C    1 
ATOM   292  O  O    . GLU A 1 19 ? 3.734   -10.823 0.947   1.00 11.36 ? 19  GLU A O    1 
ATOM   293  C  CB   . GLU A 1 19 ? 6.312   -11.640 2.611   1.00 9.86  ? 19  GLU A CB   1 
ATOM   294  C  CG   . GLU A 1 19 ? 7.091   -12.590 1.707   1.00 15.16 ? 19  GLU A CG   1 
ATOM   295  C  CD   . GLU A 1 19 ? 8.511   -12.137 1.365   1.00 17.74 ? 19  GLU A CD   1 
ATOM   296  O  OE1  . GLU A 1 19 ? 9.104   -11.338 2.114   1.00 18.81 ? 19  GLU A OE1  1 
ATOM   297  O  OE2  . GLU A 1 19 ? 9.044   -12.594 0.333   1.00 18.80 ? 19  GLU A OE2  1 
ATOM   298  H  H    . GLU A 1 19 ? 4.834   -9.930  3.577   1.00 8.07  ? 19  GLU A H    1 
ATOM   299  H  HA   . GLU A 1 19 ? 6.680   -9.899  1.634   1.00 9.14  ? 19  GLU A HA   1 
ATOM   300  H  HB2  . GLU A 1 19 ? 6.880   -11.426 3.367   1.00 11.84 ? 19  GLU A HB2  1 
ATOM   301  H  HB3  . GLU A 1 19 ? 5.520   -12.111 2.914   1.00 11.84 ? 19  GLU A HB3  1 
ATOM   302  H  HG2  . GLU A 1 19 ? 7.158   -13.450 2.152   1.00 18.20 ? 19  GLU A HG2  1 
ATOM   303  H  HG3  . GLU A 1 19 ? 6.607   -12.686 0.872   1.00 18.20 ? 19  GLU A HG3  1 
ATOM   304  N  N    . ALA A 1 20 ? 5.489   -10.588 -0.429  1.00 6.61  ? 20  ALA A N    1 
ATOM   305  C  CA   . ALA A 1 20 ? 4.677   -10.922 -1.589  1.00 7.19  ? 20  ALA A CA   1 
ATOM   306  C  C    . ALA A 1 20 ? 5.604   -11.406 -2.683  1.00 7.27  ? 20  ALA A C    1 
ATOM   307  O  O    . ALA A 1 20 ? 6.743   -10.955 -2.790  1.00 7.42  ? 20  ALA A O    1 
ATOM   308  C  CB   . ALA A 1 20 ? 3.871   -9.723  -2.093  1.00 7.96  ? 20  ALA A CB   1 
ATOM   309  H  H    . ALA A 1 20 ? 6.308   -10.385 -0.599  1.00 7.94  ? 20  ALA A H    1 
ATOM   310  H  HA   . ALA A 1 20 ? 4.054   -11.627 -1.352  1.00 8.64  ? 20  ALA A HA   1 
ATOM   311  H  HB1  . ALA A 1 20 ? 3.342   -9.997  -2.859  1.00 9.56  ? 20  ALA A HB1  1 
ATOM   312  H  HB2  . ALA A 1 20 ? 3.289   -9.412  -1.383  1.00 9.56  ? 20  ALA A HB2  1 
ATOM   313  H  HB3  . ALA A 1 20 ? 4.484   -9.016  -2.351  1.00 9.56  ? 20  ALA A HB3  1 
ATOM   314  N  N    . VAL A 1 21 ? 5.099   -12.311 -3.517  1.00 7.96  ? 21  VAL A N    1 
ATOM   315  C  CA   . VAL A 1 21 ? 5.921   -12.864 -4.586  1.00 9.07  ? 21  VAL A CA   1 
ATOM   316  C  C    . VAL A 1 21 ? 6.354   -11.790 -5.575  1.00 8.91  ? 21  VAL A C    1 
ATOM   317  O  O    . VAL A 1 21 ? 7.473   -11.835 -6.097  1.00 10.33 ? 21  VAL A O    1 
ATOM   318  C  CB   . VAL A 1 21 ? 5.204   -14.058 -5.255  1.00 11.02 ? 21  VAL A CB   1 
ATOM   319  C  CG1  . VAL A 1 21 ? 3.871   -13.631 -5.841  1.00 11.30 ? 21  VAL A CG1  1 
ATOM   320  C  CG2  . VAL A 1 21 ? 6.100   -14.707 -6.308  1.00 13.07 ? 21  VAL A CG2  1 
ATOM   321  H  H    . VAL A 1 21 ? 4.295   -12.617 -3.488  1.00 9.56  ? 21  VAL A H    1 
ATOM   322  H  HA   . VAL A 1 21 ? 6.739   -13.210 -4.194  1.00 10.89 ? 21  VAL A HA   1 
ATOM   323  H  HB   . VAL A 1 21 ? 5.018   -14.728 -4.578  1.00 13.24 ? 21  VAL A HB   1 
ATOM   324  H  HG11 . VAL A 1 21 ? 3.464   -14.391 -6.286  1.00 13.57 ? 21  VAL A HG11 1 
ATOM   325  H  HG12 . VAL A 1 21 ? 3.296   -13.321 -5.125  1.00 13.57 ? 21  VAL A HG12 1 
ATOM   326  H  HG13 . VAL A 1 21 ? 4.021   -12.916 -6.480  1.00 13.57 ? 21  VAL A HG13 1 
ATOM   327  H  HG21 . VAL A 1 21 ? 5.667   -15.509 -6.640  1.00 15.70 ? 21  VAL A HG21 1 
ATOM   328  H  HG22 . VAL A 1 21 ? 6.238   -14.080 -7.035  1.00 15.70 ? 21  VAL A HG22 1 
ATOM   329  H  HG23 . VAL A 1 21 ? 6.951   -14.934 -5.901  1.00 15.70 ? 21  VAL A HG23 1 
ATOM   330  N  N    . ASP A 1 22 ? 5.506   -10.794 -5.825  1.00 7.74  ? 22  ASP A N    1 
ATOM   331  C  CA   . ASP A 1 22 ? 5.796   -9.758  -6.811  1.00 7.09  ? 22  ASP A CA   1 
ATOM   332  C  C    . ASP A 1 22 ? 4.962   -8.519  -6.507  1.00 6.50  ? 22  ASP A C    1 
ATOM   333  O  O    . ASP A 1 22 ? 4.129   -8.514  -5.605  1.00 6.03  ? 22  ASP A O    1 
ATOM   334  C  CB   . ASP A 1 22 ? 5.597   -10.255 -8.257  1.00 7.91  ? 22  ASP A CB   1 
ATOM   335  C  CG   . ASP A 1 22 ? 4.199   -10.784 -8.527  1.00 9.20  ? 22  ASP A CG   1 
ATOM   336  O  OD1  . ASP A 1 22 ? 3.249   -10.421 -7.803  1.00 8.84  ? 22  ASP A OD1  1 
ATOM   337  O  OD2  . ASP A 1 22 ? 4.064   -11.585 -9.481  1.00 11.50 ? 22  ASP A OD2  1 
ATOM   338  H  H    . ASP A 1 22 ? 4.748   -10.696 -5.432  1.00 9.29  ? 22  ASP A H    1 
ATOM   339  H  HA   . ASP A 1 22 ? 6.727   -9.502  -6.722  1.00 8.52  ? 22  ASP A HA   1 
ATOM   340  H  HB2  . ASP A 1 22 ? 5.759   -9.519  -8.868  1.00 9.50  ? 22  ASP A HB2  1 
ATOM   341  H  HB3  . ASP A 1 22 ? 6.225   -10.974 -8.431  1.00 9.50  ? 22  ASP A HB3  1 
ATOM   342  N  N    . ALA A 1 23 ? 5.227   -7.452  -7.267  1.00 6.45  ? 23  ALA A N    1 
ATOM   343  C  CA   . ALA A 1 23 ? 4.567   -6.179  -7.002  1.00 6.67  ? 23  ALA A CA   1 
ATOM   344  C  C    . ALA A 1 23 ? 3.075   -6.247  -7.298  1.00 5.67  ? 23  ALA A C    1 
ATOM   345  O  O    . ALA A 1 23 ? 2.281   -5.567  -6.632  1.00 5.94  ? 23  ALA A O    1 
ATOM   346  C  CB   . ALA A 1 23 ? 5.190   -5.066  -7.846  1.00 7.46  ? 23  ALA A CB   1 
ATOM   347  H  H    . ALA A 1 23 ? 5.775   -7.439  -7.929  1.00 7.74  ? 23  ALA A H    1 
ATOM   348  H  HA   . ALA A 1 23 ? 4.694   -5.967  -6.064  1.00 8.01  ? 23  ALA A HA   1 
ATOM   349  H  HB1  . ALA A 1 23 ? 4.717   -4.237  -7.673  1.00 8.96  ? 23  ALA A HB1  1 
ATOM   350  H  HB2  . ALA A 1 23 ? 6.124   -4.971  -7.602  1.00 8.96  ? 23  ALA A HB2  1 
ATOM   351  H  HB3  . ALA A 1 23 ? 5.116   -5.301  -8.783  1.00 8.96  ? 23  ALA A HB3  1 
ATOM   352  N  N    . ALA A 1 24 ? 2.679   -7.012  -8.319  1.00 5.80  ? 24  ALA A N    1 
ATOM   353  C  CA   . ALA A 1 24 ? 1.261   -7.166  -8.621  1.00 5.88  ? 24  ALA A CA   1 
ATOM   354  C  C    . ALA A 1 24 ? 0.529   -7.750  -7.424  1.00 5.18  ? 24  ALA A C    1 
ATOM   355  O  O    . ALA A 1 24 ? -0.566  -7.300  -7.071  1.00 5.85  ? 24  ALA A O    1 
ATOM   356  C  CB   . ALA A 1 24 ? 1.085   -8.063  -9.859  1.00 7.49  ? 24  ALA A CB   1 
ATOM   357  H  H    . ALA A 1 24 ? 3.204   -7.448  -8.843  1.00 6.97  ? 24  ALA A H    1 
ATOM   358  H  HA   . ALA A 1 24 ? 0.874   -6.301  -8.826  1.00 7.06  ? 24  ALA A HA   1 
ATOM   359  H  HB1  . ALA A 1 24 ? 0.138   -8.163  -10.044 1.00 9.00  ? 24  ALA A HB1  1 
ATOM   360  H  HB2  . ALA A 1 24 ? 1.529   -7.649  -10.614 1.00 9.00  ? 24  ALA A HB2  1 
ATOM   361  H  HB3  . ALA A 1 24 ? 1.479   -8.931  -9.678  1.00 9.00  ? 24  ALA A HB3  1 
ATOM   362  N  N    . THR A 1 25 ? 1.124   -8.754  -6.782  1.00 4.96  ? 25  THR A N    1 
ATOM   363  C  CA   . THR A 1 25 ? 0.509   -9.387  -5.624  1.00 4.87  ? 25  THR A CA   1 
ATOM   364  C  C    . THR A 1 25 ? 0.486   -8.434  -4.439  1.00 4.54  ? 25  THR A C    1 
ATOM   365  O  O    . THR A 1 25 ? -0.522  -8.336  -3.737  1.00 4.91  ? 25  THR A O    1 
ATOM   366  C  CB   . THR A 1 25 ? 1.257   -10.685 -5.302  1.00 5.84  ? 25  THR A CB   1 
ATOM   367  O  OG1  . THR A 1 25 ? 1.169   -11.577 -6.426  1.00 6.87  ? 25  THR A OG1  1 
ATOM   368  C  CG2  . THR A 1 25 ? 0.686   -11.356 -4.084  1.00 6.47  ? 25  THR A CG2  1 
ATOM   369  H  H    . THR A 1 25 ? 1.886   -9.091  -6.998  1.00 5.96  ? 25  THR A H    1 
ATOM   370  H  HA   . THR A 1 25 ? -0.412  -9.622  -5.819  1.00 5.86  ? 25  THR A HA   1 
ATOM   371  H  HB   . THR A 1 25 ? 2.187   -10.480 -5.117  1.00 7.02  ? 25  THR A HB   1 
ATOM   372  H  HG1  . THR A 1 25 ? 1.547   -11.236 -7.095  1.00 8.25  ? 25  THR A HG1  1 
ATOM   373  H  HG21 . THR A 1 25 ? 1.062   -12.245 -3.988  1.00 7.78  ? 25  THR A HG21 1 
ATOM   374  H  HG22 . THR A 1 25 ? 0.895   -10.839 -3.291  1.00 7.78  ? 25  THR A HG22 1 
ATOM   375  H  HG23 . THR A 1 25 ? -0.278  -11.430 -4.167  1.00 7.78  ? 25  THR A HG23 1 
ATOM   376  N  N    . ALA A 1 26 ? 1.583   -7.717  -4.206  1.00 4.34  ? 26  ALA A N    1 
ATOM   377  C  CA   . ALA A 1 26 ? 1.601   -6.758  -3.113  1.00 4.35  ? 26  ALA A CA   1 
ATOM   378  C  C    . ALA A 1 26 ? 0.515   -5.709  -3.293  1.00 4.10  ? 26  ALA A C    1 
ATOM   379  O  O    . ALA A 1 26 ? -0.139  -5.315  -2.323  1.00 4.44  ? 26  ALA A O    1 
ATOM   380  C  CB   . ALA A 1 26 ? 2.960   -6.088  -3.006  1.00 4.83  ? 26  ALA A CB   1 
ATOM   381  H  H    . ALA A 1 26 ? 2.314   -7.765  -4.655  1.00 5.21  ? 26  ALA A H    1 
ATOM   382  H  HA   . ALA A 1 26 ? 1.440   -7.237  -2.285  1.00 5.23  ? 26  ALA A HA   1 
ATOM   383  H  HB1  . ALA A 1 26 ? 2.951   -5.471  -2.258  1.00 5.81  ? 26  ALA A HB1  1 
ATOM   384  H  HB2  . ALA A 1 26 ? 3.637   -6.768  -2.864  1.00 5.81  ? 26  ALA A HB2  1 
ATOM   385  H  HB3  . ALA A 1 26 ? 3.142   -5.608  -3.829  1.00 5.81  ? 26  ALA A HB3  1 
ATOM   386  N  N    . GLU A 1 27 ? 0.325   -5.231  -4.521  1.00 4.26  ? 27  GLU A N    1 
ATOM   387  C  CA   . GLU A 1 27 ? -0.722  -4.253  -4.781  1.00 4.64  ? 27  GLU A CA   1 
ATOM   388  C  C    . GLU A 1 27 ? -2.081  -4.799  -4.354  1.00 4.93  ? 27  GLU A C    1 
ATOM   389  O  O    . GLU A 1 27 ? -2.875  -4.093  -3.729  1.00 5.55  ? 27  GLU A O    1 
ATOM   390  C  CB   . GLU A 1 27 ? -0.710  -3.883  -6.268  1.00 5.10  ? 27  GLU A CB   1 
ATOM   391  C  CG   . GLU A 1 27 ? -1.735  -2.819  -6.575  1.00 7.00  ? 27  GLU A CG   1 
ATOM   392  C  CD   . GLU A 1 27 ? -1.787  -2.373  -8.016  1.00 8.66  ? 27  GLU A CD   1 
ATOM   393  O  OE1  . GLU A 1 27 ? -0.766  -2.488  -8.716  1.00 11.00 ? 27  GLU A OE1  1 
ATOM   394  O  OE2  . GLU A 1 27 ? -2.852  -1.870  -8.437  1.00 10.26 ? 27  GLU A OE2  1 
ATOM   395  H  H    . GLU A 1 27 ? 0.783   -5.453  -5.215  1.00 5.12  ? 27  GLU A H    1 
ATOM   396  H  HA   . GLU A 1 27 ? -0.556  -3.444  -4.271  1.00 5.58  ? 27  GLU A HA   1 
ATOM   397  H  HB2  . GLU A 1 27 ? 0.167   -3.543  -6.508  1.00 6.13  ? 27  GLU A HB2  1 
ATOM   398  H  HB3  . GLU A 1 27 ? -0.916  -4.669  -6.797  1.00 6.13  ? 27  GLU A HB3  1 
ATOM   399  H  HG2  . GLU A 1 27 ? -2.612  -3.164  -6.348  1.00 8.41  ? 27  GLU A HG2  1 
ATOM   400  H  HG3  . GLU A 1 27 ? -1.536  -2.037  -6.037  1.00 8.41  ? 27  GLU A HG3  1 
ATOM   401  N  N    . LYS A 1 28 ? -2.372  -6.056  -4.690  1.00 4.66  ? 28  LYS A N    1 
ATOM   402  C  CA   . LYS A 1 28 ? -3.653  -6.648  -4.324  1.00 5.39  ? 28  LYS A CA   1 
ATOM   403  C  C    . LYS A 1 28 ? -3.807  -6.785  -2.812  1.00 4.50  ? 28  LYS A C    1 
ATOM   404  O  O    . LYS A 1 28 ? -4.893  -6.550  -2.270  1.00 4.92  ? 28  LYS A O    1 
ATOM   405  C  CB   . LYS A 1 28 ? -3.808  -8.018  -4.989  1.00 7.33  ? 28  LYS A CB   1 
ATOM   406  C  CG   . LYS A 1 28 ? -3.816  -8.005  -6.486  1.00 11.43 ? 28  LYS A CG   1 
ATOM   407  C  CD   . LYS A 1 28 ? -5.100  -7.476  -7.053  1.00 15.57 ? 28  LYS A CD   1 
ATOM   408  C  CE   . LYS A 1 28 ? -5.057  -7.597  -8.582  1.00 19.38 ? 28  LYS A CE   1 
ATOM   409  N  NZ   . LYS A 1 28 ? -6.271  -7.005  -9.183  1.00 21.69 ? 28  LYS A NZ   1 
ATOM   410  H  H    . LYS A 1 28 ? -1.848  -6.583  -5.125  1.00 5.61  ? 28  LYS A H    1 
ATOM   411  H  HA   . LYS A 1 28 ? -4.356  -6.063  -4.648  1.00 6.48  ? 28  LYS A HA   1 
ATOM   412  H  HB2  . LYS A 1 28 ? -3.069  -8.579  -4.708  1.00 8.80  ? 28  LYS A HB2  1 
ATOM   413  H  HB3  . LYS A 1 28 ? -4.647  -8.406  -4.698  1.00 8.80  ? 28  LYS A HB3  1 
ATOM   414  H  HG2  . LYS A 1 28 ? -3.093  -7.440  -6.802  1.00 13.72 ? 28  LYS A HG2  1 
ATOM   415  H  HG3  . LYS A 1 28 ? -3.694  -8.911  -6.811  1.00 13.72 ? 28  LYS A HG3  1 
ATOM   416  H  HD2  . LYS A 1 28 ? -5.848  -7.994  -6.717  1.00 18.69 ? 28  LYS A HD2  1 
ATOM   417  H  HD3  . LYS A 1 28 ? -5.208  -6.542  -6.814  1.00 18.69 ? 28  LYS A HD3  1 
ATOM   418  H  HE2  . LYS A 1 28 ? -4.281  -7.125  -8.923  1.00 23.26 ? 28  LYS A HE2  1 
ATOM   419  H  HE3  . LYS A 1 28 ? -5.013  -8.533  -8.833  1.00 23.26 ? 28  LYS A HE3  1 
ATOM   420  H  HZ1  . LYS A 1 28 ? -6.305  -6.133  -9.004  1.00 26.04 ? 28  LYS A HZ1  1 
ATOM   421  H  HZ2  . LYS A 1 28 ? -6.260  -7.118  -10.066 1.00 26.04 ? 28  LYS A HZ2  1 
ATOM   422  H  HZ3  . LYS A 1 28 ? -6.998  -7.396  -8.849  1.00 26.04 ? 28  LYS A HZ3  1 
ATOM   423  N  N    . VAL A 1 29 ? -2.743  -7.183  -2.120  1.00 4.24  ? 29  VAL A N    1 
ATOM   424  C  CA   . VAL A 1 29 ? -2.808  -7.337  -0.669  1.00 4.36  ? 29  VAL A CA   1 
ATOM   425  C  C    . VAL A 1 29 ? -3.072  -5.995  -0.008  1.00 4.29  ? 29  VAL A C    1 
ATOM   426  O  O    . VAL A 1 29 ? -3.913  -5.874  0.899   1.00 4.68  ? 29  VAL A O    1 
ATOM   427  C  CB   . VAL A 1 29 ? -1.506  -7.985  -0.153  1.00 5.34  ? 29  VAL A CB   1 
ATOM   428  C  CG1  . VAL A 1 29 ? -1.430  -7.917  1.362   1.00 7.33  ? 29  VAL A CG1  1 
ATOM   429  C  CG2  . VAL A 1 29 ? -1.384  -9.419  -0.666  1.00 6.50  ? 29  VAL A CG2  1 
ATOM   430  H  H    . VAL A 1 29 ? -1.976  -7.370  -2.460  1.00 5.10  ? 29  VAL A H    1 
ATOM   431  H  HA   . VAL A 1 29 ? -3.548  -7.923  -0.444  1.00 5.24  ? 29  VAL A HA   1 
ATOM   432  H  HB   . VAL A 1 29 ? -0.747  -7.489  -0.496  1.00 6.41  ? 29  VAL A HB   1 
ATOM   433  H  HG11 . VAL A 1 29 ? -0.748  -8.532  1.672   1.00 8.81  ? 29  VAL A HG11 1 
ATOM   434  H  HG12 . VAL A 1 29 ? -1.203  -7.011  1.626   1.00 8.81  ? 29  VAL A HG12 1 
ATOM   435  H  HG13 . VAL A 1 29 ? -2.293  -8.163  1.733   1.00 8.81  ? 29  VAL A HG13 1 
ATOM   436  H  HG21 . VAL A 1 29 ? -0.552  -9.800  -0.345  1.00 7.80  ? 29  VAL A HG21 1 
ATOM   437  H  HG22 . VAL A 1 29 ? -2.135  -9.938  -0.336  1.00 7.80  ? 29  VAL A HG22 1 
ATOM   438  H  HG23 . VAL A 1 29 ? -1.391  -9.409  -1.636  1.00 7.80  ? 29  VAL A HG23 1 
ATOM   439  N  N    . PHE A 1 30 ? -2.353  -4.958  -0.438  1.00 3.77  ? 30  PHE A N    1 
ATOM   440  C  CA   . PHE A 1 30 ? -2.554  -3.649  0.156   1.00 3.95  ? 30  PHE A CA   1 
ATOM   441  C  C    . PHE A 1 30 ? -3.927  -3.084  -0.190  1.00 4.23  ? 30  PHE A C    1 
ATOM   442  O  O    . PHE A 1 30 ? -4.567  -2.448  0.645   1.00 5.08  ? 30  PHE A O    1 
ATOM   443  C  CB   . PHE A 1 30 ? -1.432  -2.709  -0.258  1.00 4.20  ? 30  PHE A CB   1 
ATOM   444  C  CG   . PHE A 1 30 ? -0.089  -3.015  0.390   1.00 3.92  ? 30  PHE A CG   1 
ATOM   445  C  CD1  . PHE A 1 30 ? 0.015   -3.417  1.719   1.00 4.81  ? 30  PHE A CD1  1 
ATOM   446  C  CD2  . PHE A 1 30 ? 1.071   -2.861  -0.343  1.00 4.21  ? 30  PHE A CD2  1 
ATOM   447  C  CE1  . PHE A 1 30 ? 1.252   -3.668  2.279   1.00 5.38  ? 30  PHE A CE1  1 
ATOM   448  C  CE2  . PHE A 1 30 ? 2.305   -3.095  0.217   1.00 4.48  ? 30  PHE A CE2  1 
ATOM   449  C  CZ   . PHE A 1 30 ? 2.404   -3.496  1.526   1.00 4.82  ? 30  PHE A CZ   1 
ATOM   450  H  H    . PHE A 1 30 ? -1.757  -4.988  -1.058  1.00 4.54  ? 30  PHE A H    1 
ATOM   451  H  HA   . PHE A 1 30 ? -2.516  -3.729  1.122   1.00 4.75  ? 30  PHE A HA   1 
ATOM   452  H  HB2  . PHE A 1 30 ? -1.315  -2.769  -1.219  1.00 5.05  ? 30  PHE A HB2  1 
ATOM   453  H  HB3  . PHE A 1 30 ? -1.678  -1.803  -0.011  1.00 5.05  ? 30  PHE A HB3  1 
ATOM   454  H  HD1  . PHE A 1 30 ? -0.754  -3.517  2.233   1.00 5.78  ? 30  PHE A HD1  1 
ATOM   455  H  HD2  . PHE A 1 30 ? 1.017   -2.593  -1.232  1.00 5.06  ? 30  PHE A HD2  1 
ATOM   456  H  HE1  . PHE A 1 30 ? 1.312   -3.953  3.163   1.00 6.46  ? 30  PHE A HE1  1 
ATOM   457  H  HE2  . PHE A 1 30 ? 3.075   -2.982  -0.293  1.00 5.39  ? 30  PHE A HE2  1 
ATOM   458  H  HZ   . PHE A 1 30 ? 3.238   -3.653  1.906   1.00 5.79  ? 30  PHE A HZ   1 
ATOM   459  N  N    . LYS A 1 31 ? -4.393  -3.297  -1.418  1.00 4.30  ? 31  LYS A N    1 
ATOM   460  C  CA   . LYS A 1 31 ? -5.715  -2.814  -1.799  1.00 4.84  ? 31  LYS A CA   1 
ATOM   461  C  C    . LYS A 1 31 ? -6.798  -3.494  -0.964  1.00 4.51  ? 31  LYS A C    1 
ATOM   462  O  O    . LYS A 1 31 ? -7.790  -2.864  -0.585  1.00 4.95  ? 31  LYS A O    1 
ATOM   463  C  CB   . LYS A 1 31 ? -5.952  -3.041  -3.295  1.00 6.17  ? 31  LYS A CB   1 
ATOM   464  C  CG   . LYS A 1 31 ? -7.259  -2.478  -3.809  1.00 8.12  ? 31  LYS A CG   1 
ATOM   465  C  CD   . LYS A 1 31 ? -7.308  -0.972  -3.686  1.00 10.63 ? 31  LYS A CD   1 
ATOM   466  C  CE   . LYS A 1 31 ? -8.425  -0.414  -4.546  1.00 13.57 ? 31  LYS A CE   1 
ATOM   467  N  NZ   . LYS A 1 31 ? -8.514  1.054   -4.431  1.00 15.28 ? 31  LYS A NZ   1 
ATOM   468  H  H    . LYS A 1 31 ? -3.972  -3.713  -2.042  1.00 5.16  ? 31  LYS A H    1 
ATOM   469  H  HA   . LYS A 1 31 ? -5.763  -1.858  -1.639  1.00 5.81  ? 31  LYS A HA   1 
ATOM   470  H  HB2  . LYS A 1 31 ? -5.233  -2.618  -3.789  1.00 7.42  ? 31  LYS A HB2  1 
ATOM   471  H  HB3  . LYS A 1 31 ? -5.955  -3.996  -3.466  1.00 7.42  ? 31  LYS A HB3  1 
ATOM   472  H  HG2  . LYS A 1 31 ? -7.361  -2.709  -4.745  1.00 9.75  ? 31  LYS A HG2  1 
ATOM   473  H  HG3  . LYS A 1 31 ? -7.993  -2.848  -3.295  1.00 9.75  ? 31  LYS A HG3  1 
ATOM   474  H  HD2  . LYS A 1 31 ? -7.473  -0.726  -2.763  1.00 12.77 ? 31  LYS A HD2  1 
ATOM   475  H  HD3  . LYS A 1 31 ? -6.467  -0.592  -3.985  1.00 12.77 ? 31  LYS A HD3  1 
ATOM   476  H  HE2  . LYS A 1 31 ? -8.259  -0.638  -5.475  1.00 16.30 ? 31  LYS A HE2  1 
ATOM   477  H  HE3  . LYS A 1 31 ? -9.272  -0.794  -4.261  1.00 16.30 ? 31  LYS A HE3  1 
ATOM   478  H  HZ1  . LYS A 1 31 ? -9.177  1.361   -4.939  1.00 18.35 ? 31  LYS A HZ1  1 
ATOM   479  H  HZ2  . LYS A 1 31 ? -8.667  1.284   -3.585  1.00 18.35 ? 31  LYS A HZ2  1 
ATOM   480  H  HZ3  . LYS A 1 31 ? -7.751  1.427   -4.697  1.00 18.35 ? 31  LYS A HZ3  1 
ATOM   481  N  N    . GLN A 1 32 ? -6.637  -4.785  -0.688  1.00 4.25  ? 32  GLN A N    1 
ATOM   482  C  CA   . GLN A 1 32 ? -7.598  -5.487  0.162   1.00 4.42  ? 32  GLN A CA   1 
ATOM   483  C  C    . GLN A 1 32 ? -7.696  -4.826  1.528   1.00 4.69  ? 32  GLN A C    1 
ATOM   484  O  O    . GLN A 1 32 ? -8.795  -4.606  2.059   1.00 5.40  ? 32  GLN A O    1 
ATOM   485  C  CB   . GLN A 1 32 ? -7.175  -6.948  0.289   1.00 5.25  ? 32  GLN A CB   1 
ATOM   486  C  CG   . GLN A 1 32 ? -8.109  -7.761  1.121   1.00 5.54  ? 32  GLN A CG   1 
ATOM   487  C  CD   . GLN A 1 32 ? -7.505  -9.105  1.482   1.00 6.63  ? 32  GLN A CD   1 
ATOM   488  O  OE1  . GLN A 1 32 ? -6.583  -9.178  2.289   1.00 7.93  ? 32  GLN A OE1  1 
ATOM   489  N  NE2  . GLN A 1 32 ? -8.002  -10.170 0.878   1.00 7.39  ? 32  GLN A NE2  1 
ATOM   490  H  H    . GLN A 1 32 ? -5.990  -5.275  -0.973  1.00 5.11  ? 32  GLN A H    1 
ATOM   491  H  HA   . GLN A 1 32 ? -8.478  -5.457  -0.243  1.00 5.31  ? 32  GLN A HA   1 
ATOM   492  H  HB2  . GLN A 1 32 ? -7.143  -7.343  -0.596  1.00 6.31  ? 32  GLN A HB2  1 
ATOM   493  H  HB3  . GLN A 1 32 ? -6.297  -6.987  0.701   1.00 6.31  ? 32  GLN A HB3  1 
ATOM   494  H  HG2  . GLN A 1 32 ? -8.306  -7.284  1.943   1.00 6.66  ? 32  GLN A HG2  1 
ATOM   495  H  HG3  . GLN A 1 32 ? -8.928  -7.917  0.625   1.00 6.66  ? 32  GLN A HG3  1 
ATOM   496  H  HE21 . GLN A 1 32 ? -8.641  -10.083 0.309   1.00 8.87  ? 32  GLN A HE21 1 
ATOM   497  H  HE22 . GLN A 1 32 ? -7.688  -10.951 1.055   1.00 8.87  ? 32  GLN A HE22 1 
ATOM   498  N  N    . TYR A 1 33 ? -6.550  -4.494  2.114   1.00 4.69  ? 33  TYR A N    1 
ATOM   499  C  CA   . TYR A 1 33 ? -6.512  -3.856  3.426   1.00 5.40  ? 33  TYR A CA   1 
ATOM   500  C  C    . TYR A 1 33 ? -7.146  -2.473  3.374   1.00 5.49  ? 33  TYR A C    1 
ATOM   501  O  O    . TYR A 1 33 ? -7.930  -2.099  4.254   1.00 6.33  ? 33  TYR A O    1 
ATOM   502  C  CB   . TYR A 1 33 ? -5.053  -3.805  3.900   1.00 6.07  ? 33  TYR A CB   1 
ATOM   503  C  CG   . TYR A 1 33 ? -4.778  -2.934  5.096   1.00 8.63  ? 33  TYR A CG   1 
ATOM   504  C  CD1  . TYR A 1 33 ? -5.071  -3.352  6.375   1.00 9.58  ? 33  TYR A CD1  1 
ATOM   505  C  CD2  . TYR A 1 33 ? -4.206  -1.670  4.936   1.00 11.70 ? 33  TYR A CD2  1 
ATOM   506  C  CE1  . TYR A 1 33 ? -4.807  -2.532  7.471   1.00 11.38 ? 33  TYR A CE1  1 
ATOM   507  C  CE2  . TYR A 1 33 ? -3.946  -0.854  5.997   1.00 14.02 ? 33  TYR A CE2  1 
ATOM   508  C  CZ   . TYR A 1 33 ? -4.240  -1.289  7.266   1.00 14.55 ? 33  TYR A CZ   1 
ATOM   509  O  OH   . TYR A 1 33 ? -3.973  -0.462  8.335   1.00 19.52 ? 33  TYR A OH   1 
ATOM   510  H  H    . TYR A 1 33 ? -5.771  -4.628  1.774   1.00 5.63  ? 33  TYR A H    1 
ATOM   511  H  HA   . TYR A 1 33 ? -7.019  -4.371  4.071   1.00 6.49  ? 33  TYR A HA   1 
ATOM   512  H  HB2  . TYR A 1 33 ? -4.779  -4.706  4.134   1.00 7.30  ? 33  TYR A HB2  1 
ATOM   513  H  HB3  . TYR A 1 33 ? -4.508  -3.472  3.170   1.00 7.30  ? 33  TYR A HB3  1 
ATOM   514  H  HD1  . TYR A 1 33 ? -5.450  -4.190  6.508   1.00 11.50 ? 33  TYR A HD1  1 
ATOM   515  H  HD2  . TYR A 1 33 ? -3.997  -1.375  4.080   1.00 14.05 ? 33  TYR A HD2  1 
ATOM   516  H  HE1  . TYR A 1 33 ? -5.011  -2.819  8.333   1.00 13.67 ? 33  TYR A HE1  1 
ATOM   517  H  HE2  . TYR A 1 33 ? -3.574  -0.013  5.863   1.00 16.83 ? 33  TYR A HE2  1 
ATOM   518  H  HH   . TYR A 1 33 ? -4.192  -0.840  9.052   1.00 23.44 ? 33  TYR A HH   1 
HETATM 519  N  N    . MSE A 1 34 ? -6.833  -1.706  2.344   1.00 5.25  ? 34  MSE A N    1 
HETATM 520  C  CA   . MSE A 1 34 ? -7.402  -0.377  2.189   1.00 5.70  ? 34  MSE A CA   1 
HETATM 521  C  C    . MSE A 1 34 ? -8.912  -0.461  2.036   1.00 6.07  ? 34  MSE A C    1 
HETATM 522  O  O    . MSE A 1 34 ? -9.653  0.295   2.666   1.00 6.47  ? 34  MSE A O    1 
HETATM 523  C  CB   . MSE A 1 34 ? -6.782  0.336   0.989   1.00 6.00  ? 34  MSE A CB   1 
HETATM 524  C  CG   . MSE A 1 34 ? -5.335  0.712   1.228   1.00 6.77  ? 34  MSE A CG   1 
HETATM 525  SE SE   . MSE A 1 34 ? -4.395  1.103   -0.418  1.00 7.81  ? 34  MSE A SE   1 
HETATM 526  C  CE   . MSE A 1 34 ? -5.639  2.432   -1.128  1.00 10.52 ? 34  MSE A CE   1 
HETATM 527  H  H    . MSE A 1 34 ? -6.290  -1.933  1.716   1.00 6.31  ? 34  MSE A H    1 
HETATM 528  H  HA   . MSE A 1 34 ? -7.195  0.152   2.975   1.00 6.85  ? 34  MSE A HA   1 
HETATM 529  H  HB2  . MSE A 1 34 ? -6.817  -0.252  0.219   1.00 7.21  ? 34  MSE A HB2  1 
HETATM 530  H  HB3  . MSE A 1 34 ? -7.280  1.149   0.810   1.00 7.21  ? 34  MSE A HB3  1 
HETATM 531  H  HG2  . MSE A 1 34 ? -5.301  1.503   1.790   1.00 8.14  ? 34  MSE A HG2  1 
HETATM 532  H  HG3  . MSE A 1 34 ? -4.882  -0.025  1.667   1.00 8.14  ? 34  MSE A HG3  1 
HETATM 533  H  HE1  . MSE A 1 34 ? -5.284  2.786   -1.958  1.00 12.63 ? 34  MSE A HE1  1 
HETATM 534  H  HE2  . MSE A 1 34 ? -6.497  2.008   -1.289  1.00 12.63 ? 34  MSE A HE2  1 
HETATM 535  H  HE3  . MSE A 1 34 ? -5.741  3.147   -0.480  1.00 12.63 ? 34  MSE A HE3  1 
ATOM   536  N  N    . ASN A 1 35 ? -9.365  -1.375  1.175   1.00 6.08  ? 35  ASN A N    1 
ATOM   537  C  CA   . ASN A 1 35 ? -10.796 -1.538  0.950   1.00 6.88  ? 35  ASN A CA   1 
ATOM   538  C  C    . ASN A 1 35 ? -11.517 -1.871  2.252   1.00 6.95  ? 35  ASN A C    1 
ATOM   539  O  O    . ASN A 1 35 ? -12.621 -1.371  2.497   1.00 8.01  ? 35  ASN A O    1 
ATOM   540  C  CB   . ASN A 1 35 ? -11.064 -2.651  -0.069  1.00 7.98  ? 35  ASN A CB   1 
ATOM   541  C  CG   . ASN A 1 35 ? -10.748 -2.256  -1.504  1.00 9.27  ? 35  ASN A CG   1 
ATOM   542  O  OD1  . ASN A 1 35 ? -10.550 -1.086  -1.827  1.00 10.53 ? 35  ASN A OD1  1 
ATOM   543  N  ND2  . ASN A 1 35 ? -10.711 -3.254  -2.378  1.00 9.79  ? 35  ASN A ND2  1 
ATOM   544  H  H    . ASN A 1 35 ? -8.870  -1.908  0.714   1.00 7.30  ? 35  ASN A H    1 
ATOM   545  H  HA   . ASN A 1 35 ? -11.142 -0.705  0.593   1.00 8.27  ? 35  ASN A HA   1 
ATOM   546  H  HB2  . ASN A 1 35 ? -10.513 -3.418  0.154   1.00 9.58  ? 35  ASN A HB2  1 
ATOM   547  H  HB3  . ASN A 1 35 ? -12.002 -2.892  -0.030  1.00 9.58  ? 35  ASN A HB3  1 
ATOM   548  H  HD21 . ASN A 1 35 ? -10.537 -3.094  -3.205  1.00 11.76 ? 35  ASN A HD21 1 
ATOM   549  H  HD22 . ASN A 1 35 ? -10.860 -4.060  -2.119  1.00 11.76 ? 35  ASN A HD22 1 
ATOM   550  N  N    . ASP A 1 36 ? -10.931 -2.738  3.087   1.00 7.03  ? 36  ASP A N    1 
ATOM   551  C  CA   . ASP A 1 36 ? -11.595 -3.119  4.329   1.00 8.52  ? 36  ASP A CA   1 
ATOM   552  C  C    . ASP A 1 36 ? -11.761 -1.917  5.251   1.00 8.82  ? 36  ASP A C    1 
ATOM   553  O  O    . ASP A 1 36 ? -12.681 -1.880  6.076   1.00 11.22 ? 36  ASP A O    1 
ATOM   554  C  CB   . ASP A 1 36 ? -10.806 -4.213  5.037   1.00 10.12 ? 36  ASP A CB   1 
ATOM   555  C  CG   . ASP A 1 36 ? -11.606 -4.859  6.144   1.00 13.38 ? 36  ASP A CG   1 
ATOM   556  O  OD1  . ASP A 1 36 ? -12.587 -5.555  5.811   1.00 15.55 ? 36  ASP A OD1  1 
ATOM   557  O  OD2  . ASP A 1 36 ? -11.279 -4.652  7.336   1.00 17.05 ? 36  ASP A OD2  1 
ATOM   558  H  H    . ASP A 1 36 ? -10.167 -3.111  2.958   1.00 8.45  ? 36  ASP A H    1 
ATOM   559  H  HA   . ASP A 1 36 ? -12.473 -3.474  4.119   1.00 10.23 ? 36  ASP A HA   1 
ATOM   560  H  HB2  . ASP A 1 36 ? -10.567 -4.901  4.395   1.00 12.15 ? 36  ASP A HB2  1 
ATOM   561  H  HB3  . ASP A 1 36 ? -10.005 -3.830  5.426   1.00 12.15 ? 36  ASP A HB3  1 
ATOM   562  N  N    . ASN A 1 37 ? -10.880 -0.935  5.130   1.00 7.50  ? 37  ASN A N    1 
ATOM   563  C  CA   . ASN A 1 37 ? -10.913 0.261   5.961   1.00 8.07  ? 37  ASN A CA   1 
ATOM   564  C  C    . ASN A 1 37 ? -11.572 1.447   5.269   1.00 8.58  ? 37  ASN A C    1 
ATOM   565  O  O    . ASN A 1 37 ? -11.588 2.545   5.834   1.00 10.49 ? 37  ASN A O    1 
ATOM   566  C  CB   . ASN A 1 37 ? -9.489  0.637   6.377   1.00 8.62  ? 37  ASN A CB   1 
ATOM   567  C  CG   . ASN A 1 37 ? -8.937  -0.278  7.448   1.00 9.15  ? 37  ASN A CG   1 
ATOM   568  O  OD1  . ASN A 1 37 ? -9.226  -0.103  8.627   1.00 11.34 ? 37  ASN A OD1  1 
ATOM   569  N  ND2  . ASN A 1 37 ? -8.136  -1.254  7.053   1.00 8.93  ? 37  ASN A ND2  1 
ATOM   570  H  H    . ASN A 1 37 ? -10.237 -0.938  4.560   1.00 9.01  ? 37  ASN A H    1 
ATOM   571  H  HA   . ASN A 1 37 ? -11.424 0.070   6.762   1.00 9.69  ? 37  ASN A HA   1 
ATOM   572  H  HB2  . ASN A 1 37 ? -8.907  0.579   5.602   1.00 10.36 ? 37  ASN A HB2  1 
ATOM   573  H  HB3  . ASN A 1 37 ? -9.489  1.543   6.724   1.00 10.36 ? 37  ASN A HB3  1 
ATOM   574  H  HD21 . ASN A 1 37 ? -7.801  -1.795  7.630   1.00 10.72 ? 37  ASN A HD21 1 
ATOM   575  H  HD22 . ASN A 1 37 ? -7.951  -1.347  6.218   1.00 10.72 ? 37  ASN A HD22 1 
ATOM   576  N  N    . GLY A 1 38 ? -12.103 1.260   4.067   1.00 8.38  ? 38  GLY A N    1 
ATOM   577  C  CA   . GLY A 1 38 ? -12.795 2.334   3.380   1.00 8.74  ? 38  GLY A CA   1 
ATOM   578  C  C    . GLY A 1 38 ? -11.909 3.420   2.822   1.00 9.72  ? 38  GLY A C    1 
ATOM   579  O  O    . GLY A 1 38 ? -12.391 4.528   2.571   1.00 12.81 ? 38  GLY A O    1 
ATOM   580  H  H    . GLY A 1 38 ? -12.077 0.521   3.628   1.00 10.07 ? 38  GLY A H    1 
ATOM   581  H  HA2  . GLY A 1 38 ? -13.295 1.956   2.641   1.00 10.49 ? 38  GLY A HA2  1 
ATOM   582  H  HA3  . GLY A 1 38 ? -13.414 2.751   4.000   1.00 10.49 ? 38  GLY A HA3  1 
ATOM   583  N  N    . VAL A 1 39 ? -10.635 3.136   2.594   1.00 8.42  ? 39  VAL A N    1 
ATOM   584  C  CA   . VAL A 1 39 ? -9.675  4.156   2.210   1.00 10.05 ? 39  VAL A CA   1 
ATOM   585  C  C    . VAL A 1 39 ? -9.284  3.944   0.760   1.00 9.76  ? 39  VAL A C    1 
ATOM   586  O  O    . VAL A 1 39 ? -8.941  2.829   0.353   1.00 10.49 ? 39  VAL A O    1 
ATOM   587  C  CB   . VAL A 1 39 ? -8.442  4.155   3.126   1.00 16.30 ? 39  VAL A CB   1 
ATOM   588  C  CG1  . VAL A 1 39 ? -8.816  4.680   4.510   1.00 20.05 ? 39  VAL A CG1  1 
ATOM   589  C  CG2  . VAL A 1 39 ? -7.842  2.773   3.242   1.00 20.58 ? 39  VAL A CG2  1 
ATOM   590  H  H    . VAL A 1 39 ? -10.302 2.346   2.658   1.00 10.11 ? 39  VAL A H    1 
ATOM   591  H  HA   . VAL A 1 39 ? -10.100 5.026   2.278   1.00 12.07 ? 39  VAL A HA   1 
ATOM   592  H  HB   . VAL A 1 39 ? -7.771  4.736   2.736   1.00 19.56 ? 39  VAL A HB   1 
ATOM   593  H  HG11 . VAL A 1 39 ? -8.030  4.662   5.078   1.00 24.07 ? 39  VAL A HG11 1 
ATOM   594  H  HG12 . VAL A 1 39 ? -9.140  5.591   4.425   1.00 24.07 ? 39  VAL A HG12 1 
ATOM   595  H  HG13 . VAL A 1 39 ? -9.510  4.116   4.886   1.00 24.07 ? 39  VAL A HG13 1 
ATOM   596  H  HG21 . VAL A 1 39 ? -7.002  2.832   3.723   1.00 24.70 ? 39  VAL A HG21 1 
ATOM   597  H  HG22 . VAL A 1 39 ? -8.459  2.200   3.724   1.00 24.70 ? 39  VAL A HG22 1 
ATOM   598  H  HG23 . VAL A 1 39 ? -7.689  2.418   2.352   1.00 24.70 ? 39  VAL A HG23 1 
ATOM   599  N  N    . ASP A 1 40 ? -9.345  5.014   -0.016  1.00 10.02 ? 40  ASP A N    1 
ATOM   600  C  CA   . ASP A 1 40 ? -8.835  5.002   -1.374  1.00 12.87 ? 40  ASP A CA   1 
ATOM   601  C  C    . ASP A 1 40 ? -8.282  6.388   -1.636  1.00 12.62 ? 40  ASP A C    1 
ATOM   602  O  O    . ASP A 1 40 ? -8.713  7.370   -1.026  1.00 14.61 ? 40  ASP A O    1 
ATOM   603  C  CB   . ASP A 1 40 ? -9.919  4.653   -2.386  1.00 18.33 ? 40  ASP A CB   1 
ATOM   604  C  CG   . ASP A 1 40 ? -9.344  4.253   -3.728  1.00 25.52 ? 40  ASP A CG   1 
ATOM   605  O  OD1  . ASP A 1 40 ? -8.104  4.110   -3.837  1.00 26.97 ? 40  ASP A OD1  1 
ATOM   606  O  OD2  . ASP A 1 40 ? -10.131 4.083   -4.678  1.00 29.93 ? 40  ASP A OD2  1 
ATOM   607  H  H    . ASP A 1 40 ? -9.680  5.768   0.224   1.00 12.04 ? 40  ASP A H    1 
ATOM   608  H  HA   . ASP A 1 40 ? -8.132  4.342   -1.476  1.00 15.45 ? 40  ASP A HA   1 
ATOM   609  H  HB2  . ASP A 1 40 ? -10.444 3.911   -2.048  1.00 22.01 ? 40  ASP A HB2  1 
ATOM   610  H  HB3  . ASP A 1 40 ? -10.489 5.427   -2.520  1.00 22.01 ? 40  ASP A HB3  1 
ATOM   611  N  N    . GLY A 1 41 ? -7.318  6.471   -2.534  1.00 11.13 ? 41  GLY A N    1 
ATOM   612  C  CA   . GLY A 1 41 ? -6.738  7.762   -2.813  1.00 11.24 ? 41  GLY A CA   1 
ATOM   613  C  C    . GLY A 1 41 ? -5.820  7.660   -4.000  1.00 8.77  ? 41  GLY A C    1 
ATOM   614  O  O    . GLY A 1 41 ? -5.703  6.616   -4.648  1.00 9.41  ? 41  GLY A O    1 
ATOM   615  H  H    . GLY A 1 41 ? -6.992  5.812   -2.980  1.00 13.36 ? 41  GLY A H    1 
ATOM   616  H  HA2  . GLY A 1 41 ? -7.439  8.405   -3.009  1.00 13.49 ? 41  GLY A HA2  1 
ATOM   617  H  HA3  . GLY A 1 41 ? -6.232  8.072   -2.046  1.00 13.49 ? 41  GLY A HA3  1 
ATOM   618  N  N    . GLU A 1 42 ? -5.181  8.781   -4.282  1.00 7.02  ? 42  GLU A N    1 
ATOM   619  C  CA   . GLU A 1 42 ? -4.114  8.815   -5.262  1.00 5.80  ? 42  GLU A CA   1 
ATOM   620  C  C    . GLU A 1 42 ? -2.929  8.039   -4.719  1.00 5.46  ? 42  GLU A C    1 
ATOM   621  O  O    . GLU A 1 42 ? -2.774  7.879   -3.508  1.00 6.73  ? 42  GLU A O    1 
ATOM   622  C  CB   . GLU A 1 42 ? -3.751  10.256  -5.561  1.00 6.91  ? 42  GLU A CB   1 
ATOM   623  C  CG   . GLU A 1 42 ? -4.923  10.990  -6.156  1.00 10.67 ? 42  GLU A CG   1 
ATOM   624  C  CD   . GLU A 1 42 ? -4.649  12.450  -6.365  1.00 15.26 ? 42  GLU A CD   1 
ATOM   625  O  OE1  . GLU A 1 42 ? -3.580  12.775  -6.923  1.00 16.22 ? 42  GLU A OE1  1 
ATOM   626  O  OE2  . GLU A 1 42 ? -5.498  13.278  -5.975  1.00 21.31 ? 42  GLU A OE2  1 
ATOM   627  H  H    . GLU A 1 42 ? -5.348  9.542   -3.919  1.00 8.43  ? 42  GLU A H    1 
ATOM   628  H  HA   . GLU A 1 42 ? -4.379  8.408   -6.101  1.00 6.96  ? 42  GLU A HA   1 
ATOM   629  H  HB2  . GLU A 1 42 ? -3.493  10.701  -4.738  1.00 8.30  ? 42  GLU A HB2  1 
ATOM   630  H  HB3  . GLU A 1 42 ? -3.018  10.280  -6.195  1.00 8.30  ? 42  GLU A HB3  1 
ATOM   631  H  HG2  . GLU A 1 42 ? -5.136  10.598  -7.017  1.00 12.81 ? 42  GLU A HG2  1 
ATOM   632  H  HG3  . GLU A 1 42 ? -5.682  10.910  -5.557  1.00 12.81 ? 42  GLU A HG3  1 
ATOM   633  N  N    . TRP A 1 43 ? -2.110  7.507   -5.617  1.00 4.50  ? 43  TRP A N    1 
ATOM   634  C  CA   . TRP A 1 43 ? -1.013  6.680   -5.153  1.00 4.37  ? 43  TRP A CA   1 
ATOM   635  C  C    . TRP A 1 43 ? 0.082   6.552   -6.185  1.00 4.62  ? 43  TRP A C    1 
ATOM   636  O  O    . TRP A 1 43 ? -0.128  6.762   -7.379  1.00 5.02  ? 43  TRP A O    1 
ATOM   637  C  CB   . TRP A 1 43 ? -1.508  5.300   -4.750  1.00 4.68  ? 43  TRP A CB   1 
ATOM   638  C  CG   . TRP A 1 43 ? -2.137  4.460   -5.834  1.00 5.10  ? 43  TRP A CG   1 
ATOM   639  C  CD1  . TRP A 1 43 ? -3.428  4.505   -6.276  1.00 5.88  ? 43  TRP A CD1  1 
ATOM   640  C  CD2  . TRP A 1 43 ? -1.519  3.384   -6.541  1.00 4.60  ? 43  TRP A CD2  1 
ATOM   641  N  NE1  . TRP A 1 43 ? -3.640  3.542   -7.226  1.00 5.99  ? 43  TRP A NE1  1 
ATOM   642  C  CE2  . TRP A 1 43 ? -2.483  2.827   -7.390  1.00 5.21  ? 43  TRP A CE2  1 
ATOM   643  C  CE3  . TRP A 1 43 ? -0.241  2.822   -6.524  1.00 4.87  ? 43  TRP A CE3  1 
ATOM   644  C  CZ2  . TRP A 1 43 ? -2.216  1.752   -8.219  1.00 5.84  ? 43  TRP A CZ2  1 
ATOM   645  C  CZ3  . TRP A 1 43 ? 0.022   1.743   -7.348  1.00 5.25  ? 43  TRP A CZ3  1 
ATOM   646  C  CH2  . TRP A 1 43 ? -0.959  1.224   -8.186  1.00 6.07  ? 43  TRP A CH2  1 
ATOM   647  H  H    . TRP A 1 43 ? -2.167  7.609   -6.468  1.00 5.41  ? 43  TRP A H    1 
ATOM   648  H  HA   . TRP A 1 43 ? -0.615  7.131   -4.392  1.00 5.25  ? 43  TRP A HA   1 
ATOM   649  H  HB2  . TRP A 1 43 ? -0.753  4.799   -4.405  1.00 5.63  ? 43  TRP A HB2  1 
ATOM   650  H  HB3  . TRP A 1 43 ? -2.177  5.413   -4.056  1.00 5.63  ? 43  TRP A HB3  1 
ATOM   651  H  HD1  . TRP A 1 43 ? -4.073  5.104   -5.976  1.00 7.06  ? 43  TRP A HD1  1 
ATOM   652  H  HE1  . TRP A 1 43 ? -4.376  3.409   -7.649  1.00 7.20  ? 43  TRP A HE1  1 
ATOM   653  H  HE3  . TRP A 1 43 ? 0.421   3.167   -5.970  1.00 5.85  ? 43  TRP A HE3  1 
ATOM   654  H  HZ2  . TRP A 1 43 ? -2.870  1.401   -8.779  1.00 7.02  ? 43  TRP A HZ2  1 
ATOM   655  H  HZ3  . TRP A 1 43 ? 0.867   1.358   -7.342  1.00 6.31  ? 43  TRP A HZ3  1 
ATOM   656  H  HH2  . TRP A 1 43 ? -0.753  0.503   -8.735  1.00 7.30  ? 43  TRP A HH2  1 
ATOM   657  N  N    . THR A 1 44 ? 1.244   6.171   -5.687  1.00 4.47  ? 44  THR A N    1 
ATOM   658  C  CA   . THR A 1 44 ? 2.430   5.935   -6.483  1.00 5.38  ? 44  THR A CA   1 
ATOM   659  C  C    . THR A 1 44 ? 3.160   4.719   -5.929  1.00 5.09  ? 44  THR A C    1 
ATOM   660  O  O    . THR A 1 44 ? 3.123   4.436   -4.733  1.00 6.80  ? 44  THR A O    1 
ATOM   661  C  CB   . THR A 1 44 ? 3.309   7.188   -6.460  1.00 8.12  ? 44  THR A CB   1 
ATOM   662  O  OG1  . THR A 1 44 ? 4.406   7.032   -7.362  1.00 10.30 ? 44  THR A OG1  1 
ATOM   663  C  CG2  . THR A 1 44 ? 3.783   7.488   -5.070  1.00 10.07 ? 44  THR A CG2  1 
ATOM   664  H  H    . THR A 1 44 ? 1.376   6.035   -4.848  1.00 5.38  ? 44  THR A H    1 
ATOM   665  H  HA   . THR A 1 44 ? 2.217   5.729   -7.406  1.00 6.47  ? 44  THR A HA   1 
ATOM   666  H  HB   . THR A 1 44 ? 2.791   7.956   -6.749  1.00 9.75  ? 44  THR A HB   1 
ATOM   667  H  HG1  . THR A 1 44 ? 4.873   7.730   -7.369  1.00 12.36 ? 44  THR A HG1  1 
ATOM   668  H  HG21 . THR A 1 44 ? 4.264   8.331   -5.057  1.00 12.09 ? 44  THR A HG21 1 
ATOM   669  H  HG22 . THR A 1 44 ? 3.025   7.550   -4.467  1.00 12.09 ? 44  THR A HG22 1 
ATOM   670  H  HG23 . THR A 1 44 ? 4.373   6.784   -4.762  1.00 12.09 ? 44  THR A HG23 1 
ATOM   671  N  N    . TYR A 1 45 ? 3.789   3.986   -6.821  1.00 4.95  ? 45  TYR A N    1 
ATOM   672  C  CA   . TYR A 1 45 ? 4.584   2.820   -6.486  1.00 4.59  ? 45  TYR A CA   1 
ATOM   673  C  C    . TYR A 1 45 ? 5.939   3.012   -7.135  1.00 5.06  ? 45  TYR A C    1 
ATOM   674  O  O    . TYR A 1 45 ? 6.026   3.304   -8.335  1.00 6.18  ? 45  TYR A O    1 
ATOM   675  C  CB   . TYR A 1 45 ? 3.944   1.527   -6.998  1.00 4.56  ? 45  TYR A CB   1 
ATOM   676  C  CG   . TYR A 1 45 ? 4.872   0.346   -6.870  1.00 4.56  ? 45  TYR A CG   1 
ATOM   677  C  CD1  . TYR A 1 45 ? 5.120   -0.232  -5.629  1.00 4.70  ? 45  TYR A CD1  1 
ATOM   678  C  CD2  . TYR A 1 45 ? 5.533   -0.166  -7.972  1.00 5.73  ? 45  TYR A CD2  1 
ATOM   679  C  CE1  . TYR A 1 45 ? 5.994   -1.281  -5.494  1.00 5.17  ? 45  TYR A CE1  1 
ATOM   680  C  CE2  . TYR A 1 45 ? 6.411   -1.226  -7.843  1.00 6.23  ? 45  TYR A CE2  1 
ATOM   681  C  CZ   . TYR A 1 45 ? 6.644   -1.781  -6.593  1.00 6.06  ? 45  TYR A CZ   1 
ATOM   682  O  OH   . TYR A 1 45 ? 7.527   -2.823  -6.421  1.00 7.66  ? 45  TYR A OH   1 
ATOM   683  H  H    . TYR A 1 45 ? 3.772   4.149   -7.665  1.00 5.95  ? 45  TYR A H    1 
ATOM   684  H  HA   . TYR A 1 45 ? 4.677   2.739   -5.523  1.00 5.52  ? 45  TYR A HA   1 
ATOM   685  H  HB2  . TYR A 1 45 ? 3.144   1.340   -6.480  1.00 5.48  ? 45  TYR A HB2  1 
ATOM   686  H  HB3  . TYR A 1 45 ? 3.715   1.632   -7.934  1.00 5.48  ? 45  TYR A HB3  1 
ATOM   687  H  HD1  . TYR A 1 45 ? 4.683   0.098   -4.877  1.00 5.65  ? 45  TYR A HD1  1 
ATOM   688  H  HD2  . TYR A 1 45 ? 5.386   0.207   -8.811  1.00 6.88  ? 45  TYR A HD2  1 
ATOM   689  H  HE1  . TYR A 1 45 ? 6.145   -1.655  -4.656  1.00 6.22  ? 45  TYR A HE1  1 
ATOM   690  H  HE2  . TYR A 1 45 ? 6.845   -1.566  -8.592  1.00 7.48  ? 45  TYR A HE2  1 
ATOM   691  H  HH   . TYR A 1 45 ? 7.885   -3.021  -7.156  1.00 9.20  ? 45  TYR A HH   1 
ATOM   692  N  N    . ASP A 1 46 ? 6.975   2.828   -6.332  1.00 6.73  ? 46  ASP A N    1 
ATOM   693  C  CA   . ASP A 1 46 ? 8.367   2.948   -6.727  1.00 9.23  ? 46  ASP A CA   1 
ATOM   694  C  C    . ASP A 1 46 ? 8.983   1.559   -6.646  1.00 8.23  ? 46  ASP A C    1 
ATOM   695  O  O    . ASP A 1 46 ? 9.164   1.018   -5.558  1.00 7.12  ? 46  ASP A O    1 
ATOM   696  C  CB   . ASP A 1 46 ? 9.082   3.907   -5.780  1.00 13.97 ? 46  ASP A CB   1 
ATOM   697  C  CG   . ASP A 1 46 ? 10.549  4.072   -6.129  1.00 22.77 ? 46  ASP A CG   1 
ATOM   698  O  OD1  . ASP A 1 46 ? 11.388  3.388   -5.511  1.00 27.48 ? 46  ASP A OD1  1 
ATOM   699  O  OD2  . ASP A 1 46 ? 10.861  4.860   -7.045  1.00 26.15 ? 46  ASP A OD2  1 
ATOM   700  H  H    . ASP A 1 46 ? 6.888   2.620   -5.503  1.00 8.08  ? 46  ASP A H    1 
ATOM   701  H  HA   . ASP A 1 46 ? 8.440   3.276   -7.637  1.00 11.09 ? 46  ASP A HA   1 
ATOM   702  H  HB2  . ASP A 1 46 ? 8.660   4.778   -5.833  1.00 16.77 ? 46  ASP A HB2  1 
ATOM   703  H  HB3  . ASP A 1 46 ? 9.024   3.563   -4.876  1.00 16.77 ? 46  ASP A HB3  1 
ATOM   704  N  N    . ASP A 1 47 ? 9.300   0.969   -7.789  1.00 8.23  ? 47  ASP A N    1 
ATOM   705  C  CA   . ASP A 1 47 ? 9.808   -0.398  -7.770  1.00 9.49  ? 47  ASP A CA   1 
ATOM   706  C  C    . ASP A 1 47 ? 11.181  -0.504  -7.114  1.00 10.04 ? 47  ASP A C    1 
ATOM   707  O  O    . ASP A 1 47 ? 11.518  -1.552  -6.546  1.00 11.17 ? 47  ASP A O    1 
ATOM   708  C  CB   . ASP A 1 47 ? 9.835   -0.945  -9.192  1.00 12.76 ? 47  ASP A CB   1 
ATOM   709  C  CG   . ASP A 1 47 ? 10.027  -2.435  -9.225  1.00 16.94 ? 47  ASP A CG   1 
ATOM   710  O  OD1  . ASP A 1 47 ? 9.229   -3.163  -8.601  1.00 17.36 ? 47  ASP A OD1  1 
ATOM   711  O  OD2  . ASP A 1 47 ? 10.990  -2.888  -9.868  1.00 20.44 ? 47  ASP A OD2  1 
ATOM   712  H  H    . ASP A 1 47 ? 9.233   1.324   -8.570  1.00 9.88  ? 47  ASP A H    1 
ATOM   713  H  HA   . ASP A 1 47 ? 9.209   -0.948  -7.241  1.00 11.40 ? 47  ASP A HA   1 
ATOM   714  H  HB2  . ASP A 1 47 ? 8.992   -0.740  -9.628  1.00 15.32 ? 47  ASP A HB2  1 
ATOM   715  H  HB3  . ASP A 1 47 ? 10.567  -0.534  -9.678  1.00 15.32 ? 47  ASP A HB3  1 
ATOM   716  N  N    . ALA A 1 48 ? 11.978  0.559   -7.170  1.00 9.64  ? 48  ALA A N    1 
ATOM   717  C  CA   . ALA A 1 48 ? 13.320  0.486   -6.613  1.00 10.42 ? 48  ALA A CA   1 
ATOM   718  C  C    . ALA A 1 48 ? 13.271  0.216   -5.120  1.00 9.81  ? 48  ALA A C    1 
ATOM   719  O  O    . ALA A 1 48 ? 14.137  -0.483  -4.589  1.00 10.69 ? 48  ALA A O    1 
ATOM   720  C  CB   . ALA A 1 48 ? 14.075  1.783   -6.884  1.00 12.01 ? 48  ALA A CB   1 
ATOM   721  H  H    . ALA A 1 48 ? 11.770  1.318   -7.518  1.00 11.58 ? 48  ALA A H    1 
ATOM   722  H  HA   . ALA A 1 48 ? 13.797  -0.239  -7.047  1.00 12.51 ? 48  ALA A HA   1 
ATOM   723  H  HB1  . ALA A 1 48 ? 14.965  1.713   -6.507  1.00 14.42 ? 48  ALA A HB1  1 
ATOM   724  H  HB2  . ALA A 1 48 ? 14.130  1.922   -7.843  1.00 14.42 ? 48  ALA A HB2  1 
ATOM   725  H  HB3  . ALA A 1 48 ? 13.596  2.519   -6.470  1.00 14.42 ? 48  ALA A HB3  1 
ATOM   726  N  N    . THR A 1 49 ? 12.279  0.785   -4.428  1.00 9.41  ? 49  THR A N    1 
ATOM   727  C  CA   . THR A 1 49 ? 12.134  0.628   -2.990  1.00 10.02 ? 49  THR A CA   1 
ATOM   728  C  C    . THR A 1 49 ? 10.971  -0.273  -2.618  1.00 7.08  ? 49  THR A C    1 
ATOM   729  O  O    . THR A 1 49 ? 10.691  -0.436  -1.427  1.00 7.70  ? 49  THR A O    1 
ATOM   730  C  CB   . THR A 1 49 ? 11.952  1.983   -2.291  1.00 13.35 ? 49  THR A CB   1 
ATOM   731  O  OG1  . THR A 1 49 ? 10.783  2.638   -2.798  1.00 14.41 ? 49  THR A OG1  1 
ATOM   732  C  CG2  . THR A 1 49 ? 13.173  2.860   -2.488  1.00 15.82 ? 49  THR A CG2  1 
ATOM   733  H  H    . THR A 1 49 ? 11.668  1.276   -4.783  1.00 11.31 ? 49  THR A H    1 
ATOM   734  H  HA   . THR A 1 49 ? 12.957  0.238   -2.655  1.00 12.04 ? 49  THR A HA   1 
ATOM   735  H  HB   . THR A 1 49 ? 11.842  1.843   -1.338  1.00 16.03 ? 49  THR A HB   1 
ATOM   736  H  HG1  . THR A 1 49 ? 10.668  3.370   -2.401  1.00 17.29 ? 49  THR A HG1  1 
ATOM   737  H  HG21 . THR A 1 49 ? 13.029  3.727   -2.077  1.00 18.99 ? 49  THR A HG21 1 
ATOM   738  H  HG22 . THR A 1 49 ? 13.949  2.444   -2.083  1.00 18.99 ? 49  THR A HG22 1 
ATOM   739  H  HG23 . THR A 1 49 ? 13.342  2.986   -3.435  1.00 18.99 ? 49  THR A HG23 1 
ATOM   740  N  N    . LYS A 1 50 ? 10.279  -0.846  -3.599  1.00 5.73  ? 50  LYS A N    1 
ATOM   741  C  CA   . LYS A 1 50 ? 9.142   -1.727  -3.347  1.00 4.95  ? 50  LYS A CA   1 
ATOM   742  C  C    . LYS A 1 50 ? 8.108   -1.052  -2.447  1.00 4.52  ? 50  LYS A C    1 
ATOM   743  O  O    . LYS A 1 50 ? 7.484   -1.699  -1.605  1.00 5.55  ? 50  LYS A O    1 
ATOM   744  C  CB   . LYS A 1 50 ? 9.582   -3.085  -2.782  1.00 5.82  ? 50  LYS A CB   1 
ATOM   745  C  CG   . LYS A 1 50 ? 10.391  -3.931  -3.766  1.00 8.02  ? 50  LYS A CG   1 
ATOM   746  C  CD   . LYS A 1 50 ? 10.635  -5.317  -3.196  1.00 9.77  ? 50  LYS A CD   1 
ATOM   747  C  CE   . LYS A 1 50 ? 11.266  -6.255  -4.203  1.00 12.31 ? 50  LYS A CE   1 
ATOM   748  N  NZ   . LYS A 1 50 ? 12.655  -5.836  -4.496  1.00 14.60 ? 50  LYS A NZ   1 
ATOM   749  H  H    . LYS A 1 50 ? 10.452  -0.738  -4.435  1.00 6.89  ? 50  LYS A H    1 
ATOM   750  H  HA   . LYS A 1 50 ? 8.710   -1.904  -4.198  1.00 5.95  ? 50  LYS A HA   1 
ATOM   751  H  HB2  . LYS A 1 50 ? 10.134  -2.933  -1.999  1.00 7.00  ? 50  LYS A HB2  1 
ATOM   752  H  HB3  . LYS A 1 50 ? 8.791   -3.591  -2.537  1.00 7.00  ? 50  LYS A HB3  1 
ATOM   753  H  HG2  . LYS A 1 50 ? 9.900   -4.021  -4.598  1.00 9.63  ? 50  LYS A HG2  1 
ATOM   754  H  HG3  . LYS A 1 50 ? 11.248  -3.508  -3.930  1.00 9.63  ? 50  LYS A HG3  1 
ATOM   755  H  HD2  . LYS A 1 50 ? 11.234  -5.246  -2.436  1.00 11.74 ? 50  LYS A HD2  1 
ATOM   756  H  HD3  . LYS A 1 50 ? 9.789   -5.700  -2.918  1.00 11.74 ? 50  LYS A HD3  1 
ATOM   757  H  HE2  . LYS A 1 50 ? 11.283  -7.155  -3.844  1.00 14.78 ? 50  LYS A HE2  1 
ATOM   758  H  HE3  . LYS A 1 50 ? 10.756  -6.236  -5.028  1.00 14.78 ? 50  LYS A HE3  1 
ATOM   759  H  HZ1  . LYS A 1 50 ? 13.020  -6.387  -5.092  1.00 17.53 ? 50  LYS A HZ1  1 
ATOM   760  H  HZ2  . LYS A 1 50 ? 12.661  -5.009  -4.823  1.00 17.53 ? 50  LYS A HZ2  1 
ATOM   761  H  HZ3  . LYS A 1 50 ? 13.142  -5.854  -3.751  1.00 17.53 ? 50  LYS A HZ3  1 
ATOM   762  N  N    . THR A 1 51 ? 7.887   0.253   -2.651  1.00 4.26  ? 51  THR A N    1 
ATOM   763  C  CA   . THR A 1 51 ? 7.039   1.040   -1.761  1.00 3.95  ? 51  THR A CA   1 
ATOM   764  C  C    . THR A 1 51 ? 5.899   1.717   -2.499  1.00 3.55  ? 51  THR A C    1 
ATOM   765  O  O    . THR A 1 51 ? 6.120   2.422   -3.495  1.00 4.01  ? 51  THR A O    1 
ATOM   766  C  CB   . THR A 1 51 ? 7.850   2.104   -1.019  1.00 5.97  ? 51  THR A CB   1 
ATOM   767  O  OG1  . THR A 1 51 ? 8.867   1.477   -0.237  1.00 7.00  ? 51  THR A OG1  1 
ATOM   768  C  CG2  . THR A 1 51 ? 6.968   2.924   -0.099  1.00 6.71  ? 51  THR A CG2  1 
ATOM   769  H  H    . THR A 1 51 ? 8.223   0.701   -3.304  1.00 5.12  ? 51  THR A H    1 
ATOM   770  H  HA   . THR A 1 51 ? 6.644   0.419   -1.130  1.00 4.75  ? 51  THR A HA   1 
ATOM   771  H  HB   . THR A 1 51 ? 8.250   2.699   -1.672  1.00 7.17  ? 51  THR A HB   1 
ATOM   772  H  HG1  . THR A 1 51 ? 9.383   1.039   -0.734  1.00 8.41  ? 51  THR A HG1  1 
ATOM   773  H  HG21 . THR A 1 51 ? 7.516   3.429   0.522   1.00 8.05  ? 51  THR A HG21 1 
ATOM   774  H  HG22 . THR A 1 51 ? 6.430   3.543   -0.618  1.00 8.05  ? 51  THR A HG22 1 
ATOM   775  H  HG23 . THR A 1 51 ? 6.378   2.340   0.403   1.00 8.05  ? 51  THR A HG23 1 
ATOM   776  N  N    . PHE A 1 52 ? 4.691   1.509   -1.977  1.00 3.03  ? 52  PHE A N    1 
ATOM   777  C  CA   . PHE A 1 52 ? 3.478   2.187   -2.408  1.00 3.28  ? 52  PHE A CA   1 
ATOM   778  C  C    . PHE A 1 52 ? 3.231   3.333   -1.436  1.00 3.50  ? 52  PHE A C    1 
ATOM   779  O  O    . PHE A 1 52 ? 3.253   3.124   -0.222  1.00 4.92  ? 52  PHE A O    1 
ATOM   780  C  CB   . PHE A 1 52 ? 2.264   1.249   -2.313  1.00 3.80  ? 52  PHE A CB   1 
ATOM   781  C  CG   . PHE A 1 52 ? 2.339   0.010   -3.190  1.00 4.13  ? 52  PHE A CG   1 
ATOM   782  C  CD1  . PHE A 1 52 ? 3.039   -1.112  -2.798  1.00 4.08  ? 52  PHE A CD1  1 
ATOM   783  C  CD2  . PHE A 1 52 ? 1.681   -0.033  -4.407  1.00 4.34  ? 52  PHE A CD2  1 
ATOM   784  C  CE1  . PHE A 1 52 ? 3.102   -2.229  -3.622  1.00 4.49  ? 52  PHE A CE1  1 
ATOM   785  C  CE2  . PHE A 1 52 ? 1.735   -1.155  -5.223  1.00 5.02  ? 52  PHE A CE2  1 
ATOM   786  C  CZ   . PHE A 1 52 ? 2.449   -2.249  -4.821  1.00 4.73  ? 52  PHE A CZ   1 
ATOM   787  H  H    . PHE A 1 52 ? 4.546   0.949   -1.340  1.00 3.64  ? 52  PHE A H    1 
ATOM   788  H  HA   . PHE A 1 52 ? 3.580   2.498   -3.322  1.00 3.94  ? 52  PHE A HA   1 
ATOM   789  H  HB2  . PHE A 1 52 ? 2.180   0.949   -1.393  1.00 4.57  ? 52  PHE A HB2  1 
ATOM   790  H  HB3  . PHE A 1 52 ? 1.472   1.743   -2.575  1.00 4.57  ? 52  PHE A HB3  1 
ATOM   791  H  HD1  . PHE A 1 52 ? 3.473   -1.120  -1.975  1.00 4.90  ? 52  PHE A HD1  1 
ATOM   792  H  HD2  . PHE A 1 52 ? 1.189   0.706   -4.684  1.00 5.22  ? 52  PHE A HD2  1 
ATOM   793  H  HE1  . PHE A 1 52 ? 3.593   -2.972  -3.353  1.00 5.39  ? 52  PHE A HE1  1 
ATOM   794  H  HE2  . PHE A 1 52 ? 1.290   -1.162  -6.040  1.00 6.03  ? 52  PHE A HE2  1 
ATOM   795  H  HZ   . PHE A 1 52 ? 2.488   -3.005  -5.362  1.00 5.68  ? 52  PHE A HZ   1 
ATOM   796  N  N    . THR A 1 53 ? 2.963   4.526   -1.957  1.00 3.40  ? 53  THR A N    1 
ATOM   797  C  CA   . THR A 1 53 ? 2.533   5.651   -1.131  1.00 3.87  ? 53  THR A CA   1 
ATOM   798  C  C    . THR A 1 53 ? 1.144   6.076   -1.584  1.00 3.70  ? 53  THR A C    1 
ATOM   799  O  O    . THR A 1 53 ? 0.959   6.405   -2.756  1.00 5.04  ? 53  THR A O    1 
ATOM   800  C  CB   . THR A 1 53 ? 3.472   6.853   -1.246  1.00 4.99  ? 53  THR A CB   1 
ATOM   801  O  OG1  . THR A 1 53 ? 4.803   6.469   -0.929  1.00 6.16  ? 53  THR A OG1  1 
ATOM   802  C  CG2  . THR A 1 53 ? 3.031   7.976   -0.286  1.00 6.03  ? 53  THR A CG2  1 
ATOM   803  H  H    . THR A 1 53 ? 3.023   4.708   -2.795  1.00 4.09  ? 53  THR A H    1 
ATOM   804  H  HA   . THR A 1 53 ? 2.514   5.359   -0.206  1.00 4.65  ? 53  THR A HA   1 
ATOM   805  H  HB   . THR A 1 53 ? 3.444   7.187   -2.156  1.00 6.00  ? 53  THR A HB   1 
ATOM   806  H  HG1  . THR A 1 53 ? 5.319   7.127   -1.009  1.00 7.40  ? 53  THR A HG1  1 
ATOM   807  H  HG21 . THR A 1 53 ? 3.704   8.673   -0.259  1.00 7.25  ? 53  THR A HG21 1 
ATOM   808  H  HG22 . THR A 1 53 ? 2.192   8.360   -0.586  1.00 7.25  ? 53  THR A HG22 1 
ATOM   809  H  HG23 . THR A 1 53 ? 2.910   7.620   0.609   1.00 7.25  ? 53  THR A HG23 1 
ATOM   810  N  N    . VAL A 1 54 ? 0.186   6.093   -0.661  1.00 3.92  ? 54  VAL A N    1 
ATOM   811  C  CA   . VAL A 1 54 ? -1.204  6.428   -0.939  1.00 4.33  ? 54  VAL A CA   1 
ATOM   812  C  C    . VAL A 1 54 ? -1.547  7.690   -0.172  1.00 4.25  ? 54  VAL A C    1 
ATOM   813  O  O    . VAL A 1 54 ? -1.277  7.770   1.027   1.00 5.32  ? 54  VAL A O    1 
ATOM   814  C  CB   . VAL A 1 54 ? -2.137  5.285   -0.503  1.00 5.87  ? 54  VAL A CB   1 
ATOM   815  C  CG1  . VAL A 1 54 ? -3.591  5.672   -0.681  1.00 7.77  ? 54  VAL A CG1  1 
ATOM   816  C  CG2  . VAL A 1 54 ? -1.796  3.998   -1.213  1.00 7.16  ? 54  VAL A CG2  1 
ATOM   817  H  H    . VAL A 1 54 ? 0.327   5.907   0.166   1.00 4.71  ? 54  VAL A H    1 
ATOM   818  H  HA   . VAL A 1 54 ? -1.317  6.595   -1.888  1.00 5.21  ? 54  VAL A HA   1 
ATOM   819  H  HB   . VAL A 1 54 ? -2.002  5.122   0.444   1.00 7.06  ? 54  VAL A HB   1 
ATOM   820  H  HG11 . VAL A 1 54 ? -4.142  4.879   -0.596  1.00 9.33  ? 54  VAL A HG11 1 
ATOM   821  H  HG12 . VAL A 1 54 ? -3.832  6.318   0.002   1.00 9.33  ? 54  VAL A HG12 1 
ATOM   822  H  HG13 . VAL A 1 54 ? -3.708  6.064   -1.561  1.00 9.33  ? 54  VAL A HG13 1 
ATOM   823  H  HG21 . VAL A 1 54 ? -2.415  3.307   -0.929  1.00 8.60  ? 54  VAL A HG21 1 
ATOM   824  H  HG22 . VAL A 1 54 ? -1.871  4.137   -2.170  1.00 8.60  ? 54  VAL A HG22 1 
ATOM   825  H  HG23 . VAL A 1 54 ? -0.888  3.742   -0.986  1.00 8.60  ? 54  VAL A HG23 1 
ATOM   826  N  N    . THR A 1 55 ? -2.158  8.662   -0.849  1.00 4.17  ? 55  THR A N    1 
ATOM   827  C  CA   . THR A 1 55 ? -2.572  9.909   -0.212  1.00 5.17  ? 55  THR A CA   1 
ATOM   828  C  C    . THR A 1 55 ? -4.033  10.157  -0.553  1.00 5.53  ? 55  THR A C    1 
ATOM   829  O  O    . THR A 1 55 ? -4.374  10.419  -1.710  1.00 6.52  ? 55  THR A O    1 
ATOM   830  C  CB   . THR A 1 55 ? -1.662  11.072  -0.622  1.00 6.27  ? 55  THR A CB   1 
ATOM   831  O  OG1  . THR A 1 55 ? -0.292  10.704  -0.367  1.00 7.02  ? 55  THR A OG1  1 
ATOM   832  C  CG2  . THR A 1 55 ? -2.004  12.333  0.157   1.00 7.17  ? 55  THR A CG2  1 
ATOM   833  H  H    . THR A 1 55 ? -2.343  8.620   -1.688  1.00 5.02  ? 55  THR A H    1 
ATOM   834  H  HA   . THR A 1 55 ? -2.513  9.825   0.753   1.00 6.22  ? 55  THR A HA   1 
ATOM   835  H  HB   . THR A 1 55 ? -1.785  11.265  -1.565  1.00 7.53  ? 55  THR A HB   1 
ATOM   836  H  HG1  . THR A 1 55 ? 0.219   11.339  -0.571  1.00 8.43  ? 55  THR A HG1  1 
ATOM   837  H  HG21 . THR A 1 55 ? -1.377  13.040  -0.064  1.00 8.61  ? 55  THR A HG21 1 
ATOM   838  H  HG22 . THR A 1 55 ? -2.901  12.627  -0.063  1.00 8.61  ? 55  THR A HG22 1 
ATOM   839  H  HG23 . THR A 1 55 ? -1.955  12.158  1.110   1.00 8.61  ? 55  THR A HG23 1 
ATOM   840  N  N    . GLU A 1 56 ? -4.888  10.073  0.459   1.00 6.21  ? 56  GLU A N    1 
ATOM   841  C  CA   . GLU A 1 56 ? -6.321  10.199  0.270   1.00 7.64  ? 56  GLU A CA   1 
ATOM   842  C  C    . GLU A 1 56 ? -6.741  11.627  -0.015  1.00 10.09 ? 56  GLU A C    1 
ATOM   843  O  O    . GLU A 1 56 ? -6.218  12.543  0.627   1.00 11.23 ? 56  GLU A O    1 
ATOM   844  C  CB   . GLU A 1 56 ? -7.045  9.682   1.510   1.00 8.39  ? 56  GLU A CB   1 
ATOM   845  C  CG   . GLU A 1 56 ? -8.543  9.709   1.381   1.00 11.30 ? 56  GLU A CG   1 
ATOM   846  C  CD   . GLU A 1 56 ? -9.263  9.148   2.582   1.00 12.35 ? 56  GLU A CD   1 
ATOM   847  O  OE1  . GLU A 1 56 ? -10.500 9.025   2.505   1.00 14.32 ? 56  GLU A OE1  1 
ATOM   848  O  OE2  . GLU A 1 56 ? -8.600  8.830   3.597   1.00 11.79 ? 56  GLU A OE2  1 
ATOM   849  O  OXT  . GLU A 1 56 ? -7.606  11.837  -0.881  1.00 11.96 ? 56  GLU A OXT  1 
ATOM   850  H  H    . GLU A 1 56 ? -4.657  9.940   1.277   1.00 7.46  ? 56  GLU A H    1 
ATOM   851  H  HA   . GLU A 1 56 ? -6.582  9.670   -0.501  1.00 9.18  ? 56  GLU A HA   1 
ATOM   852  H  HB2  . GLU A 1 56 ? -6.776  8.763   1.670   1.00 10.07 ? 56  GLU A HB2  1 
ATOM   853  H  HB3  . GLU A 1 56 ? -6.801  10.235  2.269   1.00 10.07 ? 56  GLU A HB3  1 
ATOM   854  H  HG2  . GLU A 1 56 ? -8.830  10.628  1.267   1.00 13.57 ? 56  GLU A HG2  1 
ATOM   855  H  HG3  . GLU A 1 56 ? -8.800  9.182   0.609   1.00 13.57 ? 56  GLU A HG3  1 
HETATM 856  C  C1   . MPD B 2 .  ? -1.090  -6.262  4.490   1.00 19.37 ? 101 MPD A C1   1 
HETATM 857  C  C2   . MPD B 2 .  ? -0.723  -5.475  5.742   1.00 17.59 ? 101 MPD A C2   1 
HETATM 858  O  O2   . MPD B 2 .  ? 0.664   -5.058  5.674   1.00 13.31 ? 101 MPD A O2   1 
HETATM 859  C  CM   . MPD B 2 .  ? -1.578  -4.219  5.765   1.00 18.72 ? 101 MPD A CM   1 
HETATM 860  C  C3   . MPD B 2 .  ? -0.975  -6.285  7.006   1.00 19.26 ? 101 MPD A C3   1 
HETATM 861  C  C4   . MPD B 2 .  ? -0.257  -7.628  7.029   1.00 21.21 ? 101 MPD A C4   1 
HETATM 862  O  O4   . MPD B 2 .  ? 1.090   -7.481  6.655   1.00 21.03 ? 101 MPD A O4   1 
HETATM 863  C  C5   . MPD B 2 .  ? -0.351  -8.235  8.434   1.00 22.54 ? 101 MPD A C5   1 
HETATM 864  H  H11  . MPD B 2 .  ? -1.712  -7.113  4.766   1.00 23.25 ? 101 MPD A H11  1 
HETATM 865  H  H12  . MPD B 2 .  ? -0.181  -6.619  4.006   1.00 23.25 ? 101 MPD A H12  1 
HETATM 866  H  H13  . MPD B 2 .  ? -1.638  -5.617  3.804   1.00 23.25 ? 101 MPD A H13  1 
HETATM 867  H  HO2  . MPD B 2 .  ? 1.108   -5.260  6.523   1.00 15.98 ? 101 MPD A HO2  1 
HETATM 868  H  HM1  . MPD B 2 .  ? -2.522  -4.431  6.265   1.00 22.47 ? 101 MPD A HM1  1 
HETATM 869  H  HM2  . MPD B 2 .  ? -1.774  -3.894  4.742   1.00 22.47 ? 101 MPD A HM2  1 
HETATM 870  H  HM3  . MPD B 2 .  ? -1.052  -3.429  6.301   1.00 22.47 ? 101 MPD A HM3  1 
HETATM 871  H  H31  . MPD B 2 .  ? -0.653  -5.700  7.868   1.00 23.13 ? 101 MPD A H31  1 
HETATM 872  H  H32  . MPD B 2 .  ? -2.047  -6.459  7.103   1.00 23.13 ? 101 MPD A H32  1 
HETATM 873  H  H4   . MPD B 2 .  ? -0.730  -8.294  6.309   1.00 25.46 ? 101 MPD A H4   1 
HETATM 874  H  HO4  . MPD B 2 .  ? 1.539   -6.876  7.282   1.00 25.24 ? 101 MPD A HO4  1 
HETATM 875  H  H51  . MPD B 2 .  ? 0.644   -8.522  8.774   1.00 27.06 ? 101 MPD A H51  1 
HETATM 876  H  H52  . MPD B 2 .  ? -0.993  -9.116  8.406   1.00 27.06 ? 101 MPD A H52  1 
HETATM 877  H  H53  . MPD B 2 .  ? -0.772  -7.500  9.120   1.00 27.06 ? 101 MPD A H53  1 
HETATM 878  C  C1   . MPD C 2 .  ? -5.822  15.395  9.132   1.00 31.21 ? 102 MPD A C1   1 
HETATM 879  C  C2   . MPD C 2 .  ? -4.465  14.965  8.603   1.00 30.83 ? 102 MPD A C2   1 
HETATM 880  O  O2   . MPD C 2 .  ? -4.402  15.245  7.180   1.00 32.06 ? 102 MPD A O2   1 
HETATM 881  C  CM   . MPD C 2 .  ? -3.417  15.790  9.331   1.00 28.69 ? 102 MPD A CM   1 
HETATM 882  C  C3   . MPD C 2 .  ? -4.206  13.472  8.805   1.00 32.81 ? 102 MPD A C3   1 
HETATM 883  C  C4   . MPD C 2 .  ? -4.493  13.023  10.227  1.00 35.03 ? 102 MPD A C4   1 
HETATM 884  O  O4   . MPD C 2 .  ? -5.693  12.291  10.276  1.00 35.77 ? 102 MPD A O4   1 
HETATM 885  C  C5   . MPD C 2 .  ? -3.358  12.150  10.751  1.00 36.10 ? 102 MPD A C5   1 
HETATM 886  H  H11  . MPD C 2 .  ? -6.493  14.537  9.151   1.00 37.46 ? 102 MPD A H11  1 
HETATM 887  H  H12  . MPD C 2 .  ? -6.236  16.167  8.485   1.00 37.46 ? 102 MPD A H12  1 
HETATM 888  H  H13  . MPD C 2 .  ? -5.708  15.790  10.142  1.00 37.46 ? 102 MPD A H13  1 
HETATM 889  H  HO2  . MPD C 2 .  ? -4.163  14.428  6.697   1.00 38.48 ? 102 MPD A HO2  1 
HETATM 890  H  HM1  . MPD C 2 .  ? -3.006  15.207  10.155  1.00 34.43 ? 102 MPD A HM1  1 
HETATM 891  H  HM2  . MPD C 2 .  ? -3.877  16.697  9.722   1.00 34.43 ? 102 MPD A HM2  1 
HETATM 892  H  HM3  . MPD C 2 .  ? -2.619  16.055  8.639   1.00 34.43 ? 102 MPD A HM3  1 
HETATM 893  H  H31  . MPD C 2 .  ? -3.166  13.253  8.564   1.00 39.38 ? 102 MPD A H31  1 
HETATM 894  H  H32  . MPD C 2 .  ? -4.835  12.903  8.118   1.00 39.38 ? 102 MPD A H32  1 
HETATM 895  H  H4   . MPD C 2 .  ? -4.587  13.912  10.851  1.00 42.04 ? 102 MPD A H4   1 
HETATM 896  H  HO4  . MPD C 2 .  ? -5.563  11.419  9.846   1.00 42.94 ? 102 MPD A HO4  1 
HETATM 897  H  H51  . MPD C 2 .  ? -3.764  11.207  11.114  1.00 43.33 ? 102 MPD A H51  1 
HETATM 898  H  H52  . MPD C 2 .  ? -2.850  12.665  11.566  1.00 43.33 ? 102 MPD A H52  1 
HETATM 899  H  H53  . MPD C 2 .  ? -2.649  11.955  9.947   1.00 43.33 ? 102 MPD A H53  1 
HETATM 900  N  N1   . IMD D 3 .  ? -2.139  -0.390  -3.632  0.94 26.14 ? 103 IMD A N1   1 
HETATM 901  C  C2   . IMD D 3 .  ? -2.119  0.951   -3.643  0.94 26.82 ? 103 IMD A C2   1 
HETATM 902  N  N3   . IMD D 3 .  ? -3.282  1.381   -4.154  0.94 26.95 ? 103 IMD A N3   1 
HETATM 903  C  C4   . IMD D 3 .  ? -4.002  0.325   -4.459  0.94 25.39 ? 103 IMD A C4   1 
HETATM 904  C  C5   . IMD D 3 .  ? -3.289  -0.789  -4.133  0.94 24.49 ? 103 IMD A C5   1 
HETATM 905  H  HN1  . IMD D 3 .  ? -1.510  -0.902  -3.347  0.94 31.37 ? 103 IMD A HN1  1 
HETATM 906  H  H2   . IMD D 3 .  ? -1.419  1.489   -3.348  0.94 32.19 ? 103 IMD A H2   1 
HETATM 907  H  HN3  . IMD D 3 .  ? -3.516  2.202   -4.263  0.94 32.35 ? 103 IMD A HN3  1 
HETATM 908  H  H4   . IMD D 3 .  ? -4.853  0.336   -4.834  0.94 30.48 ? 103 IMD A H4   1 
HETATM 909  H  H5   . IMD D 3 .  ? -3.563  -1.670  -4.246  0.94 29.40 ? 103 IMD A H5   1 
HETATM 910  O  O    . HOH E 4 .  ? -11.287 7.249   6.478   1.00 16.39 ? 201 HOH A O    1 
HETATM 911  O  O    . HOH E 4 .  ? 10.208  4.029   3.696   1.00 28.81 ? 202 HOH A O    1 
HETATM 912  O  O    . HOH E 4 .  ? 0.983   -10.260 4.424   1.00 20.39 ? 203 HOH A O    1 
HETATM 913  O  O    . HOH E 4 .  ? 7.456   -7.415  7.065   1.00 17.69 ? 204 HOH A O    1 
HETATM 914  O  O    . HOH E 4 .  ? 11.660  7.152   -6.775  1.00 35.33 ? 205 HOH A O    1 
HETATM 915  O  O    . HOH E 4 .  ? -3.955  -1.144  10.779  1.00 15.85 ? 206 HOH A O    1 
HETATM 916  O  O    . HOH E 4 .  ? -5.197  15.815  -5.795  1.00 27.68 ? 207 HOH A O    1 
HETATM 917  O  O    . HOH E 4 .  ? 7.819   -13.902 -1.527  1.00 25.64 ? 208 HOH A O    1 
HETATM 918  O  O    . HOH E 4 .  ? -3.605  -1.213  -10.842 1.00 16.63 ? 209 HOH A O    1 
HETATM 919  O  O    . HOH E 4 .  ? 12.217  -5.168  -10.280 1.00 25.94 ? 210 HOH A O    1 
HETATM 920  O  O    . HOH E 4 .  ? -11.957 9.118   4.691   1.00 11.26 ? 211 HOH A O    1 
HETATM 921  O  O    . HOH E 4 .  ? 1.619   -3.612  -8.935  1.00 12.49 ? 212 HOH A O    1 
HETATM 922  O  O    . HOH E 4 .  ? -9.207  1.251   -1.759  1.00 16.81 ? 213 HOH A O    1 
HETATM 923  O  O    . HOH E 4 .  ? -9.500  13.629  -1.456  1.00 26.66 ? 214 HOH A O    1 
HETATM 924  O  O    . HOH E 4 .  ? -4.832  -1.228  -6.765  1.00 14.97 ? 215 HOH A O    1 
HETATM 925  O  O    . HOH E 4 .  ? -6.211  15.060  -0.276  1.00 13.77 ? 216 HOH A O    1 
HETATM 926  O  O    . HOH E 4 .  ? -11.404 6.910   1.112   1.00 12.14 ? 217 HOH A O    1 
HETATM 927  O  O    . HOH E 4 .  ? 8.943   6.668   -7.586  1.00 17.52 ? 218 HOH A O    1 
HETATM 928  O  O    . HOH E 4 .  ? 11.719  3.221   -9.013  1.00 28.87 ? 219 HOH A O    1 
HETATM 929  O  O    . HOH E 4 .  ? 9.341   -6.081  -7.448  1.00 18.23 ? 220 HOH A O    1 
HETATM 930  O  O    . HOH E 4 .  ? -2.488  1.767   8.765   1.00 25.05 ? 221 HOH A O    1 
HETATM 931  O  O    . HOH E 4 .  ? 16.670  0.289   -3.956  1.00 12.26 ? 222 HOH A O    1 
HETATM 932  O  O    . HOH E 4 .  ? 9.275   -9.753  -4.907  1.00 19.31 ? 223 HOH A O    1 
HETATM 933  O  O    . HOH E 4 .  ? -6.891  11.257  -3.447  1.00 23.01 ? 224 HOH A O    1 
HETATM 934  O  O    . HOH E 4 .  ? 12.211  -4.657  0.489   1.00 12.02 ? 225 HOH A O    1 
HETATM 935  O  O    . HOH E 4 .  ? -6.089  2.184   -5.024  1.00 26.63 ? 226 HOH A O    1 
HETATM 936  O  O    . HOH E 4 .  ? -8.585  7.481   5.994   1.00 11.77 ? 227 HOH A O    1 
HETATM 937  O  O    . HOH E 4 .  ? -15.146 -0.964  3.497   1.00 20.27 ? 228 HOH A O    1 
HETATM 938  O  O    . HOH E 4 .  ? 5.824   -13.372 -10.609 1.00 17.19 ? 229 HOH A O    1 
HETATM 939  O  O    . HOH E 4 .  ? -1.418  -12.313 -7.011  1.00 10.36 ? 230 HOH A O    1 
HETATM 940  O  O    . HOH E 4 .  ? -5.815  -11.203 4.002   1.00 8.81  ? 231 HOH A O    1 
HETATM 941  O  O    . HOH E 4 .  ? 10.661  3.049   1.154   1.00 24.64 ? 232 HOH A O    1 
HETATM 942  O  O    . HOH E 4 .  ? 6.697   6.142   -6.103  1.00 14.58 ? 233 HOH A O    1 
HETATM 943  O  O    . HOH E 4 .  ? -14.030 0.116   0.644   1.00 25.90 ? 234 HOH A O    1 
HETATM 944  O  O    . HOH E 4 .  ? 11.764  -11.235 1.371   1.00 18.20 ? 235 HOH A O    1 
HETATM 945  O  O    . HOH E 4 .  ? -7.245  -7.060  -3.644  1.00 11.10 ? 236 HOH A O    1 
HETATM 946  O  O    . HOH E 4 .  ? -4.607  -7.447  3.179   1.00 9.29  ? 237 HOH A O    1 
HETATM 947  O  O    . HOH E 4 .  ? 10.469  -2.591  3.400   1.00 34.67 ? 238 HOH A O    1 
HETATM 948  O  O    . HOH E 4 .  ? -15.075 -2.954  7.041   1.00 36.48 ? 239 HOH A O    1 
HETATM 949  O  O    . HOH E 4 .  ? 0.579   9.383   -2.694  1.00 8.19  ? 240 HOH A O    1 
HETATM 950  O  O    . HOH E 4 .  ? 8.204   -5.018  -10.455 1.00 19.01 ? 241 HOH A O    1 
HETATM 951  O  O    . HOH E 4 .  ? 3.955   10.054  4.927   1.00 20.22 ? 242 HOH A O    1 
HETATM 952  O  O    . HOH E 4 .  ? 9.107   -11.427 -8.357  1.00 27.83 ? 243 HOH A O    1 
HETATM 953  O  O    . HOH E 4 .  ? 5.029   -10.235 -11.797 1.00 14.80 ? 244 HOH A O    1 
HETATM 954  O  O    . HOH E 4 .  ? 11.814  -4.379  -6.863  1.00 24.41 ? 245 HOH A O    1 
HETATM 955  O  O    . HOH E 4 .  ? -12.282 -6.507  9.276   1.00 38.79 ? 246 HOH A O    1 
HETATM 956  O  O    . HOH E 4 .  ? -11.279 -5.903  1.442   1.00 11.00 ? 247 HOH A O    1 
HETATM 957  O  O    . HOH E 4 .  ? -9.693  10.058  -1.731  1.00 19.74 ? 248 HOH A O    1 
HETATM 958  O  O    . HOH E 4 .  ? 6.392   8.624   0.139   1.00 9.31  ? 249 HOH A O    1 
HETATM 959  O  O    . HOH E 4 .  ? 6.227   5.302   -3.156  1.00 9.67  ? 250 HOH A O    1 
HETATM 960  O  O    . HOH E 4 .  ? -10.047 1.980   -6.710  1.00 41.10 ? 251 HOH A O    1 
HETATM 961  O  O    . HOH E 4 .  ? -8.286  13.858  -6.520  1.00 38.36 ? 252 HOH A O    1 
HETATM 962  O  O    . HOH E 4 .  ? 9.728   -2.245  0.859   1.00 15.38 ? 253 HOH A O    1 
HETATM 963  O  O    . HOH E 4 .  ? -8.822  4.212   11.206  1.00 22.02 ? 254 HOH A O    1 
HETATM 964  O  O    . HOH E 4 .  ? 3.650   -11.108 4.835   1.00 20.73 ? 255 HOH A O    1 
HETATM 965  O  O    . HOH E 4 .  ? -0.638  13.238  7.056   1.00 17.53 ? 256 HOH A O    1 
HETATM 966  O  O    . HOH E 4 .  ? -3.899  13.079  -2.857  1.00 14.51 ? 257 HOH A O    1 
HETATM 967  O  O    . HOH E 4 .  ? 12.548  -3.697  3.161   1.00 30.43 ? 258 HOH A O    1 
HETATM 968  O  O    . HOH E 4 .  ? 1.990   7.425   6.616   1.00 9.80  ? 259 HOH A O    1 
HETATM 969  O  O    . HOH E 4 .  ? -5.976  -4.134  -9.788  1.00 39.39 ? 260 HOH A O    1 
HETATM 970  O  O    . HOH E 4 .  ? 10.966  -2.337  6.523   1.00 38.40 ? 261 HOH A O    1 
HETATM 971  O  O    . HOH E 4 .  ? -11.972 -1.010  9.322   1.00 30.64 ? 262 HOH A O    1 
HETATM 972  O  O    . HOH E 4 .  ? 7.167   -7.439  -9.523  1.00 12.57 ? 263 HOH A O    1 
HETATM 973  O  O    . HOH E 4 .  ? -12.374 -0.447  -4.124  1.00 29.92 ? 264 HOH A O    1 
HETATM 974  O  O    . HOH E 4 .  ? 4.526   -7.843  -10.537 1.00 9.77  ? 265 HOH A O    1 
HETATM 975  O  O    . HOH E 4 .  ? 1.429   -12.539 0.059   1.00 15.40 ? 266 HOH A O    1 
HETATM 976  O  O    . HOH E 4 .  ? 8.469   -9.310  4.319   1.00 27.76 ? 267 HOH A O    1 
HETATM 977  O  O    . HOH E 4 .  ? 12.118  -6.645  7.949   1.00 20.00 ? 268 HOH A O    1 
HETATM 978  O  O    . HOH E 4 .  ? -10.406 -3.537  -5.440  1.00 22.44 ? 269 HOH A O    1 
HETATM 979  O  O    . HOH E 4 .  ? 9.178   -15.635 0.980   1.00 25.62 ? 270 HOH A O    1 
HETATM 980  O  O    . HOH E 4 .  ? 13.063  -2.264  -0.545  1.00 26.29 ? 271 HOH A O    1 
HETATM 981  O  O    . HOH E 4 .  ? 13.806  -3.320  -3.040  1.00 28.70 ? 272 HOH A O    1 
HETATM 982  O  O    . HOH E 4 .  ? 8.082   7.437   5.187   1.00 38.88 ? 273 HOH A O    1 
HETATM 983  O  O    . HOH E 4 .  ? 11.920  -9.020  7.371   1.00 28.82 ? 274 HOH A O    1 
HETATM 984  O  O    . HOH E 4 .  ? 4.528   8.165   7.064   1.00 11.89 ? 275 HOH A O    1 
HETATM 985  O  O    . HOH E 4 .  ? 7.736   8.425   10.049  1.00 27.32 ? 276 HOH A O    1 
HETATM 986  O  O    . HOH E 4 .  ? -1.135  15.427  8.061   1.00 34.12 ? 277 HOH A O    1 
HETATM 987  O  O    . HOH E 4 .  ? 8.794   5.331   -1.688  1.00 23.50 ? 278 HOH A O    1 
HETATM 988  O  O    . HOH E 4 .  ? 2.914   -13.654 3.087   1.00 30.40 ? 279 HOH A O    1 
HETATM 989  O  O    . HOH E 4 .  ? -0.926  14.238  9.699   1.00 20.15 ? 280 HOH A O    1 
HETATM 990  O  O    . HOH E 4 .  ? 5.559   -15.236 -1.357  1.00 22.28 ? 281 HOH A O    1 
HETATM 991  O  O    . HOH E 4 .  ? -0.269  10.664  -6.008  1.00 19.02 ? 282 HOH A O    1 
HETATM 992  O  O    . HOH E 4 .  ? 16.683  -0.643  -7.280  1.00 34.90 ? 283 HOH A O    1 
HETATM 993  O  O    . HOH E 4 .  ? -0.638  -2.947  10.422  1.00 25.04 ? 284 HOH A O    1 
HETATM 994  O  O    . HOH E 4 .  ? 14.514  -3.045  -8.612  1.00 33.72 ? 285 HOH A O    1 
HETATM 995  O  O    . HOH E 4 .  ? -5.481  -3.927  -6.689  1.00 23.44 ? 286 HOH A O    1 
HETATM 996  O  O    . HOH E 4 .  ? 13.521  -5.738  -8.324  1.00 21.14 ? 287 HOH A O    1 
HETATM 997  O  O    . HOH E 4 .  ? -10.581 -0.523  12.387  1.00 37.07 ? 288 HOH A O    1 
HETATM 998  O  O    . HOH E 4 .  ? 11.696  -9.589  -5.949  1.00 26.17 ? 289 HOH A O    1 
HETATM 999  O  O    . HOH E 4 .  ? -8.888  14.797  -4.132  1.00 31.89 ? 290 HOH A O    1 
HETATM 1000 O  O    . HOH E 4 .  ? 9.806   6.642   3.333   1.00 24.70 ? 291 HOH A O    1 
HETATM 1001 O  O    . HOH E 4 .  ? -7.858  -5.325  -5.685  1.00 15.39 ? 292 HOH A O    1 
HETATM 1002 O  O    . HOH E 4 .  ? -10.993 -4.532  11.641  1.00 22.01 ? 293 HOH A O    1 
HETATM 1003 O  O    . HOH E 4 .  ? 12.109  -6.132  -12.621 1.00 24.08 ? 294 HOH A O    1 
HETATM 1004 O  O    . HOH E 4 .  ? -13.348 -4.821  11.245  1.00 36.69 ? 295 HOH A O    1 
HETATM 1005 O  O    . HOH E 4 .  ? 11.317  -7.497  -8.736  1.00 35.12 ? 296 HOH A O    1 
HETATM 1006 O  O    . HOH E 4 .  ? 12.611  0.730   7.879   1.00 36.24 ? 297 HOH A O    1 
# 
loop_
_atom_site_anisotrop.id 
_atom_site_anisotrop.type_symbol 
_atom_site_anisotrop.pdbx_label_atom_id 
_atom_site_anisotrop.pdbx_label_alt_id 
_atom_site_anisotrop.pdbx_label_comp_id 
_atom_site_anisotrop.pdbx_label_asym_id 
_atom_site_anisotrop.pdbx_label_seq_id 
_atom_site_anisotrop.pdbx_PDB_ins_code 
_atom_site_anisotrop.U[1][1] 
_atom_site_anisotrop.U[2][2] 
_atom_site_anisotrop.U[3][3] 
_atom_site_anisotrop.U[1][2] 
_atom_site_anisotrop.U[1][3] 
_atom_site_anisotrop.U[2][3] 
_atom_site_anisotrop.pdbx_auth_seq_id 
_atom_site_anisotrop.pdbx_auth_comp_id 
_atom_site_anisotrop.pdbx_auth_asym_id 
_atom_site_anisotrop.pdbx_auth_atom_id 
1   N  N   . GLY A 1  ? 0.1061 0.1412 0.1579 0.0256  0.0114  -0.0396 1   GLY A N   
2   C  CA  . GLY A 1  ? 0.0847 0.1270 0.1299 0.0203  0.0021  -0.0207 1   GLY A CA  
3   C  C   . GLY A 1  ? 0.0678 0.0871 0.1077 0.0240  -0.0033 -0.0019 1   GLY A C   
4   O  O   . GLY A 1  ? 0.0774 0.0923 0.1149 0.0110  -0.0013 -0.0159 1   GLY A O   
10  N  N   . GLN A 2  ? 0.0608 0.0836 0.0892 0.0153  0.0010  0.0018  2   GLN A N   
11  C  CA  . GLN A 2  ? 0.0612 0.0682 0.0916 0.0283  -0.0046 0.0093  2   GLN A CA  
12  C  C   . GLN A 2  ? 0.0504 0.0747 0.0914 0.0096  -0.0037 0.0122  2   GLN A C   
13  O  O   . GLN A 2  ? 0.0424 0.1027 0.1304 0.0034  -0.0041 0.0357  2   GLN A O   
14  C  CB  . GLN A 2  ? 0.0985 0.0935 0.1111 0.0473  -0.0168 0.0165  2   GLN A CB  
15  C  CG  . GLN A 2  ? 0.1370 0.1941 0.1364 0.0622  -0.0042 0.0075  2   GLN A CG  
16  C  CD  . GLN A 2  ? 0.1773 0.3192 0.1766 0.0701  -0.0093 0.0180  2   GLN A CD  
17  O  OE1 . GLN A 2  ? 0.2068 0.4018 0.1838 0.0467  -0.0038 0.0514  2   GLN A OE1 
18  N  NE2 . GLN A 2  ? 0.2112 0.3453 0.2046 0.0829  -0.0160 -0.0090 2   GLN A NE2 
27  N  N   . TYR A 3  ? 0.0401 0.0584 0.0668 0.0069  -0.0067 0.0033  3   TYR A N   
28  C  CA  . TYR A 3  ? 0.0446 0.0507 0.0547 0.0128  -0.0025 0.0082  3   TYR A CA  
29  C  C   . TYR A 3  ? 0.0442 0.0613 0.0544 0.0074  0.0026  0.0083  3   TYR A C   
30  O  O   . TYR A 3  ? 0.0779 0.0570 0.0562 0.0082  0.0170  0.0036  3   TYR A O   
31  C  CB  . TYR A 3  ? 0.0427 0.0587 0.0598 0.0099  -0.0087 0.0147  3   TYR A CB  
32  C  CG  . TYR A 3  ? 0.0496 0.0561 0.0613 0.0127  -0.0132 0.0008  3   TYR A CG  
33  C  CD1 . TYR A 3  ? 0.0590 0.0652 0.0632 0.0110  -0.0092 -0.0019 3   TYR A CD1 
34  C  CD2 . TYR A 3  ? 0.0604 0.0631 0.0727 0.0033  -0.0214 -0.0028 3   TYR A CD2 
35  C  CE1 . TYR A 3  ? 0.0741 0.0917 0.0719 0.0054  -0.0033 -0.0085 3   TYR A CE1 
36  C  CE2 . TYR A 3  ? 0.0767 0.0736 0.0893 0.0115  -0.0180 -0.0258 3   TYR A CE2 
37  C  CZ  . TYR A 3  ? 0.0853 0.1081 0.0886 0.0176  -0.0082 -0.0350 3   TYR A CZ  
38  O  OH  . TYR A 3  ? 0.1141 0.1468 0.1020 0.0237  -0.0052 -0.0646 3   TYR A OH  
48  N  N   . LYS A 4  ? 0.0627 0.0426 0.0540 0.0129  0.0075  0.0136  4   LYS A N   
49  C  CA  . LYS A 4  ? 0.0608 0.0449 0.0519 0.0052  0.0002  0.0143  4   LYS A CA  
50  C  C   . LYS A 4  ? 0.0602 0.0437 0.0334 -0.0001 0.0067  0.0053  4   LYS A C   
51  O  O   . LYS A 4  ? 0.0652 0.0548 0.0369 0.0060  0.0060  0.0073  4   LYS A O   
52  C  CB  . LYS A 4  ? 0.0687 0.0625 0.0789 0.0112  -0.0087 0.0137  4   LYS A CB  
53  C  CG  . LYS A 4  ? 0.1064 0.0891 0.1113 0.0123  -0.0203 -0.0085 4   LYS A CG  
54  C  CD  . LYS A 4  ? 0.1540 0.1851 0.1588 0.0034  -0.0248 -0.0330 4   LYS A CD  
55  C  CE  . LYS A 4  ? 0.2326 0.3376 0.2267 -0.0751 -0.0640 0.0173  4   LYS A CE  
56  N  NZ  . LYS A 4  ? 0.2943 0.4275 0.2625 -0.1338 -0.0762 0.0401  4   LYS A NZ  
70  N  N   . LEU A 5  ? 0.0660 0.0462 0.0267 0.0116  0.0036  0.0109  5   LEU A N   
71  C  CA  . LEU A 5  ? 0.0659 0.0422 0.0262 0.0174  -0.0005 0.0042  5   LEU A CA  
72  C  C   . LEU A 5  ? 0.0611 0.0467 0.0313 0.0154  -0.0016 -0.0003 5   LEU A C   
73  O  O   . LEU A 5  ? 0.0969 0.0468 0.0348 0.0099  0.0018  0.0056  5   LEU A O   
74  C  CB  . LEU A 5  ? 0.0658 0.0454 0.0433 0.0016  -0.0020 -0.0024 5   LEU A CB  
75  C  CG  . LEU A 5  ? 0.0617 0.0631 0.0667 0.0109  0.0023  0.0003  5   LEU A CG  
76  C  CD1 . LEU A 5  ? 0.0516 0.1173 0.0841 0.0008  -0.0009 0.0145  5   LEU A CD1 
77  C  CD2 . LEU A 5  ? 0.0608 0.0787 0.0728 0.0041  0.0082  -0.0059 5   LEU A CD2 
89  N  N   . ILE A 6  ? 0.0700 0.0387 0.0282 0.0159  0.0014  -0.0019 6   ILE A N   
90  C  CA  . ILE A 6  ? 0.0621 0.0433 0.0311 0.0086  -0.0011 -0.0063 6   ILE A CA  
91  C  C   . ILE A 6  ? 0.0653 0.0416 0.0336 0.0108  -0.0030 -0.0021 6   ILE A C   
92  O  O   . ILE A 6  ? 0.0724 0.0725 0.0352 0.0194  0.0004  0.0078  6   ILE A O   
93  C  CB  . ILE A 6  ? 0.0775 0.0445 0.0554 0.0016  -0.0059 -0.0115 6   ILE A CB  
94  C  CG1 . ILE A 6  ? 0.0957 0.0764 0.0849 -0.0216 -0.0039 -0.0177 6   ILE A CG1 
95  C  CG2 . ILE A 6  ? 0.0864 0.0702 0.0698 -0.0093 -0.0098 -0.0054 6   ILE A CG2 
96  C  CD1 . ILE A 6  ? 0.1162 0.1081 0.1116 -0.0280 0.0015  -0.0204 6   ILE A CD1 
108 N  N   . LEU A 7  ? 0.0609 0.0613 0.0363 0.0094  -0.0071 0.0122  7   LEU A N   
109 C  CA  . LEU A 7  ? 0.0754 0.1142 0.0484 0.0185  0.0041  0.0222  7   LEU A CA  
110 C  C   . LEU A 7  ? 0.0834 0.1116 0.0460 0.0376  0.0077  0.0232  7   LEU A C   
111 O  O   . LEU A 7  ? 0.1222 0.1223 0.0506 0.0659  0.0085  0.0134  7   LEU A O   
112 C  CB  . LEU A 7  ? 0.0788 0.2100 0.0871 0.0021  -0.0003 0.0528  7   LEU A CB  
113 C  CG  . LEU A 7  ? 0.1051 0.3476 0.1232 -0.0361 -0.0043 0.0757  7   LEU A CG  
114 C  CD1 . LEU A 7  ? 0.1100 0.4017 0.1383 -0.0238 -0.0076 0.0937  7   LEU A CD1 
115 C  CD2 . LEU A 7  ? 0.1432 0.3995 0.1447 -0.0738 0.0009  0.0677  7   LEU A CD2 
127 N  N   . ASN A 8  ? 0.0888 0.0984 0.0508 0.0283  -0.0019 0.0211  8   ASN A N   
128 C  CA  . ASN A 8  ? 0.1121 0.1029 0.0541 0.0111  -0.0103 0.0041  8   ASN A CA  
129 C  C   . ASN A 8  ? 0.1157 0.1016 0.0592 0.0271  -0.0146 0.0018  8   ASN A C   
130 O  O   . ASN A 8  ? 0.1122 0.0865 0.0524 0.0334  -0.0158 0.0006  8   ASN A O   
131 C  CB  . ASN A 8  ? 0.1151 0.0924 0.0684 0.0141  -0.0184 0.0034  8   ASN A CB  
132 C  CG  . ASN A 8  ? 0.1060 0.1188 0.0756 0.0042  -0.0148 0.0005  8   ASN A CG  
133 O  OD1 . ASN A 8  ? 0.1073 0.1844 0.0902 -0.0124 -0.0232 0.0177  8   ASN A OD1 
134 N  ND2 . ASN A 8  ? 0.1309 0.0859 0.0845 0.0037  -0.0004 -0.0076 8   ASN A ND2 
141 N  N   . GLY A 9  ? 0.1046 0.1301 0.0736 0.0179  -0.0138 0.0069  9   GLY A N   
142 C  CA  . GLY A 9  ? 0.0963 0.1364 0.1000 0.0122  -0.0107 -0.0111 9   GLY A CA  
143 C  C   . GLY A 9  ? 0.0968 0.1900 0.1629 0.0118  -0.0093 -0.0637 9   GLY A C   
144 O  O   . GLY A 9  ? 0.1045 0.2548 0.1568 -0.0185 0.0078  -0.0946 9   GLY A O   
148 N  N   . LYS A 10 ? 0.1334 0.2178 0.2200 0.0165  -0.0013 -0.1159 10  LYS A N   
149 C  CA  . LYS A 10 ? 0.1545 0.2806 0.2634 0.0389  -0.0005 -0.1443 10  LYS A CA  
150 C  C   . LYS A 10 ? 0.1597 0.3047 0.2348 0.0488  -0.0088 -0.1470 10  LYS A C   
151 O  O   . LYS A 10 ? 0.1930 0.3815 0.2642 -0.0082 0.0175  -0.1833 10  LYS A O   
152 C  CB  . LYS A 10 ? 0.2015 0.2972 0.3158 0.0629  0.0146  -0.1495 10  LYS A CB  
153 C  CG  . LYS A 10 ? 0.2863 0.3269 0.3545 0.0318  0.0363  -0.1519 10  LYS A CG  
154 C  CD  . LYS A 10 ? 0.3685 0.4195 0.3847 -0.0538 0.0514  -0.1307 10  LYS A CD  
155 C  CE  . LYS A 10 ? 0.4384 0.4973 0.4136 -0.1166 0.0462  -0.0977 10  LYS A CE  
156 N  NZ  . LYS A 10 ? 0.4733 0.5547 0.4298 -0.1491 0.0380  -0.0789 10  LYS A NZ  
170 N  N   . THR A 11 ? 0.1397 0.3301 0.1710 0.0818  -0.0298 -0.1099 11  THR A N   
171 C  CA  . THR A 11 ? 0.1190 0.3627 0.1427 0.0698  -0.0138 -0.0657 11  THR A CA  
172 C  C   . THR A 11 ? 0.1046 0.3676 0.1031 0.0485  -0.0076 -0.0397 11  THR A C   
173 O  O   . THR A 11 ? 0.1142 0.4082 0.1078 0.0530  -0.0050 -0.0289 11  THR A O   
174 C  CB  . THR A 11 ? 0.1211 0.3717 0.2044 0.0725  -0.0141 -0.0342 11  THR A CB  
175 O  OG1 . THR A 11 ? 0.1258 0.4091 0.2472 0.0020  -0.0135 -0.0018 11  THR A OG1 
176 C  CG2 . THR A 11 ? 0.1465 0.3894 0.2341 0.0713  -0.0336 -0.0428 11  THR A CG2 
184 N  N   . LEU A 12 ? 0.0878 0.3205 0.0844 0.0364  -0.0037 -0.0231 12  LEU A N   
185 C  CA  . LEU A 12 ? 0.0752 0.2591 0.0843 0.0311  -0.0088 -0.0015 12  LEU A CA  
186 C  C   . LEU A 12 ? 0.0705 0.2092 0.0685 0.0442  0.0034  -0.0012 12  LEU A C   
187 O  O   . LEU A 12 ? 0.0862 0.2666 0.0825 0.0386  -0.0043 0.0264  12  LEU A O   
188 C  CB  . LEU A 12 ? 0.0907 0.3000 0.1051 -0.0293 -0.0121 0.0051  12  LEU A CB  
189 C  CG  . LEU A 12 ? 0.1448 0.2904 0.1240 -0.0457 -0.0152 -0.0041 12  LEU A CG  
190 C  CD1 . LEU A 12 ? 0.2076 0.3202 0.1182 -0.0367 -0.0102 -0.0049 12  LEU A CD1 
191 C  CD2 . LEU A 12 ? 0.1681 0.2662 0.1353 -0.0626 -0.0032 -0.0312 12  LEU A CD2 
203 N  N   . LYS A 13 ? 0.0622 0.1351 0.0510 0.0262  0.0044  0.0020  13  LYS A N   
204 C  CA  . LYS A 13 ? 0.0752 0.0922 0.0576 0.0210  0.0084  0.0054  13  LYS A CA  
205 C  C   . LYS A 13 ? 0.0661 0.0837 0.0505 0.0309  0.0050  0.0079  13  LYS A C   
206 O  O   . LYS A 13 ? 0.0860 0.1264 0.0542 0.0362  0.0189  0.0295  13  LYS A O   
207 C  CB  . LYS A 13 ? 0.1071 0.1064 0.1043 0.0136  -0.0016 0.0154  13  LYS A CB  
208 C  CG  . LYS A 13 ? 0.1596 0.1115 0.1197 -0.0116 -0.0258 0.0017  13  LYS A CG  
209 C  CD  . LYS A 13 ? 0.2201 0.0999 0.1496 -0.0135 -0.0740 0.0061  13  LYS A CD  
210 C  CE  . LYS A 13 ? 0.2744 0.1456 0.1668 -0.0438 -0.0896 0.0241  13  LYS A CE  
211 N  NZ  . LYS A 13 ? 0.2961 0.1544 0.1662 -0.0327 -0.0907 0.0017  13  LYS A NZ  
225 N  N   . GLY A 14 ? 0.0771 0.0846 0.0399 0.0287  -0.0014 0.0112  14  GLY A N   
226 C  CA  . GLY A 14 ? 0.0783 0.1010 0.0428 0.0287  0.0026  0.0082  14  GLY A CA  
227 C  C   . GLY A 14 ? 0.0757 0.0614 0.0339 0.0147  -0.0029 0.0036  14  GLY A C   
228 O  O   . GLY A 14 ? 0.0727 0.0617 0.0379 0.0131  -0.0016 0.0103  14  GLY A O   
232 N  N   . GLU A 15 ? 0.0763 0.0634 0.0353 0.0233  -0.0001 -0.0009 15  GLU A N   
233 C  CA  . GLU A 15 ? 0.0901 0.0686 0.0379 0.0237  0.0022  -0.0015 15  GLU A CA  
234 C  C   . GLU A 15 ? 0.1017 0.0646 0.0380 0.0339  -0.0025 0.0052  15  GLU A C   
235 O  O   . GLU A 15 ? 0.1353 0.0720 0.0404 0.0399  -0.0022 0.0043  15  GLU A O   
236 C  CB  . GLU A 15 ? 0.1003 0.1098 0.0732 0.0178  0.0075  -0.0147 15  GLU A CB  
237 C  CG  . GLU A 15 ? 0.1638 0.2608 0.1163 -0.0628 0.0122  -0.0228 15  GLU A CG  
238 C  CD  . GLU A 15 ? 0.2241 0.4409 0.1713 -0.1389 0.0351  -0.0310 15  GLU A CD  
239 O  OE1 . GLU A 15 ? 0.2448 0.4677 0.1924 -0.1699 0.0391  -0.0228 15  GLU A OE1 
240 O  OE2 . GLU A 15 ? 0.2400 0.5466 0.2018 -0.1732 0.0278  -0.0258 15  GLU A OE2 
247 N  N   . THR A 16 ? 0.1064 0.0697 0.0387 0.0290  0.0035  0.0031  16  THR A N   
248 C  CA  . THR A 16 ? 0.1222 0.0716 0.0527 0.0413  0.0143  0.0065  16  THR A CA  
249 C  C   . THR A 16 ? 0.1213 0.0745 0.0463 0.0379  0.0156  0.0115  16  THR A C   
250 O  O   . THR A 16 ? 0.1603 0.0774 0.0552 0.0556  0.0265  0.0137  16  THR A O   
251 C  CB  . THR A 16 ? 0.1442 0.0950 0.0865 0.0267  0.0352  0.0105  16  THR A CB  
252 O  OG1 . THR A 16 ? 0.1601 0.1276 0.1074 0.0042  0.0270  0.0249  16  THR A OG1 
253 C  CG2 . THR A 16 ? 0.1427 0.1287 0.1078 0.0098  0.0210  0.0129  16  THR A CG2 
261 N  N   . THR A 17 ? 0.1110 0.0661 0.0515 0.0250  0.0195  0.0110  17  THR A N   
262 C  CA  . THR A 17 ? 0.1115 0.0667 0.0640 0.0252  0.0211  -0.0001 17  THR A CA  
263 C  C   . THR A 17 ? 0.1179 0.0562 0.0684 0.0073  0.0278  0.0064  17  THR A C   
264 O  O   . THR A 17 ? 0.1471 0.0781 0.0803 0.0003  0.0487  0.0118  17  THR A O   
265 C  CB  . THR A 17 ? 0.1171 0.1070 0.1001 0.0181  -0.0027 0.0155  17  THR A CB  
266 O  OG1 . THR A 17 ? 0.1521 0.1175 0.1173 0.0245  -0.0240 0.0257  17  THR A OG1 
267 C  CG2 . THR A 17 ? 0.0936 0.1407 0.1240 0.0006  -0.0128 0.0259  17  THR A CG2 
275 N  N   . THR A 18 ? 0.1064 0.0561 0.0745 -0.0032 0.0328  0.0039  18  THR A N   
276 C  CA  . THR A 18 ? 0.1071 0.0563 0.0987 -0.0127 0.0235  0.0019  18  THR A CA  
277 C  C   . THR A 18 ? 0.0984 0.0505 0.0842 -0.0020 0.0161  -0.0039 18  THR A C   
278 O  O   . THR A 18 ? 0.0984 0.0543 0.0938 -0.0046 0.0308  -0.0020 18  THR A O   
279 C  CB  . THR A 18 ? 0.1001 0.0757 0.1434 -0.0107 0.0188  0.0026  18  THR A CB  
280 O  OG1 . THR A 18 ? 0.1072 0.1157 0.1722 -0.0268 -0.0013 0.0099  18  THR A OG1 
281 C  CG2 . THR A 18 ? 0.1186 0.0641 0.1565 0.0056  0.0188  -0.0027 18  THR A CG2 
289 N  N   . GLU A 19 ? 0.1116 0.0547 0.0889 -0.0061 0.0131  -0.0002 19  GLU A N   
290 C  CA  . GLU A 19 ? 0.1188 0.0631 0.1071 -0.0062 0.0187  -0.0076 19  GLU A CA  
291 C  C   . GLU A 19 ? 0.1146 0.0882 0.1030 -0.0296 0.0136  -0.0274 19  GLU A C   
292 O  O   . GLU A 19 ? 0.1417 0.1732 0.1167 -0.0888 0.0176  -0.0371 19  GLU A O   
293 C  CB  . GLU A 19 ? 0.1540 0.0721 0.1485 0.0335  0.0285  0.0122  19  GLU A CB  
294 C  CG  . GLU A 19 ? 0.2215 0.1632 0.1913 0.0225  0.0286  0.0618  19  GLU A CG  
295 C  CD  . GLU A 19 ? 0.2813 0.1992 0.1935 0.0657  0.0527  0.0514  19  GLU A CD  
296 O  OE1 . GLU A 19 ? 0.3383 0.2003 0.1760 0.0794  0.0468  -0.0053 19  GLU A OE1 
297 O  OE2 . GLU A 19 ? 0.2555 0.2544 0.2045 0.0811  0.0781  0.0650  19  GLU A OE2 
304 N  N   . ALA A 20 ? 0.1018 0.0530 0.0962 0.0066  -0.0038 -0.0156 20  ALA A N   
305 C  CA  . ALA A 20 ? 0.1023 0.0712 0.0997 0.0013  -0.0105 -0.0099 20  ALA A CA  
306 C  C   . ALA A 20 ? 0.0889 0.0862 0.1012 0.0094  -0.0183 -0.0087 20  ALA A C   
307 O  O   . ALA A 20 ? 0.0924 0.0909 0.0989 0.0057  -0.0120 -0.0123 20  ALA A O   
308 C  CB  . ALA A 20 ? 0.0979 0.0975 0.1070 0.0021  -0.0124 -0.0119 20  ALA A CB  
314 N  N   . VAL A 21 ? 0.1102 0.0873 0.1050 0.0118  -0.0192 -0.0278 21  VAL A N   
315 C  CA  . VAL A 21 ? 0.1287 0.0978 0.1181 0.0269  -0.0067 -0.0288 21  VAL A CA  
316 C  C   . VAL A 21 ? 0.1141 0.1203 0.1040 0.0260  0.0058  -0.0238 21  VAL A C   
317 O  O   . VAL A 21 ? 0.1094 0.1606 0.1226 0.0338  0.0112  -0.0131 21  VAL A O   
318 C  CB  . VAL A 21 ? 0.1697 0.1094 0.1399 0.0224  -0.0119 -0.0456 21  VAL A CB  
319 C  CG1 . VAL A 21 ? 0.1762 0.1028 0.1504 0.0146  -0.0525 -0.0513 21  VAL A CG1 
320 C  CG2 . VAL A 21 ? 0.1909 0.1543 0.1516 0.0120  0.0162  -0.0508 21  VAL A CG2 
330 N  N   . ASP A 22 ? 0.0964 0.1008 0.0968 0.0291  -0.0045 -0.0214 22  ASP A N   
331 C  CA  . ASP A 22 ? 0.0761 0.0968 0.0964 0.0205  -0.0028 -0.0225 22  ASP A CA  
332 C  C   . ASP A 22 ? 0.0613 0.0982 0.0873 0.0072  -0.0040 -0.0158 22  ASP A C   
333 O  O   . ASP A 22 ? 0.0630 0.0807 0.0854 0.0076  -0.0002 -0.0162 22  ASP A O   
334 C  CB  . ASP A 22 ? 0.0841 0.1126 0.1039 0.0139  0.0054  -0.0285 22  ASP A CB  
335 C  CG  . ASP A 22 ? 0.1085 0.1267 0.1145 0.0103  0.0051  -0.0456 22  ASP A CG  
336 O  OD1 . ASP A 22 ? 0.0995 0.1157 0.1206 0.0133  -0.0023 -0.0411 22  ASP A OD1 
337 O  OD2 . ASP A 22 ? 0.1367 0.1708 0.1294 -0.0213 0.0180  -0.0621 22  ASP A OD2 
342 N  N   . ALA A 23 ? 0.0697 0.0918 0.0835 0.0087  0.0070  -0.0104 23  ALA A N   
343 C  CA  . ALA A 23 ? 0.0779 0.0931 0.0825 -0.0114 0.0053  -0.0093 23  ALA A CA  
344 C  C   . ALA A 23 ? 0.0619 0.0728 0.0807 0.0004  -0.0013 -0.0034 23  ALA A C   
345 O  O   . ALA A 23 ? 0.0682 0.0691 0.0885 -0.0073 0.0031  -0.0103 23  ALA A O   
346 C  CB  . ALA A 23 ? 0.0788 0.1084 0.0963 -0.0297 -0.0048 0.0114  23  ALA A CB  
352 N  N   . ALA A 24 ? 0.0693 0.0765 0.0746 -0.0044 0.0005  -0.0087 24  ALA A N   
353 C  CA  . ALA A 24 ? 0.0693 0.0770 0.0770 0.0012  -0.0008 -0.0005 24  ALA A CA  
354 C  C   . ALA A 24 ? 0.0593 0.0607 0.0769 -0.0050 0.0010  -0.0138 24  ALA A C   
355 O  O   . ALA A 24 ? 0.0622 0.0720 0.0879 -0.0013 -0.0055 -0.0020 24  ALA A O   
356 C  CB  . ALA A 24 ? 0.0912 0.1206 0.0730 -0.0055 -0.0006 0.0004  24  ALA A CB  
362 N  N   . THR A 25 ? 0.0607 0.0500 0.0777 0.0013  -0.0024 -0.0114 25  THR A N   
363 C  CA  . THR A 25 ? 0.0623 0.0459 0.0768 -0.0077 -0.0007 -0.0097 25  THR A CA  
364 C  C   . THR A 25 ? 0.0503 0.0455 0.0769 -0.0059 0.0044  -0.0021 25  THR A C   
365 O  O   . THR A 25 ? 0.0588 0.0534 0.0746 -0.0158 0.0066  -0.0066 25  THR A O   
366 C  CB  . THR A 25 ? 0.0856 0.0529 0.0834 -0.0053 0.0031  -0.0136 25  THR A CB  
367 O  OG1 . THR A 25 ? 0.1022 0.0621 0.0965 -0.0071 0.0041  -0.0165 25  THR A OG1 
368 C  CG2 . THR A 25 ? 0.0893 0.0662 0.0905 -0.0078 0.0002  0.0005  25  THR A CG2 
376 N  N   . ALA A 26 ? 0.0500 0.0480 0.0668 -0.0049 0.0025  -0.0149 26  ALA A N   
377 C  CA  . ALA A 26 ? 0.0524 0.0479 0.0650 -0.0052 -0.0025 -0.0144 26  ALA A CA  
378 C  C   . ALA A 26 ? 0.0481 0.0461 0.0618 -0.0122 -0.0007 -0.0117 26  ALA A C   
379 O  O   . ALA A 26 ? 0.0525 0.0563 0.0599 -0.0099 0.0010  -0.0095 26  ALA A O   
380 C  CB  . ALA A 26 ? 0.0553 0.0553 0.0730 -0.0089 -0.0033 -0.0101 26  ALA A CB  
386 N  N   . GLU A 27 ? 0.0511 0.0501 0.0606 -0.0095 0.0067  -0.0049 27  GLU A N   
387 C  CA  . GLU A 27 ? 0.0605 0.0509 0.0649 0.0122  0.0070  -0.0031 27  GLU A CA  
388 C  C   . GLU A 27 ? 0.0563 0.0668 0.0641 0.0068  0.0053  0.0125  27  GLU A C   
389 O  O   . GLU A 27 ? 0.0594 0.0821 0.0695 0.0102  0.0169  -0.0009 27  GLU A O   
390 C  CB  . GLU A 27 ? 0.0713 0.0542 0.0685 0.0151  0.0015  0.0009  27  GLU A CB  
391 C  CG  . GLU A 27 ? 0.0988 0.0873 0.0798 0.0070  -0.0041 0.0145  27  GLU A CG  
392 C  CD  . GLU A 27 ? 0.1202 0.1090 0.0998 0.0328  0.0044  0.0240  27  GLU A CD  
393 O  OE1 . GLU A 27 ? 0.1280 0.1669 0.1229 0.0241  0.0204  0.0443  27  GLU A OE1 
394 O  OE2 . GLU A 27 ? 0.1395 0.1464 0.1040 0.0178  0.0014  0.0307  27  GLU A OE2 
401 N  N   . LYS A 28 ? 0.0545 0.0621 0.0606 0.0040  0.0003  0.0048  28  LYS A N   
402 C  CA  . LYS A 28 ? 0.0534 0.0897 0.0616 -0.0107 -0.0043 -0.0045 28  LYS A CA  
403 C  C   . LYS A 28 ? 0.0601 0.0526 0.0583 -0.0063 -0.0029 -0.0032 28  LYS A C   
404 O  O   . LYS A 28 ? 0.0582 0.0666 0.0623 -0.0135 0.0016  -0.0043 28  LYS A O   
405 C  CB  . LYS A 28 ? 0.0758 0.1349 0.0678 -0.0326 -0.0006 -0.0248 28  LYS A CB  
406 C  CG  . LYS A 28 ? 0.1244 0.2201 0.0895 -0.0642 0.0014  -0.0331 28  LYS A CG  
407 C  CD  . LYS A 28 ? 0.2062 0.2648 0.1206 -0.0866 -0.0255 -0.0120 28  LYS A CD  
408 C  CE  . LYS A 28 ? 0.2764 0.3129 0.1470 -0.1318 -0.0594 0.0081  28  LYS A CE  
409 N  NZ  . LYS A 28 ? 0.3297 0.3431 0.1514 -0.1339 -0.0627 -0.0041 28  LYS A NZ  
423 N  N   . VAL A 29 ? 0.0500 0.0494 0.0616 -0.0067 -0.0034 -0.0076 29  VAL A N   
424 C  CA  . VAL A 29 ? 0.0584 0.0443 0.0628 -0.0100 -0.0029 0.0013  29  VAL A CA  
425 C  C   . VAL A 29 ? 0.0498 0.0579 0.0553 -0.0110 0.0040  -0.0068 29  VAL A C   
426 O  O   . VAL A 29 ? 0.0620 0.0528 0.0632 -0.0145 0.0067  -0.0016 29  VAL A O   
427 C  CB  . VAL A 29 ? 0.0743 0.0561 0.0723 0.0052  -0.0004 0.0056  29  VAL A CB  
428 C  CG1 . VAL A 29 ? 0.0868 0.1056 0.0862 0.0062  -0.0075 0.0082  29  VAL A CG1 
429 C  CG2 . VAL A 29 ? 0.0875 0.0743 0.0850 0.0046  -0.0060 0.0120  29  VAL A CG2 
439 N  N   . PHE A 30 ? 0.0394 0.0459 0.0582 -0.0083 0.0087  -0.0041 30  PHE A N   
440 C  CA  . PHE A 30 ? 0.0409 0.0422 0.0670 -0.0065 0.0043  -0.0066 30  PHE A CA  
441 C  C   . PHE A 30 ? 0.0436 0.0415 0.0756 -0.0103 0.0100  -0.0117 30  PHE A C   
442 O  O   . PHE A 30 ? 0.0499 0.0595 0.0835 -0.0101 0.0082  -0.0178 30  PHE A O   
443 C  CB  . PHE A 30 ? 0.0461 0.0467 0.0666 -0.0053 0.0023  -0.0047 30  PHE A CB  
444 C  CG  . PHE A 30 ? 0.0406 0.0417 0.0666 -0.0018 0.0006  -0.0007 30  PHE A CG  
445 C  CD1 . PHE A 30 ? 0.0510 0.0589 0.0728 -0.0091 0.0082  0.0129  30  PHE A CD1 
446 C  CD2 . PHE A 30 ? 0.0469 0.0457 0.0675 -0.0044 0.0038  -0.0073 30  PHE A CD2 
447 C  CE1 . PHE A 30 ? 0.0584 0.0658 0.0803 -0.0144 -0.0019 0.0223  30  PHE A CE1 
448 C  CE2 . PHE A 30 ? 0.0521 0.0441 0.0741 -0.0019 0.0057  -0.0079 30  PHE A CE2 
449 C  CZ  . PHE A 30 ? 0.0545 0.0435 0.0850 -0.0059 -0.0122 0.0044  30  PHE A CZ  
459 N  N   . LYS A 31 ? 0.0424 0.0450 0.0759 -0.0042 0.0049  0.0043  31  LYS A N   
460 C  CA  . LYS A 31 ? 0.0584 0.0461 0.0793 0.0013  -0.0028 0.0083  31  LYS A CA  
461 C  C   . LYS A 31 ? 0.0498 0.0444 0.0771 -0.0021 -0.0068 -0.0081 31  LYS A C   
462 O  O   . LYS A 31 ? 0.0492 0.0559 0.0830 0.0049  0.0021  -0.0071 31  LYS A O   
463 C  CB  . LYS A 31 ? 0.0676 0.0796 0.0874 0.0031  0.0004  0.0231  31  LYS A CB  
464 C  CG  . LYS A 31 ? 0.0918 0.1117 0.1049 0.0095  0.0012  0.0134  31  LYS A CG  
465 C  CD  . LYS A 31 ? 0.1162 0.1394 0.1483 0.0268  -0.0113 0.0333  31  LYS A CD  
466 C  CE  . LYS A 31 ? 0.1647 0.1573 0.1937 0.0321  -0.0089 0.0451  31  LYS A CE  
467 N  NZ  . LYS A 31 ? 0.1959 0.1643 0.2205 0.0406  -0.0003 0.0410  31  LYS A NZ  
481 N  N   . GLN A 32 ? 0.0390 0.0464 0.0762 -0.0046 -0.0001 -0.0034 32  GLN A N   
482 C  CA  . GLN A 32 ? 0.0400 0.0483 0.0795 -0.0117 0.0015  -0.0021 32  GLN A CA  
483 C  C   . GLN A 32 ? 0.0473 0.0484 0.0823 -0.0058 0.0043  -0.0039 32  GLN A C   
484 O  O   . GLN A 32 ? 0.0562 0.0623 0.0868 -0.0050 0.0102  -0.0085 32  GLN A O   
485 C  CB  . GLN A 32 ? 0.0629 0.0583 0.0784 -0.0091 0.0131  0.0016  32  GLN A CB  
486 C  CG  . GLN A 32 ? 0.0648 0.0576 0.0880 -0.0099 0.0093  -0.0026 32  GLN A CG  
487 C  CD  . GLN A 32 ? 0.0818 0.0772 0.0928 -0.0134 -0.0052 -0.0015 32  GLN A CD  
488 O  OE1 . GLN A 32 ? 0.1045 0.0943 0.1025 -0.0306 -0.0300 0.0090  32  GLN A OE1 
489 N  NE2 . GLN A 32 ? 0.1047 0.0784 0.0976 -0.0024 -0.0202 -0.0055 32  GLN A NE2 
498 N  N   . TYR A 33 ? 0.0481 0.0566 0.0734 -0.0034 0.0042  -0.0135 33  TYR A N   
499 C  CA  . TYR A 33 ? 0.0586 0.0683 0.0783 -0.0056 0.0034  -0.0067 33  TYR A CA  
500 C  C   . TYR A 33 ? 0.0515 0.0729 0.0841 -0.0045 0.0104  -0.0127 33  TYR A C   
501 O  O   . TYR A 33 ? 0.0600 0.0840 0.0966 0.0035  0.0171  -0.0182 33  TYR A O   
502 C  CB  . TYR A 33 ? 0.0801 0.0675 0.0831 0.0058  -0.0097 -0.0165 33  TYR A CB  
503 C  CG  . TYR A 33 ? 0.1220 0.0990 0.1070 0.0092  -0.0276 -0.0122 33  TYR A CG  
504 C  CD1 . TYR A 33 ? 0.1384 0.1214 0.1041 0.0095  -0.0203 -0.0050 33  TYR A CD1 
505 C  CD2 . TYR A 33 ? 0.2247 0.0920 0.1280 -0.0160 -0.0356 -0.0181 33  TYR A CD2 
506 C  CE1 . TYR A 33 ? 0.2041 0.1215 0.1068 0.0111  -0.0306 -0.0023 33  TYR A CE1 
507 C  CE2 . TYR A 33 ? 0.2812 0.1202 0.1314 -0.0277 -0.0413 -0.0164 33  TYR A CE2 
508 C  CZ  . TYR A 33 ? 0.2827 0.1545 0.1157 0.0009  -0.0289 -0.0310 33  TYR A CZ  
509 O  OH  . TYR A 33 ? 0.3697 0.2500 0.1221 -0.0356 -0.0211 -0.0593 33  TYR A OH  
519 N  N   . MSE A 34 ? 0.0529 0.0544 0.0922 0.0002  0.0101  -0.0175 34  MSE A N   
520 C  CA  . MSE A 34 ? 0.0534 0.0541 0.1092 -0.0014 0.0117  -0.0130 34  MSE A CA  
521 C  C   . MSE A 34 ? 0.0548 0.0577 0.1181 0.0027  0.0132  -0.0087 34  MSE A C   
522 O  O   . MSE A 34 ? 0.0613 0.0665 0.1179 0.0013  0.0138  -0.0117 34  MSE A O   
523 C  CB  . MSE A 34 ? 0.0611 0.0450 0.1218 -0.0083 0.0137  -0.0099 34  MSE A CB  
524 C  CG  . MSE A 34 ? 0.0778 0.0482 0.1313 -0.0145 0.0120  -0.0072 34  MSE A CG  
525 SE SE  . MSE A 34 ? 0.0802 0.0882 0.1283 -0.0326 0.0372  0.0108  34  MSE A SE  
526 C  CE  . MSE A 34 ? 0.1139 0.1279 0.1580 -0.0452 0.0338  0.0135  34  MSE A CE  
536 N  N   . ASN A 35 ? 0.0467 0.0639 0.1204 -0.0037 0.0131  -0.0194 35  ASN A N   
537 C  CA  . ASN A 35 ? 0.0518 0.0797 0.1301 -0.0081 0.0048  -0.0181 35  ASN A CA  
538 C  C   . ASN A 35 ? 0.0538 0.0797 0.1307 -0.0112 0.0169  -0.0182 35  ASN A C   
539 O  O   . ASN A 35 ? 0.0443 0.1153 0.1448 0.0035  0.0188  -0.0222 35  ASN A O   
540 C  CB  . ASN A 35 ? 0.0581 0.1074 0.1377 -0.0209 -0.0108 -0.0099 35  ASN A CB  
541 C  CG  . ASN A 35 ? 0.0923 0.1151 0.1447 -0.0137 -0.0232 -0.0073 35  ASN A CG  
542 O  OD1 . ASN A 35 ? 0.1352 0.1206 0.1442 -0.0137 -0.0178 0.0050  35  ASN A OD1 
543 N  ND2 . ASN A 35 ? 0.0794 0.1446 0.1479 -0.0189 -0.0162 -0.0275 35  ASN A ND2 
550 N  N   . ASP A 36 ? 0.0631 0.0717 0.1324 -0.0082 0.0234  -0.0046 36  ASP A N   
551 C  CA  . ASP A 36 ? 0.0936 0.0884 0.1416 -0.0114 0.0260  -0.0005 36  ASP A CA  
552 C  C   . ASP A 36 ? 0.0951 0.0968 0.1433 -0.0071 0.0363  0.0034  36  ASP A C   
553 O  O   . ASP A 36 ? 0.1304 0.1242 0.1716 -0.0250 0.0676  -0.0232 36  ASP A O   
554 C  CB  . ASP A 36 ? 0.1361 0.0920 0.1564 -0.0144 0.0276  0.0061  36  ASP A CB  
555 C  CG  . ASP A 36 ? 0.1826 0.1425 0.1834 -0.0082 0.0137  0.0019  36  ASP A CG  
556 O  OD1 . ASP A 36 ? 0.2024 0.1872 0.2014 -0.0661 0.0241  0.0111  36  ASP A OD1 
557 O  OD2 . ASP A 36 ? 0.2099 0.2438 0.1940 -0.0203 -0.0093 -0.0039 36  ASP A OD2 
562 N  N   . ASN A 37 ? 0.0891 0.0806 0.1154 -0.0079 0.0311  -0.0076 37  ASN A N   
563 C  CA  . ASN A 37 ? 0.1174 0.0753 0.1140 0.0062  0.0259  -0.0182 37  ASN A CA  
564 C  C   . ASN A 37 ? 0.1190 0.0812 0.1259 0.0258  0.0243  -0.0198 37  ASN A C   
565 O  O   . ASN A 37 ? 0.1687 0.1064 0.1236 0.0342  0.0205  -0.0261 37  ASN A O   
566 C  CB  . ASN A 37 ? 0.1342 0.0887 0.1047 -0.0087 0.0092  -0.0046 37  ASN A CB  
567 C  CG  . ASN A 37 ? 0.1557 0.0970 0.0949 0.0117  0.0115  0.0009  37  ASN A CG  
568 O  OD1 . ASN A 37 ? 0.1886 0.1508 0.0917 0.0433  0.0143  0.0068  37  ASN A OD1 
569 N  ND2 . ASN A 37 ? 0.1439 0.1024 0.0928 0.0039  0.0112  0.0095  37  ASN A ND2 
576 N  N   . GLY A 38 ? 0.0824 0.1002 0.1359 0.0158  0.0204  -0.0084 38  GLY A N   
577 C  CA  . GLY A 38 ? 0.0768 0.1023 0.1529 0.0261  0.0183  -0.0070 38  GLY A CA  
578 C  C   . GLY A 38 ? 0.0918 0.0927 0.1849 0.0384  0.0185  -0.0041 38  GLY A C   
579 O  O   . GLY A 38 ? 0.1209 0.1200 0.2457 0.0519  0.0226  0.0230  38  GLY A O   
583 N  N   . VAL A 39 ? 0.0861 0.0709 0.1629 0.0222  0.0100  -0.0082 39  VAL A N   
584 C  CA  . VAL A 39 ? 0.1073 0.0917 0.1828 0.0073  0.0112  -0.0010 39  VAL A CA  
585 C  C   . VAL A 39 ? 0.1104 0.0845 0.1758 0.0204  0.0331  0.0110  39  VAL A C   
586 O  O   . VAL A 39 ? 0.1425 0.0753 0.1808 0.0308  0.0311  -0.0051 39  VAL A O   
587 C  CB  . VAL A 39 ? 0.1824 0.2012 0.2355 -0.0779 -0.0137 0.0021  39  VAL A CB  
588 C  CG1 . VAL A 39 ? 0.2095 0.3079 0.2444 -0.1312 -0.0248 0.0009  39  VAL A CG1 
589 C  CG2 . VAL A 39 ? 0.2063 0.3148 0.2607 -0.0903 0.0005  -0.0159 39  VAL A CG2 
599 N  N   . ASP A 40 ? 0.1368 0.0807 0.1634 0.0080  0.0625  0.0107  40  ASP A N   
600 C  CA  . ASP A 40 ? 0.2058 0.0989 0.1842 -0.0236 0.0593  0.0084  40  ASP A CA  
601 C  C   . ASP A 40 ? 0.2032 0.0877 0.1884 -0.0233 0.0921  -0.0193 40  ASP A C   
602 O  O   . ASP A 40 ? 0.2386 0.0991 0.2175 -0.0259 0.1273  -0.0275 40  ASP A O   
603 C  CB  . ASP A 40 ? 0.3064 0.1798 0.2104 -0.0896 0.0261  0.0160  40  ASP A CB  
604 C  CG  . ASP A 40 ? 0.3952 0.3083 0.2662 -0.1622 -0.0170 0.0245  40  ASP A CG  
605 O  OD1 . ASP A 40 ? 0.4254 0.3091 0.2903 -0.1804 -0.0188 0.0205  40  ASP A OD1 
606 O  OD2 . ASP A 40 ? 0.4324 0.4206 0.2840 -0.1920 -0.0434 0.0182  40  ASP A OD2 
611 N  N   . GLY A 41 ? 0.1759 0.0839 0.1630 -0.0088 0.0691  -0.0308 41  GLY A N   
612 C  CA  . GLY A 41 ? 0.1627 0.1240 0.1402 -0.0201 0.0572  -0.0291 41  GLY A CA  
613 C  C   . GLY A 41 ? 0.1163 0.1038 0.1131 0.0079  0.0310  -0.0291 41  GLY A C   
614 O  O   . GLY A 41 ? 0.1299 0.1031 0.1245 -0.0001 0.0319  -0.0326 41  GLY A O   
618 N  N   . GLU A 42 ? 0.0949 0.0854 0.0863 0.0243  0.0065  -0.0128 42  GLU A N   
619 C  CA  . GLU A 42 ? 0.0840 0.0748 0.0614 0.0312  -0.0029 -0.0067 42  GLU A CA  
620 C  C   . GLU A 42 ? 0.1009 0.0656 0.0408 0.0280  -0.0110 -0.0100 42  GLU A C   
621 O  O   . GLU A 42 ? 0.1124 0.1022 0.0410 0.0405  -0.0109 -0.0144 42  GLU A O   
622 C  CB  . GLU A 42 ? 0.0984 0.0843 0.0799 0.0395  -0.0074 -0.0085 42  GLU A CB  
623 C  CG  . GLU A 42 ? 0.1411 0.1272 0.1370 0.0487  -0.0037 -0.0104 42  GLU A CG  
624 C  CD  . GLU A 42 ? 0.2105 0.1758 0.1934 0.0498  0.0271  -0.0401 42  GLU A CD  
625 O  OE1 . GLU A 42 ? 0.2539 0.1830 0.1794 -0.0173 0.0106  -0.0464 42  GLU A OE1 
626 O  OE2 . GLU A 42 ? 0.2820 0.2526 0.2752 0.0291  0.0592  -0.0345 42  GLU A OE2 
633 N  N   . TRP A 43 ? 0.0889 0.0556 0.0265 0.0174  -0.0091 -0.0010 43  TRP A N   
634 C  CA  . TRP A 43 ? 0.0783 0.0525 0.0352 0.0248  -0.0131 -0.0007 43  TRP A CA  
635 C  C   . TRP A 43 ? 0.0853 0.0543 0.0357 0.0238  -0.0091 0.0036  43  TRP A C   
636 O  O   . TRP A 43 ? 0.0814 0.0770 0.0323 0.0219  -0.0130 0.0011  43  TRP A O   
637 C  CB  . TRP A 43 ? 0.0775 0.0611 0.0393 0.0228  -0.0065 -0.0029 43  TRP A CB  
638 C  CG  . TRP A 43 ? 0.0783 0.0619 0.0537 0.0115  -0.0081 0.0049  43  TRP A CG  
639 C  CD1 . TRP A 43 ? 0.0780 0.0683 0.0771 0.0123  -0.0151 -0.0025 43  TRP A CD1 
640 C  CD2 . TRP A 43 ? 0.0670 0.0555 0.0521 0.0021  -0.0049 0.0017  43  TRP A CD2 
641 N  NE1 . TRP A 43 ? 0.0670 0.0861 0.0744 -0.0063 -0.0174 -0.0076 43  TRP A NE1 
642 C  CE2 . TRP A 43 ? 0.0703 0.0705 0.0571 -0.0038 -0.0043 -0.0073 43  TRP A CE2 
643 C  CE3 . TRP A 43 ? 0.0725 0.0615 0.0510 0.0031  -0.0004 -0.0039 43  TRP A CE3 
644 C  CZ2 . TRP A 43 ? 0.0761 0.0841 0.0617 -0.0018 -0.0068 -0.0098 43  TRP A CZ2 
645 C  CZ3 . TRP A 43 ? 0.0672 0.0749 0.0573 0.0087  0.0018  -0.0078 43  TRP A CZ3 
646 C  CH2 . TRP A 43 ? 0.0806 0.0874 0.0629 0.0021  0.0047  -0.0176 43  TRP A CH2 
657 N  N   . THR A 44 ? 0.0829 0.0607 0.0264 0.0160  -0.0061 -0.0011 44  THR A N   
658 C  CA  . THR A 44 ? 0.0910 0.0671 0.0464 0.0177  0.0003  0.0021  44  THR A CA  
659 C  C   . THR A 44 ? 0.0842 0.0702 0.0388 0.0224  -0.0040 0.0083  44  THR A C   
660 O  O   . THR A 44 ? 0.1301 0.0861 0.0423 0.0495  0.0087  0.0079  44  THR A O   
661 C  CB  . THR A 44 ? 0.1322 0.0907 0.0857 0.0194  0.0207  0.0120  44  THR A CB  
662 O  OG1 . THR A 44 ? 0.1708 0.1120 0.1084 -0.0097 0.0311  0.0142  44  THR A OG1 
663 C  CG2 . THR A 44 ? 0.1319 0.1597 0.0909 -0.0171 0.0115  0.0029  44  THR A CG2 
671 N  N   . TYR A 45 ? 0.0730 0.0846 0.0306 0.0324  -0.0037 0.0053  45  TYR A N   
672 C  CA  . TYR A 45 ? 0.0717 0.0657 0.0370 0.0231  -0.0003 0.0028  45  TYR A CA  
673 C  C   . TYR A 45 ? 0.0669 0.0648 0.0606 0.0175  0.0062  0.0167  45  TYR A C   
674 O  O   . TYR A 45 ? 0.0730 0.0961 0.0658 0.0224  0.0122  0.0202  45  TYR A O   
675 C  CB  . TYR A 45 ? 0.0499 0.0765 0.0469 0.0111  -0.0094 0.0088  45  TYR A CB  
676 C  CG  . TYR A 45 ? 0.0557 0.0609 0.0568 0.0020  -0.0064 0.0011  45  TYR A CG  
677 C  CD1 . TYR A 45 ? 0.0564 0.0625 0.0596 -0.0116 -0.0057 0.0073  45  TYR A CD1 
678 C  CD2 . TYR A 45 ? 0.0765 0.0742 0.0669 0.0072  -0.0119 -0.0084 45  TYR A CD2 
679 C  CE1 . TYR A 45 ? 0.0658 0.0512 0.0796 -0.0058 -0.0147 0.0086  45  TYR A CE1 
680 C  CE2 . TYR A 45 ? 0.0877 0.0717 0.0773 0.0148  -0.0091 -0.0249 45  TYR A CE2 
681 C  CZ  . TYR A 45 ? 0.0773 0.0536 0.0993 0.0124  -0.0237 -0.0105 45  TYR A CZ  
682 O  OH  . TYR A 45 ? 0.0901 0.0677 0.1333 0.0142  -0.0275 -0.0039 45  TYR A OH  
692 N  N   . ASP A 46 ? 0.0680 0.0926 0.0948 -0.0104 -0.0113 0.0436  46  ASP A N   
693 C  CA  . ASP A 46 ? 0.0755 0.1327 0.1426 -0.0273 -0.0055 0.0605  46  ASP A CA  
694 C  C   . ASP A 46 ? 0.0590 0.1424 0.1112 -0.0120 0.0026  0.0539  46  ASP A C   
695 O  O   . ASP A 46 ? 0.0592 0.1251 0.0863 0.0007  0.0040  0.0444  46  ASP A O   
696 C  CB  . ASP A 46 ? 0.1187 0.1944 0.2176 -0.0424 -0.0079 0.0550  46  ASP A CB  
697 C  CG  . ASP A 46 ? 0.1824 0.3832 0.2997 -0.1110 -0.0328 0.1075  46  ASP A CG  
698 O  OD1 . ASP A 46 ? 0.2113 0.4963 0.3367 -0.1385 -0.0396 0.1285  46  ASP A OD1 
699 O  OD2 . ASP A 46 ? 0.1938 0.4683 0.3315 -0.1165 -0.0278 0.1401  46  ASP A OD2 
704 N  N   . ASP A 47 ? 0.0680 0.1478 0.0967 0.0186  -0.0013 0.0414  47  ASP A N   
705 C  CA  . ASP A 47 ? 0.0842 0.1775 0.0987 0.0272  0.0120  0.0073  47  ASP A CA  
706 C  C   . ASP A 47 ? 0.0795 0.1823 0.1198 0.0038  -0.0035 0.0567  47  ASP A C   
707 O  O   . ASP A 47 ? 0.0875 0.1925 0.1444 -0.0017 -0.0214 0.0698  47  ASP A O   
708 C  CB  . ASP A 47 ? 0.1219 0.2440 0.1189 0.0604  0.0161  -0.0434 47  ASP A CB  
709 C  CG  . ASP A 47 ? 0.1685 0.2966 0.1783 0.0968  0.0085  -0.0728 47  ASP A CG  
710 O  OD1 . ASP A 47 ? 0.1809 0.2880 0.1908 0.0941  -0.0095 -0.1001 47  ASP A OD1 
711 O  OD2 . ASP A 47 ? 0.2126 0.3440 0.2199 0.1193  0.0272  -0.0737 47  ASP A OD2 
716 N  N   . ALA A 48 ? 0.0646 0.1781 0.1236 0.0137  0.0121  0.0660  48  ALA A N   
717 C  CA  . ALA A 48 ? 0.0640 0.2000 0.1318 0.0020  0.0140  0.0617  48  ALA A CA  
718 C  C   . ALA A 48 ? 0.0558 0.1941 0.1229 -0.0021 0.0081  0.0414  48  ALA A C   
719 O  O   . ALA A 48 ? 0.0617 0.2144 0.1303 0.0057  -0.0095 0.0344  48  ALA A O   
720 C  CB  . ALA A 48 ? 0.0853 0.2214 0.1495 -0.0249 0.0170  0.0697  48  ALA A CB  
726 N  N   . THR A 49 ? 0.0554 0.1812 0.1211 -0.0138 0.0087  0.0328  49  THR A N   
727 C  CA  . THR A 49 ? 0.0747 0.1829 0.1233 -0.0296 0.0109  0.0041  49  THR A CA  
728 C  C   . THR A 49 ? 0.0514 0.1337 0.0838 0.0042  0.0008  0.0047  49  THR A C   
729 O  O   . THR A 49 ? 0.0699 0.1454 0.0771 -0.0058 -0.0131 0.0036  49  THR A O   
730 C  CB  . THR A 49 ? 0.1225 0.2229 0.1618 -0.0792 0.0235  -0.0267 49  THR A CB  
731 O  OG1 . THR A 49 ? 0.1456 0.2211 0.1806 -0.0668 0.0325  -0.0164 49  THR A OG1 
732 C  CG2 . THR A 49 ? 0.1674 0.2524 0.1811 -0.1173 0.0151  -0.0258 49  THR A CG2 
740 N  N   . LYS A 50 ? 0.0505 0.1040 0.0633 0.0048  -0.0018 0.0149  50  LYS A N   
741 C  CA  . LYS A 50 ? 0.0538 0.0776 0.0566 0.0126  0.0032  0.0072  50  LYS A CA  
742 C  C   . LYS A 50 ? 0.0589 0.0586 0.0543 0.0149  0.0054  0.0175  50  LYS A C   
743 O  O   . LYS A 50 ? 0.0889 0.0596 0.0623 0.0172  0.0291  0.0147  50  LYS A O   
744 C  CB  . LYS A 50 ? 0.0654 0.0839 0.0720 0.0279  0.0103  0.0027  50  LYS A CB  
745 C  CG  . LYS A 50 ? 0.1025 0.1007 0.1015 0.0480  0.0053  0.0009  50  LYS A CG  
746 C  CD  . LYS A 50 ? 0.1237 0.1104 0.1372 0.0622  0.0002  -0.0120 50  LYS A CD  
747 C  CE  . LYS A 50 ? 0.1440 0.1326 0.1911 0.0554  -0.0023 -0.0138 50  LYS A CE  
748 N  NZ  . LYS A 50 ? 0.1421 0.1908 0.2219 0.0165  0.0132  -0.0157 50  LYS A NZ  
762 N  N   . THR A 51 ? 0.0521 0.0606 0.0491 0.0003  0.0102  0.0142  51  THR A N   
763 C  CA  . THR A 51 ? 0.0561 0.0503 0.0435 0.0030  0.0067  0.0037  51  THR A CA  
764 C  C   . THR A 51 ? 0.0590 0.0394 0.0364 0.0008  0.0054  0.0057  51  THR A C   
765 O  O   . THR A 51 ? 0.0594 0.0499 0.0432 -0.0025 0.0070  0.0052  51  THR A O   
766 C  CB  . THR A 51 ? 0.0776 0.0839 0.0651 -0.0121 -0.0107 0.0015  51  THR A CB  
767 O  OG1 . THR A 51 ? 0.0849 0.1107 0.0703 -0.0144 -0.0232 -0.0084 51  THR A OG1 
768 C  CG2 . THR A 51 ? 0.0947 0.0840 0.0761 -0.0058 -0.0099 -0.0164 51  THR A CG2 
776 N  N   . PHE A 52 ? 0.0525 0.0300 0.0328 0.0026  0.0045  0.0056  52  PHE A N   
777 C  CA  . PHE A 52 ? 0.0537 0.0404 0.0305 0.0009  0.0089  0.0045  52  PHE A CA  
778 C  C   . PHE A 52 ? 0.0646 0.0360 0.0325 0.0089  0.0052  0.0048  52  PHE A C   
779 O  O   . PHE A 52 ? 0.1085 0.0433 0.0349 0.0237  0.0057  0.0057  52  PHE A O   
780 C  CB  . PHE A 52 ? 0.0508 0.0510 0.0426 0.0062  0.0068  0.0022  52  PHE A CB  
781 C  CG  . PHE A 52 ? 0.0504 0.0534 0.0531 -0.0044 0.0071  0.0090  52  PHE A CG  
782 C  CD1 . PHE A 52 ? 0.0483 0.0492 0.0574 -0.0137 -0.0005 0.0085  52  PHE A CD1 
783 C  CD2 . PHE A 52 ? 0.0496 0.0610 0.0543 -0.0013 0.0026  0.0037  52  PHE A CD2 
784 C  CE1 . PHE A 52 ? 0.0626 0.0406 0.0671 -0.0136 -0.0010 0.0022  52  PHE A CE1 
785 C  CE2 . PHE A 52 ? 0.0673 0.0597 0.0635 -0.0118 -0.0031 -0.0123 52  PHE A CE2 
786 C  CZ  . PHE A 52 ? 0.0717 0.0397 0.0683 -0.0120 0.0061  -0.0149 52  PHE A CZ  
796 N  N   . THR A 53 ? 0.0609 0.0379 0.0304 0.0072  -0.0001 -0.0035 53  THR A N   
797 C  CA  . THR A 53 ? 0.0613 0.0452 0.0404 0.0034  0.0015  -0.0028 53  THR A CA  
798 C  C   . THR A 53 ? 0.0642 0.0444 0.0320 0.0080  -0.0022 -0.0062 53  THR A C   
799 O  O   . THR A 53 ? 0.0684 0.0873 0.0358 0.0205  0.0000  0.0097  53  THR A O   
800 C  CB  . THR A 53 ? 0.0747 0.0492 0.0658 -0.0007 -0.0084 -0.0052 53  THR A CB  
801 O  OG1 . THR A 53 ? 0.0762 0.0606 0.0972 -0.0138 -0.0165 -0.0074 53  THR A OG1 
802 C  CG2 . THR A 53 ? 0.1025 0.0550 0.0717 -0.0107 -0.0050 -0.0064 53  THR A CG2 
810 N  N   . VAL A 54 ? 0.0656 0.0512 0.0321 0.0085  -0.0052 0.0019  54  VAL A N   
811 C  CA  . VAL A 54 ? 0.0670 0.0552 0.0426 0.0045  -0.0055 0.0031  54  VAL A CA  
812 C  C   . VAL A 54 ? 0.0575 0.0574 0.0464 0.0116  -0.0103 0.0102  54  VAL A C   
813 O  O   . VAL A 54 ? 0.0829 0.0840 0.0353 0.0281  -0.0117 -0.0023 54  VAL A O   
814 C  CB  . VAL A 54 ? 0.0852 0.0745 0.0635 -0.0120 -0.0115 0.0130  54  VAL A CB  
815 C  CG1 . VAL A 54 ? 0.0767 0.1289 0.0898 -0.0380 -0.0163 0.0235  54  VAL A CG1 
816 C  CG2 . VAL A 54 ? 0.1251 0.0730 0.0739 -0.0217 -0.0282 0.0109  54  VAL A CG2 
826 N  N   . THR A 55 ? 0.0605 0.0562 0.0418 0.0005  -0.0106 -0.0027 55  THR A N   
827 C  CA  . THR A 55 ? 0.0737 0.0635 0.0594 0.0013  -0.0089 0.0033  55  THR A CA  
828 C  C   . THR A 55 ? 0.0805 0.0714 0.0583 0.0162  -0.0103 -0.0130 55  THR A C   
829 O  O   . THR A 55 ? 0.0884 0.0996 0.0597 0.0103  -0.0208 0.0048  55  THR A O   
830 C  CB  . THR A 55 ? 0.0898 0.0686 0.0799 -0.0096 -0.0126 0.0025  55  THR A CB  
831 O  OG1 . THR A 55 ? 0.0916 0.0836 0.0916 -0.0262 -0.0106 -0.0033 55  THR A OG1 
832 C  CG2 . THR A 55 ? 0.1100 0.0677 0.0947 -0.0102 -0.0205 -0.0005 55  THR A CG2 
840 N  N   . GLU A 56 ? 0.0719 0.0930 0.0712 0.0147  -0.0182 -0.0065 56  GLU A N   
841 C  CA  . GLU A 56 ? 0.0844 0.1117 0.0942 0.0295  -0.0184 -0.0140 56  GLU A CA  
842 C  C   . GLU A 56 ? 0.0992 0.1836 0.1006 0.0166  -0.0336 -0.0203 56  GLU A C   
843 O  O   . GLU A 56 ? 0.1323 0.1815 0.1127 0.0226  -0.0391 -0.0026 56  GLU A O   
844 C  CB  . GLU A 56 ? 0.0720 0.1411 0.1057 0.0039  0.0011  -0.0071 56  GLU A CB  
845 C  CG  . GLU A 56 ? 0.0912 0.2088 0.1295 -0.0014 0.0030  -0.0111 56  GLU A CG  
846 C  CD  . GLU A 56 ? 0.0860 0.2375 0.1460 0.0019  0.0031  -0.0139 56  GLU A CD  
847 O  OE1 . GLU A 56 ? 0.0984 0.2953 0.1502 -0.0140 0.0078  -0.0276 56  GLU A OE1 
848 O  OE2 . GLU A 56 ? 0.1057 0.1936 0.1485 -0.0129 -0.0073 0.0063  56  GLU A OE2 
849 O  OXT . GLU A 56 ? 0.1274 0.2134 0.1137 0.0407  -0.0325 -0.0175 56  GLU A OXT 
856 C  C1  . MPD B .  ? 0.2025 0.3305 0.2029 -0.1406 -0.0013 -0.0340 101 MPD A C1  
857 C  C2  . MPD B .  ? 0.1748 0.2705 0.2230 -0.0859 -0.0021 -0.0048 101 MPD A C2  
858 O  O2  . MPD B .  ? 0.1309 0.1712 0.2036 -0.0259 0.0017  0.0073  101 MPD A O2  
859 C  CM  . MPD B .  ? 0.1599 0.2986 0.2528 -0.0478 -0.0198 -0.0250 101 MPD A CM  
860 C  C3  . MPD B .  ? 0.2266 0.2723 0.2330 -0.0940 0.0250  0.0383  101 MPD A C3  
861 C  C4  . MPD B .  ? 0.2441 0.3150 0.2468 -0.1159 0.0344  0.0773  101 MPD A C4  
862 O  O4  . MPD B .  ? 0.2524 0.3108 0.2358 -0.1279 0.0119  0.0866  101 MPD A O4  
863 C  C5  . MPD B .  ? 0.2574 0.3231 0.2761 -0.1093 0.0467  0.1078  101 MPD A C5  
878 C  C1  . MPD C .  ? 0.3872 0.3957 0.4029 0.0570  0.0145  -0.0818 102 MPD A C1  
879 C  C2  . MPD C .  ? 0.4027 0.3826 0.3860 0.0611  0.0260  -0.0884 102 MPD A C2  
880 O  O2  . MPD C .  ? 0.4288 0.4042 0.3851 0.0357  0.0264  -0.0823 102 MPD A O2  
881 C  CM  . MPD C .  ? 0.3886 0.3288 0.3727 0.0953  0.0391  -0.1178 102 MPD A CM  
882 C  C3  . MPD C .  ? 0.4161 0.4450 0.3854 0.0165  0.0170  -0.0557 102 MPD A C3  
883 C  C4  . MPD C .  ? 0.4357 0.5124 0.3828 -0.0429 0.0078  -0.0228 102 MPD A C4  
884 O  O4  . MPD C .  ? 0.4639 0.5210 0.3742 -0.0999 -0.0055 -0.0176 102 MPD A O4  
885 C  C5  . MPD C .  ? 0.4363 0.5506 0.3846 -0.0392 0.0173  -0.0128 102 MPD A C5  
900 N  N1  . IMD D .  ? 0.3027 0.3501 0.3403 -0.0484 0.1351  0.0068  103 IMD A N1  
901 C  C2  . IMD D .  ? 0.3109 0.3579 0.3499 -0.0593 0.1133  0.0432  103 IMD A C2  
902 N  N3  . IMD D .  ? 0.3226 0.3545 0.3468 -0.0837 0.0945  0.0438  103 IMD A N3  
903 C  C4  . IMD D .  ? 0.3053 0.3151 0.3443 -0.0558 0.0993  0.0291  103 IMD A C4  
904 C  C5  . IMD D .  ? 0.2950 0.2916 0.3440 -0.0504 0.1139  0.0277  103 IMD A C5  
# 
